data_1PO8
# 
_entry.id   1PO8 
# 
_audit_conform.dict_name       mmcif_pdbx.dic 
_audit_conform.dict_version    5.398 
_audit_conform.dict_location   http://mmcif.pdb.org/dictionaries/ascii/mmcif_pdbx.dic 
# 
loop_
_database_2.database_id 
_database_2.database_code 
_database_2.pdbx_database_accession 
_database_2.pdbx_DOI 
PDB   1PO8         pdb_00001po8 10.2210/pdb1po8/pdb 
RCSB  RCSB019462   ?            ?                   
WWPDB D_1000019462 ?            ?                   
# 
loop_
_pdbx_audit_revision_history.ordinal 
_pdbx_audit_revision_history.data_content_type 
_pdbx_audit_revision_history.major_revision 
_pdbx_audit_revision_history.minor_revision 
_pdbx_audit_revision_history.revision_date 
1 'Structure model' 1 0 2004-05-04 
2 'Structure model' 1 1 2008-04-29 
3 'Structure model' 1 2 2011-07-13 
4 'Structure model' 1 3 2024-11-06 
# 
_pdbx_audit_revision_details.ordinal             1 
_pdbx_audit_revision_details.revision_ordinal    1 
_pdbx_audit_revision_details.data_content_type   'Structure model' 
_pdbx_audit_revision_details.provider            repository 
_pdbx_audit_revision_details.type                'Initial release' 
_pdbx_audit_revision_details.description         ? 
_pdbx_audit_revision_details.details             ? 
# 
loop_
_pdbx_audit_revision_group.ordinal 
_pdbx_audit_revision_group.revision_ordinal 
_pdbx_audit_revision_group.data_content_type 
_pdbx_audit_revision_group.group 
1 2 'Structure model' 'Version format compliance' 
2 3 'Structure model' 'Version format compliance' 
3 4 'Structure model' 'Data collection'           
4 4 'Structure model' 'Database references'       
5 4 'Structure model' 'Derived calculations'      
6 4 'Structure model' 'Structure summary'         
# 
loop_
_pdbx_audit_revision_category.ordinal 
_pdbx_audit_revision_category.revision_ordinal 
_pdbx_audit_revision_category.data_content_type 
_pdbx_audit_revision_category.category 
1 4 'Structure model' chem_comp_atom            
2 4 'Structure model' chem_comp_bond            
3 4 'Structure model' database_2                
4 4 'Structure model' pdbx_entry_details        
5 4 'Structure model' pdbx_modification_feature 
6 4 'Structure model' pdbx_struct_conn_angle    
7 4 'Structure model' struct_conn               
8 4 'Structure model' struct_site               
# 
loop_
_pdbx_audit_revision_item.ordinal 
_pdbx_audit_revision_item.revision_ordinal 
_pdbx_audit_revision_item.data_content_type 
_pdbx_audit_revision_item.item 
1  4 'Structure model' '_database_2.pdbx_DOI'                        
2  4 'Structure model' '_database_2.pdbx_database_accession'         
3  4 'Structure model' '_pdbx_struct_conn_angle.ptnr1_auth_comp_id'  
4  4 'Structure model' '_pdbx_struct_conn_angle.ptnr1_auth_seq_id'   
5  4 'Structure model' '_pdbx_struct_conn_angle.ptnr1_label_atom_id' 
6  4 'Structure model' '_pdbx_struct_conn_angle.ptnr1_label_comp_id' 
7  4 'Structure model' '_pdbx_struct_conn_angle.ptnr1_label_seq_id'  
8  4 'Structure model' '_pdbx_struct_conn_angle.ptnr3_auth_comp_id'  
9  4 'Structure model' '_pdbx_struct_conn_angle.ptnr3_auth_seq_id'   
10 4 'Structure model' '_pdbx_struct_conn_angle.ptnr3_label_atom_id' 
11 4 'Structure model' '_pdbx_struct_conn_angle.ptnr3_label_comp_id' 
12 4 'Structure model' '_pdbx_struct_conn_angle.ptnr3_label_seq_id'  
13 4 'Structure model' '_pdbx_struct_conn_angle.value'               
14 4 'Structure model' '_struct_conn.pdbx_dist_value'                
15 4 'Structure model' '_struct_conn.ptnr1_auth_comp_id'             
16 4 'Structure model' '_struct_conn.ptnr1_auth_seq_id'              
17 4 'Structure model' '_struct_conn.ptnr1_label_asym_id'            
18 4 'Structure model' '_struct_conn.ptnr1_label_atom_id'            
19 4 'Structure model' '_struct_conn.ptnr1_label_comp_id'            
20 4 'Structure model' '_struct_conn.ptnr1_label_seq_id'             
21 4 'Structure model' '_struct_conn.ptnr2_auth_comp_id'             
22 4 'Structure model' '_struct_conn.ptnr2_auth_seq_id'              
23 4 'Structure model' '_struct_conn.ptnr2_label_asym_id'            
24 4 'Structure model' '_struct_conn.ptnr2_label_atom_id'            
25 4 'Structure model' '_struct_conn.ptnr2_label_comp_id'            
26 4 'Structure model' '_struct_conn.ptnr2_label_seq_id'             
27 4 'Structure model' '_struct_site.pdbx_auth_asym_id'              
28 4 'Structure model' '_struct_site.pdbx_auth_comp_id'              
29 4 'Structure model' '_struct_site.pdbx_auth_seq_id'               
# 
_pdbx_database_status.status_code                     REL 
_pdbx_database_status.entry_id                        1PO8 
_pdbx_database_status.recvd_initial_deposition_date   2003-06-14 
_pdbx_database_status.deposit_site                    RCSB 
_pdbx_database_status.process_site                    RCSB 
_pdbx_database_status.SG_entry                        . 
_pdbx_database_status.pdb_format_compatible           Y 
_pdbx_database_status.status_code_mr                  ? 
_pdbx_database_status.status_code_sf                  ? 
_pdbx_database_status.status_code_cs                  ? 
_pdbx_database_status.status_code_nmr_data            ? 
_pdbx_database_status.methods_development_category    ? 
# 
_pdbx_database_related.db_name        PDB 
_pdbx_database_related.db_id          1FE5 
_pdbx_database_related.details        
;Sequence and Crystal Structure Of A Basic Phospholipase A2 From Common Krait (Bungarus Caeruleus) At 2.4 Resolution: Identification and Characterization Of Its Pharmacological Sites.
;
_pdbx_database_related.content_type   unspecified 
# 
loop_
_audit_author.name 
_audit_author.pdbx_ordinal 
'Singh, G.'      1 
'Jayasankar, J.' 2 
'Sharma, S.'     3 
'Kaur, P.'       4 
'Singh, T.P.'    5 
# 
_citation.id                        primary 
_citation.title                     
'Crystal structure of a complex formed between krait venom phospholipase A2 and heptanoic acid at 2.7 A resolution.' 
_citation.journal_abbrev            'To be Published' 
_citation.journal_volume            ? 
_citation.page_first                ? 
_citation.page_last                 ? 
_citation.year                      ? 
_citation.journal_id_ASTM           ? 
_citation.country                   ? 
_citation.journal_id_ISSN           ? 
_citation.journal_id_CSD            0353 
_citation.book_publisher            ? 
_citation.pdbx_database_id_PubMed   ? 
_citation.pdbx_database_id_DOI      ? 
# 
loop_
_citation_author.citation_id 
_citation_author.name 
_citation_author.ordinal 
_citation_author.identifier_ORCID 
primary 'Singh, G.'      1 ? 
primary 'Jayasankar, J.' 2 ? 
primary 'Sharma, S.'     3 ? 
primary 'Kaur, P.'       4 ? 
primary 'Singh, T.P.'    5 ? 
# 
loop_
_entity.id 
_entity.type 
_entity.src_method 
_entity.pdbx_description 
_entity.formula_weight 
_entity.pdbx_number_of_molecules 
_entity.pdbx_ec 
_entity.pdbx_mutation 
_entity.pdbx_fragment 
_entity.details 
1 polymer     nat 'Phospholipase A2' 13213.789 1  3.1.1.4 ? 'Phospholipase A2' ? 
2 non-polymer syn 'SODIUM ION'       22.990    1  ?       ? ?                  ? 
3 non-polymer syn 'HEPTANOIC ACID'   130.185   1  ?       ? ?                  ? 
4 water       nat water              18.015    61 ?       ? ?                  ? 
# 
_entity_poly.entity_id                      1 
_entity_poly.type                           'polypeptide(L)' 
_entity_poly.nstd_linkage                   no 
_entity_poly.nstd_monomer                   no 
_entity_poly.pdbx_seq_one_letter_code       
;NLYQLMNMIQCANTRTWPSYTNYGCYCGKGGSGTPVDDLDRCCYTHDHCYNDAKNIDGCNPVTKTYSYTCTEPTITCNDS
KDKCARFVCDCDRTAAICFAKAPYNTSNVMIRSTNSCQ
;
_entity_poly.pdbx_seq_one_letter_code_can   
;NLYQLMNMIQCANTRTWPSYTNYGCYCGKGGSGTPVDDLDRCCYTHDHCYNDAKNIDGCNPVTKTYSYTCTEPTITCNDS
KDKCARFVCDCDRTAAICFAKAPYNTSNVMIRSTNSCQ
;
_entity_poly.pdbx_strand_id                 A 
_entity_poly.pdbx_target_identifier         ? 
# 
loop_
_pdbx_entity_nonpoly.entity_id 
_pdbx_entity_nonpoly.name 
_pdbx_entity_nonpoly.comp_id 
2 'SODIUM ION'     NA  
3 'HEPTANOIC ACID' SHV 
4 water            HOH 
# 
loop_
_entity_poly_seq.entity_id 
_entity_poly_seq.num 
_entity_poly_seq.mon_id 
_entity_poly_seq.hetero 
1 1   ASN n 
1 2   LEU n 
1 3   TYR n 
1 4   GLN n 
1 5   LEU n 
1 6   MET n 
1 7   ASN n 
1 8   MET n 
1 9   ILE n 
1 10  GLN n 
1 11  CYS n 
1 12  ALA n 
1 13  ASN n 
1 14  THR n 
1 15  ARG n 
1 16  THR n 
1 17  TRP n 
1 18  PRO n 
1 19  SER n 
1 20  TYR n 
1 21  THR n 
1 22  ASN n 
1 23  TYR n 
1 24  GLY n 
1 25  CYS n 
1 26  TYR n 
1 27  CYS n 
1 28  GLY n 
1 29  LYS n 
1 30  GLY n 
1 31  GLY n 
1 32  SER n 
1 33  GLY n 
1 34  THR n 
1 35  PRO n 
1 36  VAL n 
1 37  ASP n 
1 38  ASP n 
1 39  LEU n 
1 40  ASP n 
1 41  ARG n 
1 42  CYS n 
1 43  CYS n 
1 44  TYR n 
1 45  THR n 
1 46  HIS n 
1 47  ASP n 
1 48  HIS n 
1 49  CYS n 
1 50  TYR n 
1 51  ASN n 
1 52  ASP n 
1 53  ALA n 
1 54  LYS n 
1 55  ASN n 
1 56  ILE n 
1 57  ASP n 
1 58  GLY n 
1 59  CYS n 
1 60  ASN n 
1 61  PRO n 
1 62  VAL n 
1 63  THR n 
1 64  LYS n 
1 65  THR n 
1 66  TYR n 
1 67  SER n 
1 68  TYR n 
1 69  THR n 
1 70  CYS n 
1 71  THR n 
1 72  GLU n 
1 73  PRO n 
1 74  THR n 
1 75  ILE n 
1 76  THR n 
1 77  CYS n 
1 78  ASN n 
1 79  ASP n 
1 80  SER n 
1 81  LYS n 
1 82  ASP n 
1 83  LYS n 
1 84  CYS n 
1 85  ALA n 
1 86  ARG n 
1 87  PHE n 
1 88  VAL n 
1 89  CYS n 
1 90  ASP n 
1 91  CYS n 
1 92  ASP n 
1 93  ARG n 
1 94  THR n 
1 95  ALA n 
1 96  ALA n 
1 97  ILE n 
1 98  CYS n 
1 99  PHE n 
1 100 ALA n 
1 101 LYS n 
1 102 ALA n 
1 103 PRO n 
1 104 TYR n 
1 105 ASN n 
1 106 THR n 
1 107 SER n 
1 108 ASN n 
1 109 VAL n 
1 110 MET n 
1 111 ILE n 
1 112 ARG n 
1 113 SER n 
1 114 THR n 
1 115 ASN n 
1 116 SER n 
1 117 CYS n 
1 118 GLN n 
# 
_entity_src_nat.entity_id                  1 
_entity_src_nat.pdbx_src_id                1 
_entity_src_nat.pdbx_alt_source_flag       sample 
_entity_src_nat.pdbx_beg_seq_num           ? 
_entity_src_nat.pdbx_end_seq_num           ? 
_entity_src_nat.common_name                ? 
_entity_src_nat.pdbx_organism_scientific   'Bungarus caeruleus' 
_entity_src_nat.pdbx_ncbi_taxonomy_id      132961 
_entity_src_nat.genus                      Bungarus 
_entity_src_nat.species                    ? 
_entity_src_nat.strain                     ? 
_entity_src_nat.tissue                     ? 
_entity_src_nat.tissue_fraction            ? 
_entity_src_nat.pdbx_secretion             ? 
_entity_src_nat.pdbx_fragment              ? 
_entity_src_nat.pdbx_variant               ? 
_entity_src_nat.pdbx_cell_line             ? 
_entity_src_nat.pdbx_atcc                  ? 
_entity_src_nat.pdbx_cellular_location     ? 
_entity_src_nat.pdbx_organ                 ? 
_entity_src_nat.pdbx_organelle             ? 
_entity_src_nat.pdbx_cell                  ? 
_entity_src_nat.pdbx_plasmid_name          ? 
_entity_src_nat.pdbx_plasmid_details       ? 
_entity_src_nat.details                    'Venom protein' 
# 
loop_
_chem_comp.id 
_chem_comp.type 
_chem_comp.mon_nstd_flag 
_chem_comp.name 
_chem_comp.pdbx_synonyms 
_chem_comp.formula 
_chem_comp.formula_weight 
ALA 'L-peptide linking' y ALANINE          ? 'C3 H7 N O2'     89.093  
ARG 'L-peptide linking' y ARGININE         ? 'C6 H15 N4 O2 1' 175.209 
ASN 'L-peptide linking' y ASPARAGINE       ? 'C4 H8 N2 O3'    132.118 
ASP 'L-peptide linking' y 'ASPARTIC ACID'  ? 'C4 H7 N O4'     133.103 
CYS 'L-peptide linking' y CYSTEINE         ? 'C3 H7 N O2 S'   121.158 
GLN 'L-peptide linking' y GLUTAMINE        ? 'C5 H10 N2 O3'   146.144 
GLU 'L-peptide linking' y 'GLUTAMIC ACID'  ? 'C5 H9 N O4'     147.129 
GLY 'peptide linking'   y GLYCINE          ? 'C2 H5 N O2'     75.067  
HIS 'L-peptide linking' y HISTIDINE        ? 'C6 H10 N3 O2 1' 156.162 
HOH non-polymer         . WATER            ? 'H2 O'           18.015  
ILE 'L-peptide linking' y ISOLEUCINE       ? 'C6 H13 N O2'    131.173 
LEU 'L-peptide linking' y LEUCINE          ? 'C6 H13 N O2'    131.173 
LYS 'L-peptide linking' y LYSINE           ? 'C6 H15 N2 O2 1' 147.195 
MET 'L-peptide linking' y METHIONINE       ? 'C5 H11 N O2 S'  149.211 
NA  non-polymer         . 'SODIUM ION'     ? 'Na 1'           22.990  
PHE 'L-peptide linking' y PHENYLALANINE    ? 'C9 H11 N O2'    165.189 
PRO 'L-peptide linking' y PROLINE          ? 'C5 H9 N O2'     115.130 
SER 'L-peptide linking' y SERINE           ? 'C3 H7 N O3'     105.093 
SHV non-polymer         . 'HEPTANOIC ACID' ? 'C7 H14 O2'      130.185 
THR 'L-peptide linking' y THREONINE        ? 'C4 H9 N O3'     119.119 
TRP 'L-peptide linking' y TRYPTOPHAN       ? 'C11 H12 N2 O2'  204.225 
TYR 'L-peptide linking' y TYROSINE         ? 'C9 H11 N O3'    181.189 
VAL 'L-peptide linking' y VALINE           ? 'C5 H11 N O2'    117.146 
# 
loop_
_pdbx_poly_seq_scheme.asym_id 
_pdbx_poly_seq_scheme.entity_id 
_pdbx_poly_seq_scheme.seq_id 
_pdbx_poly_seq_scheme.mon_id 
_pdbx_poly_seq_scheme.ndb_seq_num 
_pdbx_poly_seq_scheme.pdb_seq_num 
_pdbx_poly_seq_scheme.auth_seq_num 
_pdbx_poly_seq_scheme.pdb_mon_id 
_pdbx_poly_seq_scheme.auth_mon_id 
_pdbx_poly_seq_scheme.pdb_strand_id 
_pdbx_poly_seq_scheme.pdb_ins_code 
_pdbx_poly_seq_scheme.hetero 
A 1 1   ASN 1   1   1   ASN ASN A . n 
A 1 2   LEU 2   2   2   LEU LEU A . n 
A 1 3   TYR 3   3   3   TYR TYR A . n 
A 1 4   GLN 4   4   4   GLN GLN A . n 
A 1 5   LEU 5   5   5   LEU LEU A . n 
A 1 6   MET 6   6   6   MET MET A . n 
A 1 7   ASN 7   7   7   ASN ASN A . n 
A 1 8   MET 8   8   8   MET MET A . n 
A 1 9   ILE 9   9   9   ILE ILE A . n 
A 1 10  GLN 10  10  10  GLN GLN A . n 
A 1 11  CYS 11  11  11  CYS CYS A . n 
A 1 12  ALA 12  12  12  ALA ALA A . n 
A 1 13  ASN 13  13  13  ASN ASN A . n 
A 1 14  THR 14  14  14  THR THR A . n 
A 1 15  ARG 15  17  17  ARG ARG A . n 
A 1 16  THR 16  18  18  THR THR A . n 
A 1 17  TRP 17  19  19  TRP TRP A . n 
A 1 18  PRO 18  20  20  PRO PRO A . n 
A 1 19  SER 19  21  21  SER SER A . n 
A 1 20  TYR 20  22  22  TYR TYR A . n 
A 1 21  THR 21  23  23  THR THR A . n 
A 1 22  ASN 22  24  24  ASN ASN A . n 
A 1 23  TYR 23  25  25  TYR TYR A . n 
A 1 24  GLY 24  26  26  GLY GLY A . n 
A 1 25  CYS 25  27  27  CYS CYS A . n 
A 1 26  TYR 26  28  28  TYR TYR A . n 
A 1 27  CYS 27  29  29  CYS CYS A . n 
A 1 28  GLY 28  30  30  GLY GLY A . n 
A 1 29  LYS 29  31  31  LYS LYS A . n 
A 1 30  GLY 30  32  32  GLY GLY A . n 
A 1 31  GLY 31  33  33  GLY GLY A . n 
A 1 32  SER 32  34  34  SER SER A . n 
A 1 33  GLY 33  35  35  GLY GLY A . n 
A 1 34  THR 34  36  36  THR THR A . n 
A 1 35  PRO 35  37  37  PRO PRO A . n 
A 1 36  VAL 36  38  38  VAL VAL A . n 
A 1 37  ASP 37  39  39  ASP ASP A . n 
A 1 38  ASP 38  40  40  ASP ASP A . n 
A 1 39  LEU 39  41  41  LEU LEU A . n 
A 1 40  ASP 40  42  42  ASP ASP A . n 
A 1 41  ARG 41  43  43  ARG ARG A . n 
A 1 42  CYS 42  44  44  CYS CYS A . n 
A 1 43  CYS 43  45  45  CYS CYS A . n 
A 1 44  TYR 44  46  46  TYR TYR A . n 
A 1 45  THR 45  47  47  THR THR A . n 
A 1 46  HIS 46  48  48  HIS HIS A . n 
A 1 47  ASP 47  49  49  ASP ASP A . n 
A 1 48  HIS 48  50  50  HIS HIS A . n 
A 1 49  CYS 49  51  51  CYS CYS A . n 
A 1 50  TYR 50  52  52  TYR TYR A . n 
A 1 51  ASN 51  53  53  ASN ASN A . n 
A 1 52  ASP 52  54  54  ASP ASP A . n 
A 1 53  ALA 53  55  55  ALA ALA A . n 
A 1 54  LYS 54  56  56  LYS LYS A . n 
A 1 55  ASN 55  57  57  ASN ASN A . n 
A 1 56  ILE 56  58  58  ILE ILE A . n 
A 1 57  ASP 57  59  59  ASP ASP A . n 
A 1 58  GLY 58  60  60  GLY GLY A . n 
A 1 59  CYS 59  61  61  CYS CYS A . n 
A 1 60  ASN 60  62  62  ASN ASN A . n 
A 1 61  PRO 61  63  63  PRO PRO A . n 
A 1 62  VAL 62  64  64  VAL VAL A . n 
A 1 63  THR 63  65  65  THR THR A . n 
A 1 64  LYS 64  66  66  LYS LYS A . n 
A 1 65  THR 65  67  67  THR THR A . n 
A 1 66  TYR 66  68  68  TYR TYR A . n 
A 1 67  SER 67  69  69  SER SER A . n 
A 1 68  TYR 68  70  70  TYR TYR A . n 
A 1 69  THR 69  71  71  THR THR A . n 
A 1 70  CYS 70  72  72  CYS CYS A . n 
A 1 71  THR 71  73  73  THR THR A . n 
A 1 72  GLU 72  74  74  GLU GLU A . n 
A 1 73  PRO 73  75  75  PRO PRO A . n 
A 1 74  THR 74  76  76  THR THR A . n 
A 1 75  ILE 75  77  77  ILE ILE A . n 
A 1 76  THR 76  78  78  THR THR A . n 
A 1 77  CYS 77  79  79  CYS CYS A . n 
A 1 78  ASN 78  80  80  ASN ASN A . n 
A 1 79  ASP 79  81  81  ASP ASP A . n 
A 1 80  SER 80  82  82  SER SER A . n 
A 1 81  LYS 81  83  83  LYS LYS A . n 
A 1 82  ASP 82  84  84  ASP ASP A . n 
A 1 83  LYS 83  85  85  LYS LYS A . n 
A 1 84  CYS 84  86  86  CYS CYS A . n 
A 1 85  ALA 85  87  87  ALA ALA A . n 
A 1 86  ARG 86  88  88  ARG ARG A . n 
A 1 87  PHE 87  89  89  PHE PHE A . n 
A 1 88  VAL 88  90  90  VAL VAL A . n 
A 1 89  CYS 89  91  91  CYS CYS A . n 
A 1 90  ASP 90  92  92  ASP ASP A . n 
A 1 91  CYS 91  93  93  CYS CYS A . n 
A 1 92  ASP 92  94  94  ASP ASP A . n 
A 1 93  ARG 93  95  95  ARG ARG A . n 
A 1 94  THR 94  96  96  THR THR A . n 
A 1 95  ALA 95  97  97  ALA ALA A . n 
A 1 96  ALA 96  98  98  ALA ALA A . n 
A 1 97  ILE 97  99  99  ILE ILE A . n 
A 1 98  CYS 98  100 100 CYS CYS A . n 
A 1 99  PHE 99  101 101 PHE PHE A . n 
A 1 100 ALA 100 102 102 ALA ALA A . n 
A 1 101 LYS 101 103 103 LYS LYS A . n 
A 1 102 ALA 102 104 104 ALA ALA A . n 
A 1 103 PRO 103 105 105 PRO PRO A . n 
A 1 104 TYR 104 106 106 TYR TYR A . n 
A 1 105 ASN 105 107 107 ASN ASN A . n 
A 1 106 THR 106 108 108 THR THR A . n 
A 1 107 SER 107 109 109 SER SER A . n 
A 1 108 ASN 108 110 110 ASN ASN A . n 
A 1 109 VAL 109 111 111 VAL VAL A . n 
A 1 110 MET 110 112 112 MET MET A . n 
A 1 111 ILE 111 113 113 ILE ILE A . n 
A 1 112 ARG 112 114 114 ARG ARG A . n 
A 1 113 SER 113 115 115 SER SER A . n 
A 1 114 THR 114 116 116 THR THR A . n 
A 1 115 ASN 115 117 117 ASN ASN A . n 
A 1 116 SER 116 118 118 SER SER A . n 
A 1 117 CYS 117 119 119 CYS CYS A . n 
A 1 118 GLN 118 120 120 GLN GLN A . n 
# 
loop_
_pdbx_nonpoly_scheme.asym_id 
_pdbx_nonpoly_scheme.entity_id 
_pdbx_nonpoly_scheme.mon_id 
_pdbx_nonpoly_scheme.ndb_seq_num 
_pdbx_nonpoly_scheme.pdb_seq_num 
_pdbx_nonpoly_scheme.auth_seq_num 
_pdbx_nonpoly_scheme.pdb_mon_id 
_pdbx_nonpoly_scheme.auth_mon_id 
_pdbx_nonpoly_scheme.pdb_strand_id 
_pdbx_nonpoly_scheme.pdb_ins_code 
B 2 NA  1  121 68 NA  NA  A . 
C 3 SHV 1  122 69 SHV SHV A . 
D 4 HOH 1  123 1  HOH HOH A . 
D 4 HOH 2  124 2  HOH HOH A . 
D 4 HOH 3  125 3  HOH HOH A . 
D 4 HOH 4  126 4  HOH HOH A . 
D 4 HOH 5  127 5  HOH HOH A . 
D 4 HOH 6  128 6  HOH HOH A . 
D 4 HOH 7  129 7  HOH HOH A . 
D 4 HOH 8  130 8  HOH HOH A . 
D 4 HOH 9  131 9  HOH HOH A . 
D 4 HOH 10 132 10 HOH HOH A . 
D 4 HOH 11 133 11 HOH HOH A . 
D 4 HOH 12 134 13 HOH HOH A . 
D 4 HOH 13 135 14 HOH HOH A . 
D 4 HOH 14 136 15 HOH HOH A . 
D 4 HOH 15 137 17 HOH HOH A . 
D 4 HOH 16 138 18 HOH HOH A . 
D 4 HOH 17 139 19 HOH HOH A . 
D 4 HOH 18 140 20 HOH HOH A . 
D 4 HOH 19 141 21 HOH HOH A . 
D 4 HOH 20 142 22 HOH HOH A . 
D 4 HOH 21 143 23 HOH HOH A . 
D 4 HOH 22 144 24 HOH HOH A . 
D 4 HOH 23 145 25 HOH HOH A . 
D 4 HOH 24 146 27 HOH HOH A . 
D 4 HOH 25 147 28 HOH HOH A . 
D 4 HOH 26 148 29 HOH HOH A . 
D 4 HOH 27 149 30 HOH HOH A . 
D 4 HOH 28 150 31 HOH HOH A . 
D 4 HOH 29 151 32 HOH HOH A . 
D 4 HOH 30 152 33 HOH HOH A . 
D 4 HOH 31 153 34 HOH HOH A . 
D 4 HOH 32 154 35 HOH HOH A . 
D 4 HOH 33 155 36 HOH HOH A . 
D 4 HOH 34 156 37 HOH HOH A . 
D 4 HOH 35 157 39 HOH HOH A . 
D 4 HOH 36 158 40 HOH HOH A . 
D 4 HOH 37 159 41 HOH HOH A . 
D 4 HOH 38 160 42 HOH HOH A . 
D 4 HOH 39 161 43 HOH HOH A . 
D 4 HOH 40 162 44 HOH HOH A . 
D 4 HOH 41 163 46 HOH HOH A . 
D 4 HOH 42 164 47 HOH HOH A . 
D 4 HOH 43 165 48 HOH HOH A . 
D 4 HOH 44 166 49 HOH HOH A . 
D 4 HOH 45 167 50 HOH HOH A . 
D 4 HOH 46 168 51 HOH HOH A . 
D 4 HOH 47 169 52 HOH HOH A . 
D 4 HOH 48 170 53 HOH HOH A . 
D 4 HOH 49 171 55 HOH HOH A . 
D 4 HOH 50 172 56 HOH HOH A . 
D 4 HOH 51 173 57 HOH HOH A . 
D 4 HOH 52 174 58 HOH HOH A . 
D 4 HOH 53 175 59 HOH HOH A . 
D 4 HOH 54 176 60 HOH HOH A . 
D 4 HOH 55 177 61 HOH HOH A . 
D 4 HOH 56 178 62 HOH HOH A . 
D 4 HOH 57 179 63 HOH HOH A . 
D 4 HOH 58 180 64 HOH HOH A . 
D 4 HOH 59 181 65 HOH HOH A . 
D 4 HOH 60 182 66 HOH HOH A . 
D 4 HOH 61 183 67 HOH HOH A . 
# 
loop_
_software.name 
_software.classification 
_software.version 
_software.citation_id 
_software.pdbx_ordinal 
CNS       refinement       1.1 ? 1 
DENZO     'data reduction' .   ? 2 
SCALEPACK 'data scaling'   .   ? 3 
AMoRE     phasing          .   ? 4 
# 
_cell.entry_id           1PO8 
_cell.length_a           53.790 
_cell.length_b           53.790 
_cell.length_c           82.500 
_cell.angle_alpha        90.00 
_cell.angle_beta         90.00 
_cell.angle_gamma        90.00 
_cell.Z_PDB              8 
_cell.pdbx_unique_axis   ? 
# 
_symmetry.entry_id                         1PO8 
_symmetry.space_group_name_H-M             'P 41 21 2' 
_symmetry.pdbx_full_space_group_name_H-M   ? 
_symmetry.cell_setting                     ? 
_symmetry.Int_Tables_number                92 
# 
_exptl.entry_id          1PO8 
_exptl.method            'X-RAY DIFFRACTION' 
_exptl.crystals_number   1 
# 
_exptl_crystal.id                    1 
_exptl_crystal.density_meas          ? 
_exptl_crystal.density_Matthews      2.26 
_exptl_crystal.density_percent_sol   45.51 
_exptl_crystal.description           ? 
# 
_exptl_crystal_grow.crystal_id      1 
_exptl_crystal_grow.method          'VAPOR DIFFUSION, SITTING DROP' 
_exptl_crystal_grow.temp            298 
_exptl_crystal_grow.temp_details    ? 
_exptl_crystal_grow.pH              8.5 
_exptl_crystal_grow.pdbx_details    '0.05 M Tris-HCL, 2.4 M NaCl, pH 8.5, VAPOR DIFFUSION, SITTING DROP, temperature 298K' 
_exptl_crystal_grow.pdbx_pH_range   . 
# 
_diffrn.id                     1 
_diffrn.ambient_temp           298 
_diffrn.ambient_temp_details   ? 
_diffrn.crystal_id             1 
# 
_diffrn_detector.diffrn_id              1 
_diffrn_detector.detector               'IMAGE PLATE' 
_diffrn_detector.type                   MARRESEARCH 
_diffrn_detector.pdbx_collection_date   2003-04-03 
_diffrn_detector.details                mirrors 
# 
_diffrn_radiation.diffrn_id                        1 
_diffrn_radiation.wavelength_id                    1 
_diffrn_radiation.pdbx_monochromatic_or_laue_m_l   M 
_diffrn_radiation.monochromator                    'osmic mirrors' 
_diffrn_radiation.pdbx_diffrn_protocol             'SINGLE WAVELENGTH' 
_diffrn_radiation.pdbx_scattering_type             x-ray 
# 
_diffrn_radiation_wavelength.id           1 
_diffrn_radiation_wavelength.wavelength   1.5418 
_diffrn_radiation_wavelength.wt           1.0 
# 
_diffrn_source.diffrn_id                   1 
_diffrn_source.source                      'ROTATING ANODE' 
_diffrn_source.type                        'RIGAKU RU300' 
_diffrn_source.pdbx_synchrotron_site       ? 
_diffrn_source.pdbx_synchrotron_beamline   ? 
_diffrn_source.pdbx_wavelength             ? 
_diffrn_source.pdbx_wavelength_list        1.5418 
# 
_reflns.entry_id                     1PO8 
_reflns.observed_criterion_sigma_I   -3 
_reflns.observed_criterion_sigma_F   -3 
_reflns.d_resolution_low             20.00 
_reflns.d_resolution_high            2.70 
_reflns.number_obs                   3380 
_reflns.number_all                   3380 
_reflns.percent_possible_obs         90.1 
_reflns.pdbx_Rmerge_I_obs            0.17 
_reflns.pdbx_Rsym_value              0.17 
_reflns.pdbx_netI_over_sigmaI        5.0 
_reflns.B_iso_Wilson_estimate        38.8 
_reflns.pdbx_redundancy              2.34 
_reflns.R_free_details               ? 
_reflns.limit_h_max                  ? 
_reflns.limit_h_min                  ? 
_reflns.limit_k_max                  ? 
_reflns.limit_k_min                  ? 
_reflns.limit_l_max                  ? 
_reflns.limit_l_min                  ? 
_reflns.observed_criterion_F_max     ? 
_reflns.observed_criterion_F_min     ? 
_reflns.pdbx_diffrn_id               1 
_reflns.pdbx_ordinal                 1 
# 
_reflns_shell.d_res_high             2.70 
_reflns_shell.d_res_low              2.8 
_reflns_shell.percent_possible_all   90.3 
_reflns_shell.Rmerge_I_obs           0.403 
_reflns_shell.pdbx_Rsym_value        0.403 
_reflns_shell.meanI_over_sigI_obs    1.2 
_reflns_shell.pdbx_redundancy        2.34 
_reflns_shell.percent_possible_obs   ? 
_reflns_shell.number_unique_all      568 
_reflns_shell.pdbx_diffrn_id         ? 
_reflns_shell.pdbx_ordinal           1 
# 
_refine.entry_id                                 1PO8 
_refine.ls_number_reflns_obs                     3380 
_refine.ls_number_reflns_all                     ? 
_refine.pdbx_ls_sigma_I                          ? 
_refine.pdbx_ls_sigma_F                          0.0 
_refine.pdbx_data_cutoff_high_absF               1786405.83 
_refine.pdbx_data_cutoff_low_absF                0.000000 
_refine.pdbx_data_cutoff_high_rms_absF           ? 
_refine.ls_d_res_low                             19.26 
_refine.ls_d_res_high                            2.71 
_refine.ls_percent_reflns_obs                    93.9 
_refine.ls_R_factor_obs                          0.20685 
_refine.ls_R_factor_all                          ? 
_refine.ls_R_factor_R_work                       0.20685 
_refine.ls_R_factor_R_free                       0.23878 
_refine.ls_R_factor_R_free_error                 0.023 
_refine.ls_R_factor_R_free_error_details         ? 
_refine.ls_percent_reflns_R_free                 5.3 
_refine.ls_number_reflns_R_free                  180 
_refine.ls_number_parameters                     ? 
_refine.ls_number_restraints                     ? 
_refine.occupancy_min                            ? 
_refine.occupancy_max                            ? 
_refine.correlation_coeff_Fo_to_Fc               ? 
_refine.correlation_coeff_Fo_to_Fc_free          ? 
_refine.B_iso_mean                               35.0 
_refine.aniso_B[1][1]                            1.89 
_refine.aniso_B[2][2]                            1.89 
_refine.aniso_B[3][3]                            -3.78 
_refine.aniso_B[1][2]                            0.00 
_refine.aniso_B[1][3]                            0.00 
_refine.aniso_B[2][3]                            0.00 
_refine.solvent_model_details                    'FLAT MODEL' 
_refine.solvent_model_param_ksol                 0.330994 
_refine.solvent_model_param_bsol                 54.0772 
_refine.pdbx_solvent_vdw_probe_radii             ? 
_refine.pdbx_solvent_ion_probe_radii             ? 
_refine.pdbx_solvent_shrinkage_radii             ? 
_refine.pdbx_ls_cross_valid_method               THROUGHOUT 
_refine.details                                  ? 
_refine.pdbx_starting_model                      ? 
_refine.pdbx_method_to_determine_struct          ? 
_refine.pdbx_isotropic_thermal_model             RESTRAINED 
_refine.pdbx_stereochemistry_target_values       ? 
_refine.pdbx_stereochem_target_val_spec_case     ? 
_refine.pdbx_R_Free_selection_details            RANDOM 
_refine.pdbx_overall_ESU_R                       ? 
_refine.pdbx_overall_ESU_R_Free                  ? 
_refine.overall_SU_ML                            ? 
_refine.overall_SU_B                             ? 
_refine.ls_redundancy_reflns_obs                 ? 
_refine.B_iso_min                                ? 
_refine.B_iso_max                                ? 
_refine.overall_SU_R_Cruickshank_DPI             ? 
_refine.overall_SU_R_free                        ? 
_refine.pdbx_refine_id                           'X-RAY DIFFRACTION' 
_refine.pdbx_diffrn_id                           1 
_refine.pdbx_TLS_residual_ADP_flag               ? 
_refine.pdbx_overall_phase_error                 ? 
_refine.pdbx_overall_SU_R_free_Cruickshank_DPI   ? 
_refine.pdbx_overall_SU_R_Blow_DPI               ? 
_refine.pdbx_overall_SU_R_free_Blow_DPI          ? 
# 
_refine_analyze.entry_id                        1PO8 
_refine_analyze.Luzzati_coordinate_error_obs    0.32 
_refine_analyze.Luzzati_sigma_a_obs             0.44 
_refine_analyze.Luzzati_d_res_low_obs           5.00 
_refine_analyze.Luzzati_coordinate_error_free   0.47 
_refine_analyze.Luzzati_sigma_a_free            0.73 
_refine_analyze.Luzzati_d_res_low_free          ? 
_refine_analyze.number_disordered_residues      ? 
_refine_analyze.occupancy_sum_hydrogen          ? 
_refine_analyze.occupancy_sum_non_hydrogen      ? 
_refine_analyze.pdbx_Luzzati_d_res_high_obs     ? 
_refine_analyze.pdbx_refine_id                  'X-RAY DIFFRACTION' 
# 
_refine_hist.pdbx_refine_id                   'X-RAY DIFFRACTION' 
_refine_hist.cycle_id                         LAST 
_refine_hist.pdbx_number_atoms_protein        912 
_refine_hist.pdbx_number_atoms_nucleic_acid   0 
_refine_hist.pdbx_number_atoms_ligand         10 
_refine_hist.number_atoms_solvent             61 
_refine_hist.number_atoms_total               983 
_refine_hist.d_res_high                       2.71 
_refine_hist.d_res_low                        19.26 
# 
loop_
_refine_ls_restr.type 
_refine_ls_restr.dev_ideal 
_refine_ls_restr.dev_ideal_target 
_refine_ls_restr.weight 
_refine_ls_restr.number 
_refine_ls_restr.pdbx_refine_id 
_refine_ls_restr.pdbx_restraint_function 
c_bond_d                0.009 ?    ? ? 'X-RAY DIFFRACTION' ? 
c_bond_d_na             ?     ?    ? ? 'X-RAY DIFFRACTION' ? 
c_bond_d_prot           ?     ?    ? ? 'X-RAY DIFFRACTION' ? 
c_angle_d               ?     ?    ? ? 'X-RAY DIFFRACTION' ? 
c_angle_d_na            ?     ?    ? ? 'X-RAY DIFFRACTION' ? 
c_angle_d_prot          ?     ?    ? ? 'X-RAY DIFFRACTION' ? 
c_angle_deg             1.4   ?    ? ? 'X-RAY DIFFRACTION' ? 
c_angle_deg_na          ?     ?    ? ? 'X-RAY DIFFRACTION' ? 
c_angle_deg_prot        ?     ?    ? ? 'X-RAY DIFFRACTION' ? 
c_dihedral_angle_d      24.4  ?    ? ? 'X-RAY DIFFRACTION' ? 
c_dihedral_angle_d_na   ?     ?    ? ? 'X-RAY DIFFRACTION' ? 
c_dihedral_angle_d_prot ?     ?    ? ? 'X-RAY DIFFRACTION' ? 
c_improper_angle_d      0.92  ?    ? ? 'X-RAY DIFFRACTION' ? 
c_improper_angle_d_na   ?     ?    ? ? 'X-RAY DIFFRACTION' ? 
c_improper_angle_d_prot ?     ?    ? ? 'X-RAY DIFFRACTION' ? 
c_mcbond_it             1.17  1.50 ? ? 'X-RAY DIFFRACTION' ? 
c_mcangle_it            1.98  2.00 ? ? 'X-RAY DIFFRACTION' ? 
c_scbond_it             1.60  2.00 ? ? 'X-RAY DIFFRACTION' ? 
c_scangle_it            2.49  2.50 ? ? 'X-RAY DIFFRACTION' ? 
# 
_refine_ls_shell.pdbx_total_number_of_bins_used   6 
_refine_ls_shell.d_res_high                       2.71 
_refine_ls_shell.d_res_low                        2.80 
_refine_ls_shell.number_reflns_R_work             473 
_refine_ls_shell.R_factor_R_work                  0.27 
_refine_ls_shell.percent_reflns_obs               90.2 
_refine_ls_shell.R_factor_R_free                  0.283 
_refine_ls_shell.R_factor_R_free_error            0.063 
_refine_ls_shell.percent_reflns_R_free            6.3 
_refine_ls_shell.number_reflns_R_free             32 
_refine_ls_shell.number_reflns_obs                473 
_refine_ls_shell.redundancy_reflns_obs            ? 
_refine_ls_shell.number_reflns_all                ? 
_refine_ls_shell.pdbx_refine_id                   'X-RAY DIFFRACTION' 
_refine_ls_shell.R_factor_all                     ? 
# 
_struct.entry_id                  1PO8 
_struct.title                     
'Crystal structure of a complex formed between krait venom phospholipase A2 and heptanoic acid at 2.7 A resolution.' 
_struct.pdbx_model_details        ? 
_struct.pdbx_CASP_flag            ? 
_struct.pdbx_model_type_details   ? 
# 
_struct_keywords.entry_id        1PO8 
_struct_keywords.pdbx_keywords   HYDROLASE 
_struct_keywords.text            'Phospholipase A2, inhibitor, complex, HYDROLASE' 
# 
loop_
_struct_asym.id 
_struct_asym.pdbx_blank_PDB_chainid_flag 
_struct_asym.pdbx_modified 
_struct_asym.entity_id 
_struct_asym.details 
A N N 1 ? 
B N N 2 ? 
C N N 3 ? 
D N N 4 ? 
# 
_struct_ref.id                         1 
_struct_ref.db_name                    UNP 
_struct_ref.db_code                    PA2K_BUNCE 
_struct_ref.entity_id                  1 
_struct_ref.pdbx_seq_one_letter_code   
;NLYQLMNMIQCANTRTWPSYTNYGCYCGKGGSGTPVDDLDRCCYTHDHCYNDAKNIDGCNPVTKTYSYTCTEPTITCNDS
KDKCARFVCDCDRTAAICFAKAPYNTSNVMIRSTNSCQ
;
_struct_ref.pdbx_align_begin           20 
_struct_ref.pdbx_db_accession          Q9DF52 
_struct_ref.pdbx_db_isoform            ? 
# 
_struct_ref_seq.align_id                      1 
_struct_ref_seq.ref_id                        1 
_struct_ref_seq.pdbx_PDB_id_code              1PO8 
_struct_ref_seq.pdbx_strand_id                A 
_struct_ref_seq.seq_align_beg                 1 
_struct_ref_seq.pdbx_seq_align_beg_ins_code   ? 
_struct_ref_seq.seq_align_end                 118 
_struct_ref_seq.pdbx_seq_align_end_ins_code   ? 
_struct_ref_seq.pdbx_db_accession             Q9DF52 
_struct_ref_seq.db_align_beg                  20 
_struct_ref_seq.pdbx_db_align_beg_ins_code    ? 
_struct_ref_seq.db_align_end                  137 
_struct_ref_seq.pdbx_db_align_end_ins_code    ? 
_struct_ref_seq.pdbx_auth_seq_align_beg       1 
_struct_ref_seq.pdbx_auth_seq_align_end       120 
# 
_pdbx_struct_assembly.id                   1 
_pdbx_struct_assembly.details              author_defined_assembly 
_pdbx_struct_assembly.method_details       ? 
_pdbx_struct_assembly.oligomeric_details   monomeric 
_pdbx_struct_assembly.oligomeric_count     1 
# 
_pdbx_struct_assembly_gen.assembly_id       1 
_pdbx_struct_assembly_gen.oper_expression   1 
_pdbx_struct_assembly_gen.asym_id_list      A,B,C,D 
# 
_pdbx_struct_oper_list.id                   1 
_pdbx_struct_oper_list.type                 'identity operation' 
_pdbx_struct_oper_list.name                 1_555 
_pdbx_struct_oper_list.symmetry_operation   x,y,z 
_pdbx_struct_oper_list.matrix[1][1]         1.0000000000 
_pdbx_struct_oper_list.matrix[1][2]         0.0000000000 
_pdbx_struct_oper_list.matrix[1][3]         0.0000000000 
_pdbx_struct_oper_list.vector[1]            0.0000000000 
_pdbx_struct_oper_list.matrix[2][1]         0.0000000000 
_pdbx_struct_oper_list.matrix[2][2]         1.0000000000 
_pdbx_struct_oper_list.matrix[2][3]         0.0000000000 
_pdbx_struct_oper_list.vector[2]            0.0000000000 
_pdbx_struct_oper_list.matrix[3][1]         0.0000000000 
_pdbx_struct_oper_list.matrix[3][2]         0.0000000000 
_pdbx_struct_oper_list.matrix[3][3]         1.0000000000 
_pdbx_struct_oper_list.vector[3]            0.0000000000 
# 
loop_
_struct_conf.conf_type_id 
_struct_conf.id 
_struct_conf.pdbx_PDB_helix_id 
_struct_conf.beg_label_comp_id 
_struct_conf.beg_label_asym_id 
_struct_conf.beg_label_seq_id 
_struct_conf.pdbx_beg_PDB_ins_code 
_struct_conf.end_label_comp_id 
_struct_conf.end_label_asym_id 
_struct_conf.end_label_seq_id 
_struct_conf.pdbx_end_PDB_ins_code 
_struct_conf.beg_auth_comp_id 
_struct_conf.beg_auth_asym_id 
_struct_conf.beg_auth_seq_id 
_struct_conf.end_auth_comp_id 
_struct_conf.end_auth_asym_id 
_struct_conf.end_auth_seq_id 
_struct_conf.pdbx_PDB_helix_class 
_struct_conf.details 
_struct_conf.pdbx_PDB_helix_length 
HELX_P HELX_P1 1 ASN A 1  ? ASN A 13  ? ASN A 1  ASN A 13  1 ? 13 
HELX_P HELX_P2 2 TRP A 17 ? ASN A 22  ? TRP A 19 ASN A 24  1 ? 6  
HELX_P HELX_P3 3 ASP A 37 ? LYS A 54  ? ASP A 39 LYS A 56  1 ? 18 
HELX_P HELX_P4 4 ASP A 82 ? ALA A 102 ? ASP A 84 ALA A 104 1 ? 21 
# 
_struct_conf_type.id          HELX_P 
_struct_conf_type.criteria    ? 
_struct_conf_type.reference   ? 
# 
loop_
_struct_conn.id 
_struct_conn.conn_type_id 
_struct_conn.pdbx_leaving_atom_flag 
_struct_conn.pdbx_PDB_id 
_struct_conn.ptnr1_label_asym_id 
_struct_conn.ptnr1_label_comp_id 
_struct_conn.ptnr1_label_seq_id 
_struct_conn.ptnr1_label_atom_id 
_struct_conn.pdbx_ptnr1_label_alt_id 
_struct_conn.pdbx_ptnr1_PDB_ins_code 
_struct_conn.pdbx_ptnr1_standard_comp_id 
_struct_conn.ptnr1_symmetry 
_struct_conn.ptnr2_label_asym_id 
_struct_conn.ptnr2_label_comp_id 
_struct_conn.ptnr2_label_seq_id 
_struct_conn.ptnr2_label_atom_id 
_struct_conn.pdbx_ptnr2_label_alt_id 
_struct_conn.pdbx_ptnr2_PDB_ins_code 
_struct_conn.ptnr1_auth_asym_id 
_struct_conn.ptnr1_auth_comp_id 
_struct_conn.ptnr1_auth_seq_id 
_struct_conn.ptnr2_auth_asym_id 
_struct_conn.ptnr2_auth_comp_id 
_struct_conn.ptnr2_auth_seq_id 
_struct_conn.ptnr2_symmetry 
_struct_conn.pdbx_ptnr3_label_atom_id 
_struct_conn.pdbx_ptnr3_label_seq_id 
_struct_conn.pdbx_ptnr3_label_comp_id 
_struct_conn.pdbx_ptnr3_label_asym_id 
_struct_conn.pdbx_ptnr3_label_alt_id 
_struct_conn.pdbx_ptnr3_PDB_ins_code 
_struct_conn.details 
_struct_conn.pdbx_dist_value 
_struct_conn.pdbx_value_order 
_struct_conn.pdbx_role 
disulf1 disulf ? ? A CYS 11 SG  ? ? ? 1_555 A CYS 70  SG ? ? A CYS 11 A CYS 72  1_555 ? ? ? ? ? ? ? 2.034 ? ? 
disulf2 disulf ? ? A CYS 25 SG  ? ? ? 1_555 A CYS 117 SG ? ? A CYS 27 A CYS 119 1_555 ? ? ? ? ? ? ? 2.022 ? ? 
disulf3 disulf ? ? A CYS 27 SG  ? ? ? 1_555 A CYS 43  SG ? ? A CYS 29 A CYS 45  1_555 ? ? ? ? ? ? ? 2.029 ? ? 
disulf4 disulf ? ? A CYS 42 SG  ? ? ? 1_555 A CYS 98  SG ? ? A CYS 44 A CYS 100 1_555 ? ? ? ? ? ? ? 2.021 ? ? 
disulf5 disulf ? ? A CYS 49 SG  ? ? ? 1_555 A CYS 91  SG ? ? A CYS 51 A CYS 93  1_555 ? ? ? ? ? ? ? 2.023 ? ? 
disulf6 disulf ? ? A CYS 59 SG  ? ? ? 1_555 A CYS 84  SG ? ? A CYS 61 A CYS 86  1_555 ? ? ? ? ? ? ? 2.035 ? ? 
disulf7 disulf ? ? A CYS 77 SG  ? ? ? 1_555 A CYS 89  SG ? ? A CYS 79 A CYS 91  1_555 ? ? ? ? ? ? ? 2.037 ? ? 
metalc1 metalc ? ? A TYR 26 O   ? ? ? 1_555 B NA  .   NA ? ? A TYR 28 A NA  121 1_555 ? ? ? ? ? ? ? 2.664 ? ? 
metalc2 metalc ? ? A GLY 28 O   ? ? ? 1_555 B NA  .   NA ? ? A GLY 30 A NA  121 1_555 ? ? ? ? ? ? ? 2.698 ? ? 
metalc3 metalc ? ? A GLY 30 O   ? ? ? 1_555 B NA  .   NA ? ? A GLY 32 A NA  121 1_555 ? ? ? ? ? ? ? 2.631 ? ? 
metalc4 metalc ? ? A ASP 47 OD2 ? ? ? 1_555 B NA  .   NA ? ? A ASP 49 A NA  121 1_555 ? ? ? ? ? ? ? 2.543 ? ? 
metalc5 metalc ? ? A ASP 47 OD1 ? ? ? 1_555 B NA  .   NA ? ? A ASP 49 A NA  121 1_555 ? ? ? ? ? ? ? 2.789 ? ? 
# 
loop_
_struct_conn_type.id 
_struct_conn_type.criteria 
_struct_conn_type.reference 
disulf ? ? 
metalc ? ? 
# 
loop_
_pdbx_struct_conn_angle.id 
_pdbx_struct_conn_angle.ptnr1_label_atom_id 
_pdbx_struct_conn_angle.ptnr1_label_alt_id 
_pdbx_struct_conn_angle.ptnr1_label_asym_id 
_pdbx_struct_conn_angle.ptnr1_label_comp_id 
_pdbx_struct_conn_angle.ptnr1_label_seq_id 
_pdbx_struct_conn_angle.ptnr1_auth_atom_id 
_pdbx_struct_conn_angle.ptnr1_auth_asym_id 
_pdbx_struct_conn_angle.ptnr1_auth_comp_id 
_pdbx_struct_conn_angle.ptnr1_auth_seq_id 
_pdbx_struct_conn_angle.ptnr1_PDB_ins_code 
_pdbx_struct_conn_angle.ptnr1_symmetry 
_pdbx_struct_conn_angle.ptnr2_label_atom_id 
_pdbx_struct_conn_angle.ptnr2_label_alt_id 
_pdbx_struct_conn_angle.ptnr2_label_asym_id 
_pdbx_struct_conn_angle.ptnr2_label_comp_id 
_pdbx_struct_conn_angle.ptnr2_label_seq_id 
_pdbx_struct_conn_angle.ptnr2_auth_atom_id 
_pdbx_struct_conn_angle.ptnr2_auth_asym_id 
_pdbx_struct_conn_angle.ptnr2_auth_comp_id 
_pdbx_struct_conn_angle.ptnr2_auth_seq_id 
_pdbx_struct_conn_angle.ptnr2_PDB_ins_code 
_pdbx_struct_conn_angle.ptnr2_symmetry 
_pdbx_struct_conn_angle.ptnr3_label_atom_id 
_pdbx_struct_conn_angle.ptnr3_label_alt_id 
_pdbx_struct_conn_angle.ptnr3_label_asym_id 
_pdbx_struct_conn_angle.ptnr3_label_comp_id 
_pdbx_struct_conn_angle.ptnr3_label_seq_id 
_pdbx_struct_conn_angle.ptnr3_auth_atom_id 
_pdbx_struct_conn_angle.ptnr3_auth_asym_id 
_pdbx_struct_conn_angle.ptnr3_auth_comp_id 
_pdbx_struct_conn_angle.ptnr3_auth_seq_id 
_pdbx_struct_conn_angle.ptnr3_PDB_ins_code 
_pdbx_struct_conn_angle.ptnr3_symmetry 
_pdbx_struct_conn_angle.value 
_pdbx_struct_conn_angle.value_esd 
1  O   ? A TYR 26 ? A TYR 28 ? 1_555 NA ? B NA . ? A NA 121 ? 1_555 O   ? A GLY 28 ? A GLY 30 ? 1_555 74.0  ? 
2  O   ? A TYR 26 ? A TYR 28 ? 1_555 NA ? B NA . ? A NA 121 ? 1_555 O   ? A GLY 30 ? A GLY 32 ? 1_555 92.1  ? 
3  O   ? A GLY 28 ? A GLY 30 ? 1_555 NA ? B NA . ? A NA 121 ? 1_555 O   ? A GLY 30 ? A GLY 32 ? 1_555 86.7  ? 
4  O   ? A TYR 26 ? A TYR 28 ? 1_555 NA ? B NA . ? A NA 121 ? 1_555 OD2 ? A ASP 47 ? A ASP 49 ? 1_555 128.0 ? 
5  O   ? A GLY 28 ? A GLY 30 ? 1_555 NA ? B NA . ? A NA 121 ? 1_555 OD2 ? A ASP 47 ? A ASP 49 ? 1_555 142.3 ? 
6  O   ? A GLY 30 ? A GLY 32 ? 1_555 NA ? B NA . ? A NA 121 ? 1_555 OD2 ? A ASP 47 ? A ASP 49 ? 1_555 118.1 ? 
7  O   ? A TYR 26 ? A TYR 28 ? 1_555 NA ? B NA . ? A NA 121 ? 1_555 OD1 ? A ASP 47 ? A ASP 49 ? 1_555 92.8  ? 
8  O   ? A GLY 28 ? A GLY 30 ? 1_555 NA ? B NA . ? A NA 121 ? 1_555 OD1 ? A ASP 47 ? A ASP 49 ? 1_555 108.6 ? 
9  O   ? A GLY 30 ? A GLY 32 ? 1_555 NA ? B NA . ? A NA 121 ? 1_555 OD1 ? A ASP 47 ? A ASP 49 ? 1_555 164.7 ? 
10 OD2 ? A ASP 47 ? A ASP 49 ? 1_555 NA ? B NA . ? A NA 121 ? 1_555 OD1 ? A ASP 47 ? A ASP 49 ? 1_555 48.5  ? 
# 
loop_
_pdbx_modification_feature.ordinal 
_pdbx_modification_feature.label_comp_id 
_pdbx_modification_feature.label_asym_id 
_pdbx_modification_feature.label_seq_id 
_pdbx_modification_feature.label_alt_id 
_pdbx_modification_feature.modified_residue_label_comp_id 
_pdbx_modification_feature.modified_residue_label_asym_id 
_pdbx_modification_feature.modified_residue_label_seq_id 
_pdbx_modification_feature.modified_residue_label_alt_id 
_pdbx_modification_feature.auth_comp_id 
_pdbx_modification_feature.auth_asym_id 
_pdbx_modification_feature.auth_seq_id 
_pdbx_modification_feature.PDB_ins_code 
_pdbx_modification_feature.symmetry 
_pdbx_modification_feature.modified_residue_auth_comp_id 
_pdbx_modification_feature.modified_residue_auth_asym_id 
_pdbx_modification_feature.modified_residue_auth_seq_id 
_pdbx_modification_feature.modified_residue_PDB_ins_code 
_pdbx_modification_feature.modified_residue_symmetry 
_pdbx_modification_feature.comp_id_linking_atom 
_pdbx_modification_feature.modified_residue_id_linking_atom 
_pdbx_modification_feature.modified_residue_id 
_pdbx_modification_feature.ref_pcm_id 
_pdbx_modification_feature.ref_comp_id 
_pdbx_modification_feature.type 
_pdbx_modification_feature.category 
1 CYS A 11 ? CYS A 70  ? CYS A 11 ? 1_555 CYS A 72  ? 1_555 SG SG . . . None 'Disulfide bridge' 
2 CYS A 25 ? CYS A 117 ? CYS A 27 ? 1_555 CYS A 119 ? 1_555 SG SG . . . None 'Disulfide bridge' 
3 CYS A 27 ? CYS A 43  ? CYS A 29 ? 1_555 CYS A 45  ? 1_555 SG SG . . . None 'Disulfide bridge' 
4 CYS A 42 ? CYS A 98  ? CYS A 44 ? 1_555 CYS A 100 ? 1_555 SG SG . . . None 'Disulfide bridge' 
5 CYS A 49 ? CYS A 91  ? CYS A 51 ? 1_555 CYS A 93  ? 1_555 SG SG . . . None 'Disulfide bridge' 
6 CYS A 59 ? CYS A 84  ? CYS A 61 ? 1_555 CYS A 86  ? 1_555 SG SG . . . None 'Disulfide bridge' 
7 CYS A 77 ? CYS A 89  ? CYS A 79 ? 1_555 CYS A 91  ? 1_555 SG SG . . . None 'Disulfide bridge' 
# 
_struct_mon_prot_cis.pdbx_id                1 
_struct_mon_prot_cis.label_comp_id          GLU 
_struct_mon_prot_cis.label_seq_id           72 
_struct_mon_prot_cis.label_asym_id          A 
_struct_mon_prot_cis.label_alt_id           . 
_struct_mon_prot_cis.pdbx_PDB_ins_code      ? 
_struct_mon_prot_cis.auth_comp_id           GLU 
_struct_mon_prot_cis.auth_seq_id            74 
_struct_mon_prot_cis.auth_asym_id           A 
_struct_mon_prot_cis.pdbx_label_comp_id_2   PRO 
_struct_mon_prot_cis.pdbx_label_seq_id_2    73 
_struct_mon_prot_cis.pdbx_label_asym_id_2   A 
_struct_mon_prot_cis.pdbx_PDB_ins_code_2    ? 
_struct_mon_prot_cis.pdbx_auth_comp_id_2    PRO 
_struct_mon_prot_cis.pdbx_auth_seq_id_2     75 
_struct_mon_prot_cis.pdbx_auth_asym_id_2    A 
_struct_mon_prot_cis.pdbx_PDB_model_num     1 
_struct_mon_prot_cis.pdbx_omega_angle       0.94 
# 
_struct_sheet.id               A 
_struct_sheet.type             ? 
_struct_sheet.number_strands   2 
_struct_sheet.details          ? 
# 
_struct_sheet_order.sheet_id     A 
_struct_sheet_order.range_id_1   1 
_struct_sheet_order.range_id_2   2 
_struct_sheet_order.offset       ? 
_struct_sheet_order.sense        anti-parallel 
# 
loop_
_struct_sheet_range.sheet_id 
_struct_sheet_range.id 
_struct_sheet_range.beg_label_comp_id 
_struct_sheet_range.beg_label_asym_id 
_struct_sheet_range.beg_label_seq_id 
_struct_sheet_range.pdbx_beg_PDB_ins_code 
_struct_sheet_range.end_label_comp_id 
_struct_sheet_range.end_label_asym_id 
_struct_sheet_range.end_label_seq_id 
_struct_sheet_range.pdbx_end_PDB_ins_code 
_struct_sheet_range.beg_auth_comp_id 
_struct_sheet_range.beg_auth_asym_id 
_struct_sheet_range.beg_auth_seq_id 
_struct_sheet_range.end_auth_comp_id 
_struct_sheet_range.end_auth_asym_id 
_struct_sheet_range.end_auth_seq_id 
A 1 TYR A 68 ? THR A 71 ? TYR A 70 THR A 73 
A 2 THR A 74 ? CYS A 77 ? THR A 76 CYS A 79 
# 
_pdbx_struct_sheet_hbond.sheet_id                A 
_pdbx_struct_sheet_hbond.range_id_1              1 
_pdbx_struct_sheet_hbond.range_id_2              2 
_pdbx_struct_sheet_hbond.range_1_label_atom_id   N 
_pdbx_struct_sheet_hbond.range_1_label_comp_id   THR 
_pdbx_struct_sheet_hbond.range_1_label_asym_id   A 
_pdbx_struct_sheet_hbond.range_1_label_seq_id    71 
_pdbx_struct_sheet_hbond.range_1_PDB_ins_code    ? 
_pdbx_struct_sheet_hbond.range_1_auth_atom_id    N 
_pdbx_struct_sheet_hbond.range_1_auth_comp_id    THR 
_pdbx_struct_sheet_hbond.range_1_auth_asym_id    A 
_pdbx_struct_sheet_hbond.range_1_auth_seq_id     73 
_pdbx_struct_sheet_hbond.range_2_label_atom_id   O 
_pdbx_struct_sheet_hbond.range_2_label_comp_id   THR 
_pdbx_struct_sheet_hbond.range_2_label_asym_id   A 
_pdbx_struct_sheet_hbond.range_2_label_seq_id    74 
_pdbx_struct_sheet_hbond.range_2_PDB_ins_code    ? 
_pdbx_struct_sheet_hbond.range_2_auth_atom_id    O 
_pdbx_struct_sheet_hbond.range_2_auth_comp_id    THR 
_pdbx_struct_sheet_hbond.range_2_auth_asym_id    A 
_pdbx_struct_sheet_hbond.range_2_auth_seq_id     76 
# 
loop_
_struct_site.id 
_struct_site.pdbx_evidence_code 
_struct_site.pdbx_auth_asym_id 
_struct_site.pdbx_auth_comp_id 
_struct_site.pdbx_auth_seq_id 
_struct_site.pdbx_auth_ins_code 
_struct_site.pdbx_num_residues 
_struct_site.details 
AC1 Software A NA  121 ? 5 'BINDING SITE FOR RESIDUE NA A 121'  
AC2 Software A SHV 122 ? 7 'BINDING SITE FOR RESIDUE SHV A 122' 
# 
loop_
_struct_site_gen.id 
_struct_site_gen.site_id 
_struct_site_gen.pdbx_num_res 
_struct_site_gen.label_comp_id 
_struct_site_gen.label_asym_id 
_struct_site_gen.label_seq_id 
_struct_site_gen.pdbx_auth_ins_code 
_struct_site_gen.auth_comp_id 
_struct_site_gen.auth_asym_id 
_struct_site_gen.auth_seq_id 
_struct_site_gen.label_atom_id 
_struct_site_gen.label_alt_id 
_struct_site_gen.symmetry 
_struct_site_gen.details 
1  AC1 5 TYR A 26 ? TYR A 28 . ? 1_555 ? 
2  AC1 5 GLY A 28 ? GLY A 30 . ? 1_555 ? 
3  AC1 5 GLY A 30 ? GLY A 32 . ? 1_555 ? 
4  AC1 5 GLY A 31 ? GLY A 33 . ? 1_555 ? 
5  AC1 5 ASP A 47 ? ASP A 49 . ? 1_555 ? 
6  AC2 7 CYS A 27 ? CYS A 29 . ? 1_555 ? 
7  AC2 7 GLY A 28 ? GLY A 30 . ? 1_555 ? 
8  AC2 7 LYS A 29 ? LYS A 31 . ? 1_555 ? 
9  AC2 7 ASP A 38 ? ASP A 40 . ? 4_454 ? 
10 AC2 7 ARG A 41 ? ARG A 43 . ? 4_454 ? 
11 AC2 7 CYS A 43 ? CYS A 45 . ? 1_555 ? 
12 AC2 7 HIS A 46 ? HIS A 48 . ? 1_555 ? 
# 
_pdbx_entry_details.entry_id                   1PO8 
_pdbx_entry_details.compound_details           ? 
_pdbx_entry_details.source_details             ? 
_pdbx_entry_details.nonpolymer_details         ? 
_pdbx_entry_details.sequence_details           ? 
_pdbx_entry_details.has_ligand_of_interest     ? 
_pdbx_entry_details.has_protein_modification   Y 
# 
loop_
_pdbx_validate_torsion.id 
_pdbx_validate_torsion.PDB_model_num 
_pdbx_validate_torsion.auth_comp_id 
_pdbx_validate_torsion.auth_asym_id 
_pdbx_validate_torsion.auth_seq_id 
_pdbx_validate_torsion.PDB_ins_code 
_pdbx_validate_torsion.label_alt_id 
_pdbx_validate_torsion.phi 
_pdbx_validate_torsion.psi 
1 1 PRO A 20  ? ? -48.14  -18.10  
2 1 ASP A 39  ? ? -134.50 -155.94 
3 1 GLU A 74  ? ? -29.83  114.69  
4 1 SER A 82  ? ? -127.16 -53.19  
5 1 MET A 112 ? ? -150.72 50.25   
6 1 SER A 115 ? ? 57.22   -3.18   
7 1 ASN A 117 ? ? 109.87  -16.00  
8 1 CYS A 119 ? ? -102.79 69.81   
# 
loop_
_chem_comp_atom.comp_id 
_chem_comp_atom.atom_id 
_chem_comp_atom.type_symbol 
_chem_comp_atom.pdbx_aromatic_flag 
_chem_comp_atom.pdbx_stereo_config 
_chem_comp_atom.pdbx_ordinal 
ALA N    N  N N 1   
ALA CA   C  N S 2   
ALA C    C  N N 3   
ALA O    O  N N 4   
ALA CB   C  N N 5   
ALA OXT  O  N N 6   
ALA H    H  N N 7   
ALA H2   H  N N 8   
ALA HA   H  N N 9   
ALA HB1  H  N N 10  
ALA HB2  H  N N 11  
ALA HB3  H  N N 12  
ALA HXT  H  N N 13  
ARG N    N  N N 14  
ARG CA   C  N S 15  
ARG C    C  N N 16  
ARG O    O  N N 17  
ARG CB   C  N N 18  
ARG CG   C  N N 19  
ARG CD   C  N N 20  
ARG NE   N  N N 21  
ARG CZ   C  N N 22  
ARG NH1  N  N N 23  
ARG NH2  N  N N 24  
ARG OXT  O  N N 25  
ARG H    H  N N 26  
ARG H2   H  N N 27  
ARG HA   H  N N 28  
ARG HB2  H  N N 29  
ARG HB3  H  N N 30  
ARG HG2  H  N N 31  
ARG HG3  H  N N 32  
ARG HD2  H  N N 33  
ARG HD3  H  N N 34  
ARG HE   H  N N 35  
ARG HH11 H  N N 36  
ARG HH12 H  N N 37  
ARG HH21 H  N N 38  
ARG HH22 H  N N 39  
ARG HXT  H  N N 40  
ASN N    N  N N 41  
ASN CA   C  N S 42  
ASN C    C  N N 43  
ASN O    O  N N 44  
ASN CB   C  N N 45  
ASN CG   C  N N 46  
ASN OD1  O  N N 47  
ASN ND2  N  N N 48  
ASN OXT  O  N N 49  
ASN H    H  N N 50  
ASN H2   H  N N 51  
ASN HA   H  N N 52  
ASN HB2  H  N N 53  
ASN HB3  H  N N 54  
ASN HD21 H  N N 55  
ASN HD22 H  N N 56  
ASN HXT  H  N N 57  
ASP N    N  N N 58  
ASP CA   C  N S 59  
ASP C    C  N N 60  
ASP O    O  N N 61  
ASP CB   C  N N 62  
ASP CG   C  N N 63  
ASP OD1  O  N N 64  
ASP OD2  O  N N 65  
ASP OXT  O  N N 66  
ASP H    H  N N 67  
ASP H2   H  N N 68  
ASP HA   H  N N 69  
ASP HB2  H  N N 70  
ASP HB3  H  N N 71  
ASP HD2  H  N N 72  
ASP HXT  H  N N 73  
CYS N    N  N N 74  
CYS CA   C  N R 75  
CYS C    C  N N 76  
CYS O    O  N N 77  
CYS CB   C  N N 78  
CYS SG   S  N N 79  
CYS OXT  O  N N 80  
CYS H    H  N N 81  
CYS H2   H  N N 82  
CYS HA   H  N N 83  
CYS HB2  H  N N 84  
CYS HB3  H  N N 85  
CYS HG   H  N N 86  
CYS HXT  H  N N 87  
GLN N    N  N N 88  
GLN CA   C  N S 89  
GLN C    C  N N 90  
GLN O    O  N N 91  
GLN CB   C  N N 92  
GLN CG   C  N N 93  
GLN CD   C  N N 94  
GLN OE1  O  N N 95  
GLN NE2  N  N N 96  
GLN OXT  O  N N 97  
GLN H    H  N N 98  
GLN H2   H  N N 99  
GLN HA   H  N N 100 
GLN HB2  H  N N 101 
GLN HB3  H  N N 102 
GLN HG2  H  N N 103 
GLN HG3  H  N N 104 
GLN HE21 H  N N 105 
GLN HE22 H  N N 106 
GLN HXT  H  N N 107 
GLU N    N  N N 108 
GLU CA   C  N S 109 
GLU C    C  N N 110 
GLU O    O  N N 111 
GLU CB   C  N N 112 
GLU CG   C  N N 113 
GLU CD   C  N N 114 
GLU OE1  O  N N 115 
GLU OE2  O  N N 116 
GLU OXT  O  N N 117 
GLU H    H  N N 118 
GLU H2   H  N N 119 
GLU HA   H  N N 120 
GLU HB2  H  N N 121 
GLU HB3  H  N N 122 
GLU HG2  H  N N 123 
GLU HG3  H  N N 124 
GLU HE2  H  N N 125 
GLU HXT  H  N N 126 
GLY N    N  N N 127 
GLY CA   C  N N 128 
GLY C    C  N N 129 
GLY O    O  N N 130 
GLY OXT  O  N N 131 
GLY H    H  N N 132 
GLY H2   H  N N 133 
GLY HA2  H  N N 134 
GLY HA3  H  N N 135 
GLY HXT  H  N N 136 
HIS N    N  N N 137 
HIS CA   C  N S 138 
HIS C    C  N N 139 
HIS O    O  N N 140 
HIS CB   C  N N 141 
HIS CG   C  Y N 142 
HIS ND1  N  Y N 143 
HIS CD2  C  Y N 144 
HIS CE1  C  Y N 145 
HIS NE2  N  Y N 146 
HIS OXT  O  N N 147 
HIS H    H  N N 148 
HIS H2   H  N N 149 
HIS HA   H  N N 150 
HIS HB2  H  N N 151 
HIS HB3  H  N N 152 
HIS HD1  H  N N 153 
HIS HD2  H  N N 154 
HIS HE1  H  N N 155 
HIS HE2  H  N N 156 
HIS HXT  H  N N 157 
HOH O    O  N N 158 
HOH H1   H  N N 159 
HOH H2   H  N N 160 
ILE N    N  N N 161 
ILE CA   C  N S 162 
ILE C    C  N N 163 
ILE O    O  N N 164 
ILE CB   C  N S 165 
ILE CG1  C  N N 166 
ILE CG2  C  N N 167 
ILE CD1  C  N N 168 
ILE OXT  O  N N 169 
ILE H    H  N N 170 
ILE H2   H  N N 171 
ILE HA   H  N N 172 
ILE HB   H  N N 173 
ILE HG12 H  N N 174 
ILE HG13 H  N N 175 
ILE HG21 H  N N 176 
ILE HG22 H  N N 177 
ILE HG23 H  N N 178 
ILE HD11 H  N N 179 
ILE HD12 H  N N 180 
ILE HD13 H  N N 181 
ILE HXT  H  N N 182 
LEU N    N  N N 183 
LEU CA   C  N S 184 
LEU C    C  N N 185 
LEU O    O  N N 186 
LEU CB   C  N N 187 
LEU CG   C  N N 188 
LEU CD1  C  N N 189 
LEU CD2  C  N N 190 
LEU OXT  O  N N 191 
LEU H    H  N N 192 
LEU H2   H  N N 193 
LEU HA   H  N N 194 
LEU HB2  H  N N 195 
LEU HB3  H  N N 196 
LEU HG   H  N N 197 
LEU HD11 H  N N 198 
LEU HD12 H  N N 199 
LEU HD13 H  N N 200 
LEU HD21 H  N N 201 
LEU HD22 H  N N 202 
LEU HD23 H  N N 203 
LEU HXT  H  N N 204 
LYS N    N  N N 205 
LYS CA   C  N S 206 
LYS C    C  N N 207 
LYS O    O  N N 208 
LYS CB   C  N N 209 
LYS CG   C  N N 210 
LYS CD   C  N N 211 
LYS CE   C  N N 212 
LYS NZ   N  N N 213 
LYS OXT  O  N N 214 
LYS H    H  N N 215 
LYS H2   H  N N 216 
LYS HA   H  N N 217 
LYS HB2  H  N N 218 
LYS HB3  H  N N 219 
LYS HG2  H  N N 220 
LYS HG3  H  N N 221 
LYS HD2  H  N N 222 
LYS HD3  H  N N 223 
LYS HE2  H  N N 224 
LYS HE3  H  N N 225 
LYS HZ1  H  N N 226 
LYS HZ2  H  N N 227 
LYS HZ3  H  N N 228 
LYS HXT  H  N N 229 
MET N    N  N N 230 
MET CA   C  N S 231 
MET C    C  N N 232 
MET O    O  N N 233 
MET CB   C  N N 234 
MET CG   C  N N 235 
MET SD   S  N N 236 
MET CE   C  N N 237 
MET OXT  O  N N 238 
MET H    H  N N 239 
MET H2   H  N N 240 
MET HA   H  N N 241 
MET HB2  H  N N 242 
MET HB3  H  N N 243 
MET HG2  H  N N 244 
MET HG3  H  N N 245 
MET HE1  H  N N 246 
MET HE2  H  N N 247 
MET HE3  H  N N 248 
MET HXT  H  N N 249 
NA  NA   NA N N 250 
PHE N    N  N N 251 
PHE CA   C  N S 252 
PHE C    C  N N 253 
PHE O    O  N N 254 
PHE CB   C  N N 255 
PHE CG   C  Y N 256 
PHE CD1  C  Y N 257 
PHE CD2  C  Y N 258 
PHE CE1  C  Y N 259 
PHE CE2  C  Y N 260 
PHE CZ   C  Y N 261 
PHE OXT  O  N N 262 
PHE H    H  N N 263 
PHE H2   H  N N 264 
PHE HA   H  N N 265 
PHE HB2  H  N N 266 
PHE HB3  H  N N 267 
PHE HD1  H  N N 268 
PHE HD2  H  N N 269 
PHE HE1  H  N N 270 
PHE HE2  H  N N 271 
PHE HZ   H  N N 272 
PHE HXT  H  N N 273 
PRO N    N  N N 274 
PRO CA   C  N S 275 
PRO C    C  N N 276 
PRO O    O  N N 277 
PRO CB   C  N N 278 
PRO CG   C  N N 279 
PRO CD   C  N N 280 
PRO OXT  O  N N 281 
PRO H    H  N N 282 
PRO HA   H  N N 283 
PRO HB2  H  N N 284 
PRO HB3  H  N N 285 
PRO HG2  H  N N 286 
PRO HG3  H  N N 287 
PRO HD2  H  N N 288 
PRO HD3  H  N N 289 
PRO HXT  H  N N 290 
SER N    N  N N 291 
SER CA   C  N S 292 
SER C    C  N N 293 
SER O    O  N N 294 
SER CB   C  N N 295 
SER OG   O  N N 296 
SER OXT  O  N N 297 
SER H    H  N N 298 
SER H2   H  N N 299 
SER HA   H  N N 300 
SER HB2  H  N N 301 
SER HB3  H  N N 302 
SER HG   H  N N 303 
SER HXT  H  N N 304 
SHV C1   C  N N 305 
SHV O1   O  N N 306 
SHV O2   O  N N 307 
SHV C2   C  N N 308 
SHV C3   C  N N 309 
SHV C4   C  N N 310 
SHV C5   C  N N 311 
SHV C6   C  N N 312 
SHV C7   C  N N 313 
SHV HO1  H  N N 314 
SHV H21  H  N N 315 
SHV H22  H  N N 316 
SHV H31  H  N N 317 
SHV H32  H  N N 318 
SHV H41  H  N N 319 
SHV H42  H  N N 320 
SHV H51  H  N N 321 
SHV H52  H  N N 322 
SHV H61  H  N N 323 
SHV H62  H  N N 324 
SHV H71  H  N N 325 
SHV H72  H  N N 326 
SHV H73  H  N N 327 
THR N    N  N N 328 
THR CA   C  N S 329 
THR C    C  N N 330 
THR O    O  N N 331 
THR CB   C  N R 332 
THR OG1  O  N N 333 
THR CG2  C  N N 334 
THR OXT  O  N N 335 
THR H    H  N N 336 
THR H2   H  N N 337 
THR HA   H  N N 338 
THR HB   H  N N 339 
THR HG1  H  N N 340 
THR HG21 H  N N 341 
THR HG22 H  N N 342 
THR HG23 H  N N 343 
THR HXT  H  N N 344 
TRP N    N  N N 345 
TRP CA   C  N S 346 
TRP C    C  N N 347 
TRP O    O  N N 348 
TRP CB   C  N N 349 
TRP CG   C  Y N 350 
TRP CD1  C  Y N 351 
TRP CD2  C  Y N 352 
TRP NE1  N  Y N 353 
TRP CE2  C  Y N 354 
TRP CE3  C  Y N 355 
TRP CZ2  C  Y N 356 
TRP CZ3  C  Y N 357 
TRP CH2  C  Y N 358 
TRP OXT  O  N N 359 
TRP H    H  N N 360 
TRP H2   H  N N 361 
TRP HA   H  N N 362 
TRP HB2  H  N N 363 
TRP HB3  H  N N 364 
TRP HD1  H  N N 365 
TRP HE1  H  N N 366 
TRP HE3  H  N N 367 
TRP HZ2  H  N N 368 
TRP HZ3  H  N N 369 
TRP HH2  H  N N 370 
TRP HXT  H  N N 371 
TYR N    N  N N 372 
TYR CA   C  N S 373 
TYR C    C  N N 374 
TYR O    O  N N 375 
TYR CB   C  N N 376 
TYR CG   C  Y N 377 
TYR CD1  C  Y N 378 
TYR CD2  C  Y N 379 
TYR CE1  C  Y N 380 
TYR CE2  C  Y N 381 
TYR CZ   C  Y N 382 
TYR OH   O  N N 383 
TYR OXT  O  N N 384 
TYR H    H  N N 385 
TYR H2   H  N N 386 
TYR HA   H  N N 387 
TYR HB2  H  N N 388 
TYR HB3  H  N N 389 
TYR HD1  H  N N 390 
TYR HD2  H  N N 391 
TYR HE1  H  N N 392 
TYR HE2  H  N N 393 
TYR HH   H  N N 394 
TYR HXT  H  N N 395 
VAL N    N  N N 396 
VAL CA   C  N S 397 
VAL C    C  N N 398 
VAL O    O  N N 399 
VAL CB   C  N N 400 
VAL CG1  C  N N 401 
VAL CG2  C  N N 402 
VAL OXT  O  N N 403 
VAL H    H  N N 404 
VAL H2   H  N N 405 
VAL HA   H  N N 406 
VAL HB   H  N N 407 
VAL HG11 H  N N 408 
VAL HG12 H  N N 409 
VAL HG13 H  N N 410 
VAL HG21 H  N N 411 
VAL HG22 H  N N 412 
VAL HG23 H  N N 413 
VAL HXT  H  N N 414 
# 
loop_
_chem_comp_bond.comp_id 
_chem_comp_bond.atom_id_1 
_chem_comp_bond.atom_id_2 
_chem_comp_bond.value_order 
_chem_comp_bond.pdbx_aromatic_flag 
_chem_comp_bond.pdbx_stereo_config 
_chem_comp_bond.pdbx_ordinal 
ALA N   CA   sing N N 1   
ALA N   H    sing N N 2   
ALA N   H2   sing N N 3   
ALA CA  C    sing N N 4   
ALA CA  CB   sing N N 5   
ALA CA  HA   sing N N 6   
ALA C   O    doub N N 7   
ALA C   OXT  sing N N 8   
ALA CB  HB1  sing N N 9   
ALA CB  HB2  sing N N 10  
ALA CB  HB3  sing N N 11  
ALA OXT HXT  sing N N 12  
ARG N   CA   sing N N 13  
ARG N   H    sing N N 14  
ARG N   H2   sing N N 15  
ARG CA  C    sing N N 16  
ARG CA  CB   sing N N 17  
ARG CA  HA   sing N N 18  
ARG C   O    doub N N 19  
ARG C   OXT  sing N N 20  
ARG CB  CG   sing N N 21  
ARG CB  HB2  sing N N 22  
ARG CB  HB3  sing N N 23  
ARG CG  CD   sing N N 24  
ARG CG  HG2  sing N N 25  
ARG CG  HG3  sing N N 26  
ARG CD  NE   sing N N 27  
ARG CD  HD2  sing N N 28  
ARG CD  HD3  sing N N 29  
ARG NE  CZ   sing N N 30  
ARG NE  HE   sing N N 31  
ARG CZ  NH1  sing N N 32  
ARG CZ  NH2  doub N N 33  
ARG NH1 HH11 sing N N 34  
ARG NH1 HH12 sing N N 35  
ARG NH2 HH21 sing N N 36  
ARG NH2 HH22 sing N N 37  
ARG OXT HXT  sing N N 38  
ASN N   CA   sing N N 39  
ASN N   H    sing N N 40  
ASN N   H2   sing N N 41  
ASN CA  C    sing N N 42  
ASN CA  CB   sing N N 43  
ASN CA  HA   sing N N 44  
ASN C   O    doub N N 45  
ASN C   OXT  sing N N 46  
ASN CB  CG   sing N N 47  
ASN CB  HB2  sing N N 48  
ASN CB  HB3  sing N N 49  
ASN CG  OD1  doub N N 50  
ASN CG  ND2  sing N N 51  
ASN ND2 HD21 sing N N 52  
ASN ND2 HD22 sing N N 53  
ASN OXT HXT  sing N N 54  
ASP N   CA   sing N N 55  
ASP N   H    sing N N 56  
ASP N   H2   sing N N 57  
ASP CA  C    sing N N 58  
ASP CA  CB   sing N N 59  
ASP CA  HA   sing N N 60  
ASP C   O    doub N N 61  
ASP C   OXT  sing N N 62  
ASP CB  CG   sing N N 63  
ASP CB  HB2  sing N N 64  
ASP CB  HB3  sing N N 65  
ASP CG  OD1  doub N N 66  
ASP CG  OD2  sing N N 67  
ASP OD2 HD2  sing N N 68  
ASP OXT HXT  sing N N 69  
CYS N   CA   sing N N 70  
CYS N   H    sing N N 71  
CYS N   H2   sing N N 72  
CYS CA  C    sing N N 73  
CYS CA  CB   sing N N 74  
CYS CA  HA   sing N N 75  
CYS C   O    doub N N 76  
CYS C   OXT  sing N N 77  
CYS CB  SG   sing N N 78  
CYS CB  HB2  sing N N 79  
CYS CB  HB3  sing N N 80  
CYS SG  HG   sing N N 81  
CYS OXT HXT  sing N N 82  
GLN N   CA   sing N N 83  
GLN N   H    sing N N 84  
GLN N   H2   sing N N 85  
GLN CA  C    sing N N 86  
GLN CA  CB   sing N N 87  
GLN CA  HA   sing N N 88  
GLN C   O    doub N N 89  
GLN C   OXT  sing N N 90  
GLN CB  CG   sing N N 91  
GLN CB  HB2  sing N N 92  
GLN CB  HB3  sing N N 93  
GLN CG  CD   sing N N 94  
GLN CG  HG2  sing N N 95  
GLN CG  HG3  sing N N 96  
GLN CD  OE1  doub N N 97  
GLN CD  NE2  sing N N 98  
GLN NE2 HE21 sing N N 99  
GLN NE2 HE22 sing N N 100 
GLN OXT HXT  sing N N 101 
GLU N   CA   sing N N 102 
GLU N   H    sing N N 103 
GLU N   H2   sing N N 104 
GLU CA  C    sing N N 105 
GLU CA  CB   sing N N 106 
GLU CA  HA   sing N N 107 
GLU C   O    doub N N 108 
GLU C   OXT  sing N N 109 
GLU CB  CG   sing N N 110 
GLU CB  HB2  sing N N 111 
GLU CB  HB3  sing N N 112 
GLU CG  CD   sing N N 113 
GLU CG  HG2  sing N N 114 
GLU CG  HG3  sing N N 115 
GLU CD  OE1  doub N N 116 
GLU CD  OE2  sing N N 117 
GLU OE2 HE2  sing N N 118 
GLU OXT HXT  sing N N 119 
GLY N   CA   sing N N 120 
GLY N   H    sing N N 121 
GLY N   H2   sing N N 122 
GLY CA  C    sing N N 123 
GLY CA  HA2  sing N N 124 
GLY CA  HA3  sing N N 125 
GLY C   O    doub N N 126 
GLY C   OXT  sing N N 127 
GLY OXT HXT  sing N N 128 
HIS N   CA   sing N N 129 
HIS N   H    sing N N 130 
HIS N   H2   sing N N 131 
HIS CA  C    sing N N 132 
HIS CA  CB   sing N N 133 
HIS CA  HA   sing N N 134 
HIS C   O    doub N N 135 
HIS C   OXT  sing N N 136 
HIS CB  CG   sing N N 137 
HIS CB  HB2  sing N N 138 
HIS CB  HB3  sing N N 139 
HIS CG  ND1  sing Y N 140 
HIS CG  CD2  doub Y N 141 
HIS ND1 CE1  doub Y N 142 
HIS ND1 HD1  sing N N 143 
HIS CD2 NE2  sing Y N 144 
HIS CD2 HD2  sing N N 145 
HIS CE1 NE2  sing Y N 146 
HIS CE1 HE1  sing N N 147 
HIS NE2 HE2  sing N N 148 
HIS OXT HXT  sing N N 149 
HOH O   H1   sing N N 150 
HOH O   H2   sing N N 151 
ILE N   CA   sing N N 152 
ILE N   H    sing N N 153 
ILE N   H2   sing N N 154 
ILE CA  C    sing N N 155 
ILE CA  CB   sing N N 156 
ILE CA  HA   sing N N 157 
ILE C   O    doub N N 158 
ILE C   OXT  sing N N 159 
ILE CB  CG1  sing N N 160 
ILE CB  CG2  sing N N 161 
ILE CB  HB   sing N N 162 
ILE CG1 CD1  sing N N 163 
ILE CG1 HG12 sing N N 164 
ILE CG1 HG13 sing N N 165 
ILE CG2 HG21 sing N N 166 
ILE CG2 HG22 sing N N 167 
ILE CG2 HG23 sing N N 168 
ILE CD1 HD11 sing N N 169 
ILE CD1 HD12 sing N N 170 
ILE CD1 HD13 sing N N 171 
ILE OXT HXT  sing N N 172 
LEU N   CA   sing N N 173 
LEU N   H    sing N N 174 
LEU N   H2   sing N N 175 
LEU CA  C    sing N N 176 
LEU CA  CB   sing N N 177 
LEU CA  HA   sing N N 178 
LEU C   O    doub N N 179 
LEU C   OXT  sing N N 180 
LEU CB  CG   sing N N 181 
LEU CB  HB2  sing N N 182 
LEU CB  HB3  sing N N 183 
LEU CG  CD1  sing N N 184 
LEU CG  CD2  sing N N 185 
LEU CG  HG   sing N N 186 
LEU CD1 HD11 sing N N 187 
LEU CD1 HD12 sing N N 188 
LEU CD1 HD13 sing N N 189 
LEU CD2 HD21 sing N N 190 
LEU CD2 HD22 sing N N 191 
LEU CD2 HD23 sing N N 192 
LEU OXT HXT  sing N N 193 
LYS N   CA   sing N N 194 
LYS N   H    sing N N 195 
LYS N   H2   sing N N 196 
LYS CA  C    sing N N 197 
LYS CA  CB   sing N N 198 
LYS CA  HA   sing N N 199 
LYS C   O    doub N N 200 
LYS C   OXT  sing N N 201 
LYS CB  CG   sing N N 202 
LYS CB  HB2  sing N N 203 
LYS CB  HB3  sing N N 204 
LYS CG  CD   sing N N 205 
LYS CG  HG2  sing N N 206 
LYS CG  HG3  sing N N 207 
LYS CD  CE   sing N N 208 
LYS CD  HD2  sing N N 209 
LYS CD  HD3  sing N N 210 
LYS CE  NZ   sing N N 211 
LYS CE  HE2  sing N N 212 
LYS CE  HE3  sing N N 213 
LYS NZ  HZ1  sing N N 214 
LYS NZ  HZ2  sing N N 215 
LYS NZ  HZ3  sing N N 216 
LYS OXT HXT  sing N N 217 
MET N   CA   sing N N 218 
MET N   H    sing N N 219 
MET N   H2   sing N N 220 
MET CA  C    sing N N 221 
MET CA  CB   sing N N 222 
MET CA  HA   sing N N 223 
MET C   O    doub N N 224 
MET C   OXT  sing N N 225 
MET CB  CG   sing N N 226 
MET CB  HB2  sing N N 227 
MET CB  HB3  sing N N 228 
MET CG  SD   sing N N 229 
MET CG  HG2  sing N N 230 
MET CG  HG3  sing N N 231 
MET SD  CE   sing N N 232 
MET CE  HE1  sing N N 233 
MET CE  HE2  sing N N 234 
MET CE  HE3  sing N N 235 
MET OXT HXT  sing N N 236 
PHE N   CA   sing N N 237 
PHE N   H    sing N N 238 
PHE N   H2   sing N N 239 
PHE CA  C    sing N N 240 
PHE CA  CB   sing N N 241 
PHE CA  HA   sing N N 242 
PHE C   O    doub N N 243 
PHE C   OXT  sing N N 244 
PHE CB  CG   sing N N 245 
PHE CB  HB2  sing N N 246 
PHE CB  HB3  sing N N 247 
PHE CG  CD1  doub Y N 248 
PHE CG  CD2  sing Y N 249 
PHE CD1 CE1  sing Y N 250 
PHE CD1 HD1  sing N N 251 
PHE CD2 CE2  doub Y N 252 
PHE CD2 HD2  sing N N 253 
PHE CE1 CZ   doub Y N 254 
PHE CE1 HE1  sing N N 255 
PHE CE2 CZ   sing Y N 256 
PHE CE2 HE2  sing N N 257 
PHE CZ  HZ   sing N N 258 
PHE OXT HXT  sing N N 259 
PRO N   CA   sing N N 260 
PRO N   CD   sing N N 261 
PRO N   H    sing N N 262 
PRO CA  C    sing N N 263 
PRO CA  CB   sing N N 264 
PRO CA  HA   sing N N 265 
PRO C   O    doub N N 266 
PRO C   OXT  sing N N 267 
PRO CB  CG   sing N N 268 
PRO CB  HB2  sing N N 269 
PRO CB  HB3  sing N N 270 
PRO CG  CD   sing N N 271 
PRO CG  HG2  sing N N 272 
PRO CG  HG3  sing N N 273 
PRO CD  HD2  sing N N 274 
PRO CD  HD3  sing N N 275 
PRO OXT HXT  sing N N 276 
SER N   CA   sing N N 277 
SER N   H    sing N N 278 
SER N   H2   sing N N 279 
SER CA  C    sing N N 280 
SER CA  CB   sing N N 281 
SER CA  HA   sing N N 282 
SER C   O    doub N N 283 
SER C   OXT  sing N N 284 
SER CB  OG   sing N N 285 
SER CB  HB2  sing N N 286 
SER CB  HB3  sing N N 287 
SER OG  HG   sing N N 288 
SER OXT HXT  sing N N 289 
SHV C1  O1   sing N N 290 
SHV C1  O2   doub N N 291 
SHV C1  C2   sing N N 292 
SHV O1  HO1  sing N N 293 
SHV C2  C3   sing N N 294 
SHV C2  H21  sing N N 295 
SHV C2  H22  sing N N 296 
SHV C3  C4   sing N N 297 
SHV C3  H31  sing N N 298 
SHV C3  H32  sing N N 299 
SHV C4  C5   sing N N 300 
SHV C4  H41  sing N N 301 
SHV C4  H42  sing N N 302 
SHV C5  C6   sing N N 303 
SHV C5  H51  sing N N 304 
SHV C5  H52  sing N N 305 
SHV C6  C7   sing N N 306 
SHV C6  H61  sing N N 307 
SHV C6  H62  sing N N 308 
SHV C7  H71  sing N N 309 
SHV C7  H72  sing N N 310 
SHV C7  H73  sing N N 311 
THR N   CA   sing N N 312 
THR N   H    sing N N 313 
THR N   H2   sing N N 314 
THR CA  C    sing N N 315 
THR CA  CB   sing N N 316 
THR CA  HA   sing N N 317 
THR C   O    doub N N 318 
THR C   OXT  sing N N 319 
THR CB  OG1  sing N N 320 
THR CB  CG2  sing N N 321 
THR CB  HB   sing N N 322 
THR OG1 HG1  sing N N 323 
THR CG2 HG21 sing N N 324 
THR CG2 HG22 sing N N 325 
THR CG2 HG23 sing N N 326 
THR OXT HXT  sing N N 327 
TRP N   CA   sing N N 328 
TRP N   H    sing N N 329 
TRP N   H2   sing N N 330 
TRP CA  C    sing N N 331 
TRP CA  CB   sing N N 332 
TRP CA  HA   sing N N 333 
TRP C   O    doub N N 334 
TRP C   OXT  sing N N 335 
TRP CB  CG   sing N N 336 
TRP CB  HB2  sing N N 337 
TRP CB  HB3  sing N N 338 
TRP CG  CD1  doub Y N 339 
TRP CG  CD2  sing Y N 340 
TRP CD1 NE1  sing Y N 341 
TRP CD1 HD1  sing N N 342 
TRP CD2 CE2  doub Y N 343 
TRP CD2 CE3  sing Y N 344 
TRP NE1 CE2  sing Y N 345 
TRP NE1 HE1  sing N N 346 
TRP CE2 CZ2  sing Y N 347 
TRP CE3 CZ3  doub Y N 348 
TRP CE3 HE3  sing N N 349 
TRP CZ2 CH2  doub Y N 350 
TRP CZ2 HZ2  sing N N 351 
TRP CZ3 CH2  sing Y N 352 
TRP CZ3 HZ3  sing N N 353 
TRP CH2 HH2  sing N N 354 
TRP OXT HXT  sing N N 355 
TYR N   CA   sing N N 356 
TYR N   H    sing N N 357 
TYR N   H2   sing N N 358 
TYR CA  C    sing N N 359 
TYR CA  CB   sing N N 360 
TYR CA  HA   sing N N 361 
TYR C   O    doub N N 362 
TYR C   OXT  sing N N 363 
TYR CB  CG   sing N N 364 
TYR CB  HB2  sing N N 365 
TYR CB  HB3  sing N N 366 
TYR CG  CD1  doub Y N 367 
TYR CG  CD2  sing Y N 368 
TYR CD1 CE1  sing Y N 369 
TYR CD1 HD1  sing N N 370 
TYR CD2 CE2  doub Y N 371 
TYR CD2 HD2  sing N N 372 
TYR CE1 CZ   doub Y N 373 
TYR CE1 HE1  sing N N 374 
TYR CE2 CZ   sing Y N 375 
TYR CE2 HE2  sing N N 376 
TYR CZ  OH   sing N N 377 
TYR OH  HH   sing N N 378 
TYR OXT HXT  sing N N 379 
VAL N   CA   sing N N 380 
VAL N   H    sing N N 381 
VAL N   H2   sing N N 382 
VAL CA  C    sing N N 383 
VAL CA  CB   sing N N 384 
VAL CA  HA   sing N N 385 
VAL C   O    doub N N 386 
VAL C   OXT  sing N N 387 
VAL CB  CG1  sing N N 388 
VAL CB  CG2  sing N N 389 
VAL CB  HB   sing N N 390 
VAL CG1 HG11 sing N N 391 
VAL CG1 HG12 sing N N 392 
VAL CG1 HG13 sing N N 393 
VAL CG2 HG21 sing N N 394 
VAL CG2 HG22 sing N N 395 
VAL CG2 HG23 sing N N 396 
VAL OXT HXT  sing N N 397 
# 
_atom_sites.entry_id                    1PO8 
_atom_sites.fract_transf_matrix[1][1]   -0.01428192 
_atom_sites.fract_transf_matrix[1][2]   0.01188723 
_atom_sites.fract_transf_matrix[1][3]   0.00058795 
_atom_sites.fract_transf_matrix[2][1]   0.01184744 
_atom_sites.fract_transf_matrix[2][2]   0.01428703 
_atom_sites.fract_transf_matrix[2][3]   -0.00106979 
_atom_sites.fract_transf_matrix[3][1]   -0.00074057 
_atom_sites.fract_transf_matrix[3][2]   -0.00029153 
_atom_sites.fract_transf_matrix[3][3]   -0.01209484 
_atom_sites.fract_transf_vector[1]      0.058221 
_atom_sites.fract_transf_vector[2]      0.505081 
_atom_sites.fract_transf_vector[3]      0.061785 
# 
loop_
_atom_type.symbol 
C  
N  
NA 
O  
S  
# 
loop_
_atom_site.group_PDB 
_atom_site.id 
_atom_site.type_symbol 
_atom_site.label_atom_id 
_atom_site.label_alt_id 
_atom_site.label_comp_id 
_atom_site.label_asym_id 
_atom_site.label_entity_id 
_atom_site.label_seq_id 
_atom_site.pdbx_PDB_ins_code 
_atom_site.Cartn_x 
_atom_site.Cartn_y 
_atom_site.Cartn_z 
_atom_site.occupancy 
_atom_site.B_iso_or_equiv 
_atom_site.pdbx_formal_charge 
_atom_site.auth_seq_id 
_atom_site.auth_comp_id 
_atom_site.auth_asym_id 
_atom_site.auth_atom_id 
_atom_site.pdbx_PDB_model_num 
ATOM   1   N  N   . ASN A 1 1   ? -3.015  7.444   6.302   1.00 26.17 ? 1   ASN A N   1 
ATOM   2   C  CA  . ASN A 1 1   ? -2.824  6.946   7.697   1.00 24.16 ? 1   ASN A CA  1 
ATOM   3   C  C   . ASN A 1 1   ? -2.551  5.446   7.637   1.00 22.26 ? 1   ASN A C   1 
ATOM   4   O  O   . ASN A 1 1   ? -3.313  4.687   7.052   1.00 20.10 ? 1   ASN A O   1 
ATOM   5   C  CB  . ASN A 1 1   ? -4.082  7.230   8.516   1.00 25.66 ? 1   ASN A CB  1 
ATOM   6   C  CG  . ASN A 1 1   ? -3.915  6.897   9.979   1.00 24.97 ? 1   ASN A CG  1 
ATOM   7   O  OD1 . ASN A 1 1   ? -3.467  5.809   10.327  1.00 25.35 ? 1   ASN A OD1 1 
ATOM   8   N  ND2 . ASN A 1 1   ? -4.292  7.831   10.849  1.00 23.95 ? 1   ASN A ND2 1 
ATOM   9   N  N   . LEU A 1 2   ? -1.453  5.025   8.250   1.00 22.96 ? 2   LEU A N   1 
ATOM   10  C  CA  . LEU A 1 2   ? -1.059  3.620   8.240   1.00 22.60 ? 2   LEU A CA  1 
ATOM   11  C  C   . LEU A 1 2   ? -2.168  2.671   8.700   1.00 22.42 ? 2   LEU A C   1 
ATOM   12  O  O   . LEU A 1 2   ? -2.328  1.581   8.141   1.00 21.06 ? 2   LEU A O   1 
ATOM   13  C  CB  . LEU A 1 2   ? 0.212   3.440   9.082   1.00 21.97 ? 2   LEU A CB  1 
ATOM   14  C  CG  . LEU A 1 2   ? 1.274   2.512   8.469   1.00 22.08 ? 2   LEU A CG  1 
ATOM   15  C  CD1 . LEU A 1 2   ? 1.465   2.835   6.994   1.00 22.52 ? 2   LEU A CD1 1 
ATOM   16  C  CD2 . LEU A 1 2   ? 2.581   2.659   9.215   1.00 20.13 ? 2   LEU A CD2 1 
ATOM   17  N  N   . TYR A 1 3   ? -2.940  3.081   9.706   1.00 22.55 ? 3   TYR A N   1 
ATOM   18  C  CA  . TYR A 1 3   ? -4.037  2.249   10.194  1.00 21.82 ? 3   TYR A CA  1 
ATOM   19  C  C   . TYR A 1 3   ? -5.229  2.241   9.219   1.00 21.83 ? 3   TYR A C   1 
ATOM   20  O  O   . TYR A 1 3   ? -5.828  1.194   8.977   1.00 21.38 ? 3   TYR A O   1 
ATOM   21  C  CB  . TYR A 1 3   ? -4.492  2.717   11.575  1.00 21.71 ? 3   TYR A CB  1 
ATOM   22  C  CG  . TYR A 1 3   ? -5.534  1.806   12.204  1.00 22.01 ? 3   TYR A CG  1 
ATOM   23  C  CD1 . TYR A 1 3   ? -6.840  2.252   12.446  1.00 22.56 ? 3   TYR A CD1 1 
ATOM   24  C  CD2 . TYR A 1 3   ? -5.224  0.488   12.535  1.00 21.49 ? 3   TYR A CD2 1 
ATOM   25  C  CE1 . TYR A 1 3   ? -7.812  1.400   12.998  1.00 22.82 ? 3   TYR A CE1 1 
ATOM   26  C  CE2 . TYR A 1 3   ? -6.181  -0.368  13.089  1.00 22.66 ? 3   TYR A CE2 1 
ATOM   27  C  CZ  . TYR A 1 3   ? -7.475  0.091   13.318  1.00 23.28 ? 3   TYR A CZ  1 
ATOM   28  O  OH  . TYR A 1 3   ? -8.427  -0.761  13.857  1.00 23.14 ? 3   TYR A OH  1 
ATOM   29  N  N   . GLN A 1 4   ? -5.582  3.398   8.669   1.00 21.92 ? 4   GLN A N   1 
ATOM   30  C  CA  . GLN A 1 4   ? -6.685  3.460   7.704   1.00 24.25 ? 4   GLN A CA  1 
ATOM   31  C  C   . GLN A 1 4   ? -6.321  2.578   6.510   1.00 24.32 ? 4   GLN A C   1 
ATOM   32  O  O   . GLN A 1 4   ? -7.167  1.865   5.963   1.00 25.28 ? 4   GLN A O   1 
ATOM   33  C  CB  . GLN A 1 4   ? -6.922  4.898   7.212   1.00 25.00 ? 4   GLN A CB  1 
ATOM   34  C  CG  . GLN A 1 4   ? -7.390  5.874   8.284   1.00 25.86 ? 4   GLN A CG  1 
ATOM   35  C  CD  . GLN A 1 4   ? -7.441  7.306   7.782   1.00 26.59 ? 4   GLN A CD  1 
ATOM   36  O  OE1 . GLN A 1 4   ? -6.500  7.792   7.155   1.00 28.21 ? 4   GLN A OE1 1 
ATOM   37  N  NE2 . GLN A 1 4   ? -8.534  7.992   8.068   1.00 27.65 ? 4   GLN A NE2 1 
ATOM   38  N  N   . LEU A 1 5   ? -5.059  2.640   6.104   1.00 23.71 ? 5   LEU A N   1 
ATOM   39  C  CA  . LEU A 1 5   ? -4.575  1.834   4.999   1.00 23.51 ? 5   LEU A CA  1 
ATOM   40  C  C   . LEU A 1 5   ? -4.843  0.355   5.289   1.00 25.48 ? 5   LEU A C   1 
ATOM   41  O  O   . LEU A 1 5   ? -5.209  -0.416  4.393   1.00 25.66 ? 5   LEU A O   1 
ATOM   42  C  CB  . LEU A 1 5   ? -3.080  2.068   4.811   1.00 21.88 ? 5   LEU A CB  1 
ATOM   43  C  CG  . LEU A 1 5   ? -2.314  1.017   4.009   1.00 19.65 ? 5   LEU A CG  1 
ATOM   44  C  CD1 . LEU A 1 5   ? -2.959  0.834   2.654   1.00 18.71 ? 5   LEU A CD1 1 
ATOM   45  C  CD2 . LEU A 1 5   ? -0.858  1.440   3.878   1.00 19.20 ? 5   LEU A CD2 1 
ATOM   46  N  N   . MET A 1 6   ? -4.664  -0.039  6.547   1.00 26.47 ? 6   MET A N   1 
ATOM   47  C  CA  . MET A 1 6   ? -4.898  -1.424  6.928   1.00 27.30 ? 6   MET A CA  1 
ATOM   48  C  C   . MET A 1 6   ? -6.314  -1.799  6.551   1.00 26.87 ? 6   MET A C   1 
ATOM   49  O  O   . MET A 1 6   ? -6.552  -2.847  5.954   1.00 26.76 ? 6   MET A O   1 
ATOM   50  C  CB  . MET A 1 6   ? -4.723  -1.631  8.433   1.00 28.94 ? 6   MET A CB  1 
ATOM   51  C  CG  . MET A 1 6   ? -4.938  -3.082  8.845   1.00 30.91 ? 6   MET A CG  1 
ATOM   52  S  SD  . MET A 1 6   ? -4.999  -3.384  10.620  1.00 32.44 ? 6   MET A SD  1 
ATOM   53  C  CE  . MET A 1 6   ? -6.687  -4.124  10.817  1.00 31.03 ? 6   MET A CE  1 
ATOM   54  N  N   . ASN A 1 7   ? -7.250  -0.927  6.903   1.00 27.09 ? 7   ASN A N   1 
ATOM   55  C  CA  . ASN A 1 7   ? -8.660  -1.154  6.623   1.00 28.22 ? 7   ASN A CA  1 
ATOM   56  C  C   . ASN A 1 7   ? -9.044  -1.174  5.147   1.00 27.19 ? 7   ASN A C   1 
ATOM   57  O  O   . ASN A 1 7   ? -9.973  -1.874  4.757   1.00 24.83 ? 7   ASN A O   1 
ATOM   58  C  CB  . ASN A 1 7   ? -9.499  -0.121  7.363   1.00 31.60 ? 7   ASN A CB  1 
ATOM   59  C  CG  . ASN A 1 7   ? -9.423  -0.296  8.855   1.00 33.75 ? 7   ASN A CG  1 
ATOM   60  O  OD1 . ASN A 1 7   ? -9.029  -1.362  9.343   1.00 35.30 ? 7   ASN A OD1 1 
ATOM   61  N  ND2 . ASN A 1 7   ? -9.814  0.736   9.597   1.00 34.94 ? 7   ASN A ND2 1 
ATOM   62  N  N   . MET A 1 8   ? -8.360  -0.394  4.325   1.00 26.93 ? 8   MET A N   1 
ATOM   63  C  CA  . MET A 1 8   ? -8.674  -0.424  2.914   1.00 27.60 ? 8   MET A CA  1 
ATOM   64  C  C   . MET A 1 8   ? -8.301  -1.833  2.460   1.00 29.20 ? 8   MET A C   1 
ATOM   65  O  O   . MET A 1 8   ? -9.023  -2.483  1.701   1.00 29.82 ? 8   MET A O   1 
ATOM   66  C  CB  . MET A 1 8   ? -7.854  0.617   2.159   1.00 26.45 ? 8   MET A CB  1 
ATOM   67  C  CG  . MET A 1 8   ? -8.187  2.048   2.539   1.00 25.48 ? 8   MET A CG  1 
ATOM   68  S  SD  . MET A 1 8   ? -7.464  3.283   1.431   1.00 24.01 ? 8   MET A SD  1 
ATOM   69  C  CE  . MET A 1 8   ? -8.612  4.568   1.564   1.00 25.47 ? 8   MET A CE  1 
ATOM   70  N  N   . ILE A 1 9   ? -7.167  -2.313  2.940   1.00 29.54 ? 9   ILE A N   1 
ATOM   71  C  CA  . ILE A 1 9   ? -6.743  -3.649  2.586   1.00 31.18 ? 9   ILE A CA  1 
ATOM   72  C  C   . ILE A 1 9   ? -7.779  -4.645  3.110   1.00 33.31 ? 9   ILE A C   1 
ATOM   73  O  O   . ILE A 1 9   ? -8.106  -5.626  2.444   1.00 34.45 ? 9   ILE A O   1 
ATOM   74  C  CB  . ILE A 1 9   ? -5.350  -3.949  3.179   1.00 31.55 ? 9   ILE A CB  1 
ATOM   75  C  CG1 . ILE A 1 9   ? -4.320  -3.025  2.524   1.00 31.10 ? 9   ILE A CG1 1 
ATOM   76  C  CG2 . ILE A 1 9   ? -4.989  -5.417  2.985   1.00 29.94 ? 9   ILE A CG2 1 
ATOM   77  C  CD1 . ILE A 1 9   ? -2.924  -3.203  3.027   1.00 31.26 ? 9   ILE A CD1 1 
ATOM   78  N  N   . GLN A 1 10  ? -8.309  -4.382  4.299   1.00 35.07 ? 10  GLN A N   1 
ATOM   79  C  CA  . GLN A 1 10  ? -9.304  -5.270  4.899   1.00 37.54 ? 10  GLN A CA  1 
ATOM   80  C  C   . GLN A 1 10  ? -10.590 -5.225  4.063   1.00 38.21 ? 10  GLN A C   1 
ATOM   81  O  O   . GLN A 1 10  ? -11.131 -6.263  3.679   1.00 38.45 ? 10  GLN A O   1 
ATOM   82  C  CB  . GLN A 1 10  ? -9.578  -4.831  6.353   1.00 37.75 ? 10  GLN A CB  1 
ATOM   83  C  CG  . GLN A 1 10  ? -9.992  -5.958  7.312   1.00 38.40 ? 10  GLN A CG  1 
ATOM   84  C  CD  . GLN A 1 10  ? -9.651  -5.649  8.774   1.00 36.64 ? 10  GLN A CD  1 
ATOM   85  O  OE1 . GLN A 1 10  ? -10.389 -4.951  9.459   1.00 38.87 ? 10  GLN A OE1 1 
ATOM   86  N  NE2 . GLN A 1 10  ? -8.517  -6.160  9.244   1.00 36.91 ? 10  GLN A NE2 1 
ATOM   87  N  N   . CYS A 1 11  ? -11.036 -4.003  3.769   1.00 39.38 ? 11  CYS A N   1 
ATOM   88  C  CA  . CYS A 1 11  ? -12.241 -3.700  2.990   1.00 40.00 ? 11  CYS A CA  1 
ATOM   89  C  C   . CYS A 1 11  ? -12.263 -4.186  1.533   1.00 41.11 ? 11  CYS A C   1 
ATOM   90  O  O   . CYS A 1 11  ? -13.328 -4.235  0.919   1.00 41.88 ? 11  CYS A O   1 
ATOM   91  C  CB  . CYS A 1 11  ? -12.466 -2.175  2.994   1.00 39.92 ? 11  CYS A CB  1 
ATOM   92  S  SG  . CYS A 1 11  ? -13.880 -1.575  2.006   1.00 39.01 ? 11  CYS A SG  1 
ATOM   93  N  N   . ALA A 1 12  ? -11.113 -4.553  0.975   1.00 42.09 ? 12  ALA A N   1 
ATOM   94  C  CA  . ALA A 1 12  ? -11.075 -4.967  -0.424  1.00 42.90 ? 12  ALA A CA  1 
ATOM   95  C  C   . ALA A 1 12  ? -10.533 -6.354  -0.743  1.00 43.60 ? 12  ALA A C   1 
ATOM   96  O  O   . ALA A 1 12  ? -10.490 -6.720  -1.912  1.00 44.90 ? 12  ALA A O   1 
ATOM   97  C  CB  . ALA A 1 12  ? -10.296 -3.927  -1.243  1.00 42.41 ? 12  ALA A CB  1 
ATOM   98  N  N   . ASN A 1 13  ? -10.128 -7.129  0.260   1.00 43.43 ? 13  ASN A N   1 
ATOM   99  C  CA  . ASN A 1 13  ? -9.581  -8.453  -0.013  1.00 45.03 ? 13  ASN A CA  1 
ATOM   100 C  C   . ASN A 1 13  ? -10.026 -9.490  1.003   1.00 46.32 ? 13  ASN A C   1 
ATOM   101 O  O   . ASN A 1 13  ? -10.833 -9.206  1.888   1.00 47.63 ? 13  ASN A O   1 
ATOM   102 C  CB  . ASN A 1 13  ? -8.051  -8.392  -0.020  1.00 46.25 ? 13  ASN A CB  1 
ATOM   103 C  CG  . ASN A 1 13  ? -7.404  -9.609  -0.683  1.00 47.58 ? 13  ASN A CG  1 
ATOM   104 O  OD1 . ASN A 1 13  ? -6.181  -9.743  -0.666  1.00 47.16 ? 13  ASN A OD1 1 
ATOM   105 N  ND2 . ASN A 1 13  ? -8.218  -10.490 -1.273  1.00 47.03 ? 13  ASN A ND2 1 
ATOM   106 N  N   . THR A 1 14  ? -9.482  -10.696 0.860   1.00 46.88 ? 14  THR A N   1 
ATOM   107 C  CA  . THR A 1 14  ? -9.770  -11.821 1.744   1.00 46.88 ? 14  THR A CA  1 
ATOM   108 C  C   . THR A 1 14  ? -8.532  -12.004 2.620   1.00 46.06 ? 14  THR A C   1 
ATOM   109 O  O   . THR A 1 14  ? -8.623  -12.404 3.782   1.00 46.69 ? 14  THR A O   1 
ATOM   110 C  CB  . THR A 1 14  ? -9.994  -13.132 0.937   1.00 47.76 ? 14  THR A CB  1 
ATOM   111 O  OG1 . THR A 1 14  ? -8.738  -13.796 0.726   1.00 47.79 ? 14  THR A OG1 1 
ATOM   112 C  CG2 . THR A 1 14  ? -10.605 -12.820 -0.425  1.00 47.96 ? 14  THR A CG2 1 
ATOM   113 N  N   . ARG A 1 15  ? -7.374  -11.699 2.039   1.00 45.38 ? 17  ARG A N   1 
ATOM   114 C  CA  . ARG A 1 15  ? -6.103  -11.832 2.726   1.00 44.55 ? 17  ARG A CA  1 
ATOM   115 C  C   . ARG A 1 15  ? -5.943  -10.805 3.830   1.00 43.64 ? 17  ARG A C   1 
ATOM   116 O  O   . ARG A 1 15  ? -6.166  -9.608  3.635   1.00 43.33 ? 17  ARG A O   1 
ATOM   117 C  CB  . ARG A 1 15  ? -4.952  -11.698 1.737   1.00 44.31 ? 17  ARG A CB  1 
ATOM   118 C  CG  . ARG A 1 15  ? -5.111  -12.564 0.517   1.00 45.84 ? 17  ARG A CG  1 
ATOM   119 C  CD  . ARG A 1 15  ? -3.815  -12.680 -0.255  1.00 47.76 ? 17  ARG A CD  1 
ATOM   120 N  NE  . ARG A 1 15  ? -4.086  -13.024 -1.645  1.00 50.53 ? 17  ARG A NE  1 
ATOM   121 C  CZ  . ARG A 1 15  ? -4.270  -12.125 -2.611  1.00 52.02 ? 17  ARG A CZ  1 
ATOM   122 N  NH1 . ARG A 1 15  ? -4.197  -10.825 -2.338  1.00 51.60 ? 17  ARG A NH1 1 
ATOM   123 N  NH2 . ARG A 1 15  ? -4.558  -12.522 -3.845  1.00 52.37 ? 17  ARG A NH2 1 
ATOM   124 N  N   . THR A 1 16  ? -5.537  -11.302 4.988   1.00 43.54 ? 18  THR A N   1 
ATOM   125 C  CA  . THR A 1 16  ? -5.327  -10.502 6.181   1.00 43.58 ? 18  THR A CA  1 
ATOM   126 C  C   . THR A 1 16  ? -4.096  -9.569  6.145   1.00 43.14 ? 18  THR A C   1 
ATOM   127 O  O   . THR A 1 16  ? -3.328  -9.551  5.188   1.00 41.99 ? 18  THR A O   1 
ATOM   128 C  CB  . THR A 1 16  ? -5.210  -11.438 7.372   1.00 45.28 ? 18  THR A CB  1 
ATOM   129 O  OG1 . THR A 1 16  ? -4.111  -12.326 7.150   1.00 45.53 ? 18  THR A OG1 1 
ATOM   130 C  CG2 . THR A 1 16  ? -6.456  -12.280 7.500   1.00 43.87 ? 18  THR A CG2 1 
ATOM   131 N  N   . TRP A 1 17  ? -3.919  -8.808  7.220   1.00 43.98 ? 19  TRP A N   1 
ATOM   132 C  CA  . TRP A 1 17  ? -2.836  -7.840  7.367   1.00 45.51 ? 19  TRP A CA  1 
ATOM   133 C  C   . TRP A 1 17  ? -1.416  -8.437  7.320   1.00 44.70 ? 19  TRP A C   1 
ATOM   134 O  O   . TRP A 1 17  ? -0.680  -8.169  6.368   1.00 44.99 ? 19  TRP A O   1 
ATOM   135 C  CB  . TRP A 1 17  ? -3.072  -7.047  8.665   1.00 47.87 ? 19  TRP A CB  1 
ATOM   136 C  CG  . TRP A 1 17  ? -2.136  -5.915  8.923   1.00 50.28 ? 19  TRP A CG  1 
ATOM   137 C  CD1 . TRP A 1 17  ? -1.382  -5.717  10.044  1.00 50.73 ? 19  TRP A CD1 1 
ATOM   138 C  CD2 . TRP A 1 17  ? -1.873  -4.805  8.059   1.00 52.35 ? 19  TRP A CD2 1 
ATOM   139 N  NE1 . TRP A 1 17  ? -0.665  -4.550  9.933   1.00 52.74 ? 19  TRP A NE1 1 
ATOM   140 C  CE2 . TRP A 1 17  ? -0.951  -3.966  8.727   1.00 53.13 ? 19  TRP A CE2 1 
ATOM   141 C  CE3 . TRP A 1 17  ? -2.337  -4.429  6.791   1.00 53.11 ? 19  TRP A CE3 1 
ATOM   142 C  CZ2 . TRP A 1 17  ? -0.469  -2.774  8.155   1.00 53.56 ? 19  TRP A CZ2 1 
ATOM   143 C  CZ3 . TRP A 1 17  ? -1.859  -3.243  6.225   1.00 53.22 ? 19  TRP A CZ3 1 
ATOM   144 C  CH2 . TRP A 1 17  ? -0.938  -2.429  6.913   1.00 52.81 ? 19  TRP A CH2 1 
ATOM   145 N  N   . PRO A 1 18  ? -1.012  -9.249  8.327   1.00 44.51 ? 20  PRO A N   1 
ATOM   146 C  CA  . PRO A 1 18  ? 0.325   -9.863  8.361   1.00 44.61 ? 20  PRO A CA  1 
ATOM   147 C  C   . PRO A 1 18  ? 0.659   -10.502 7.032   1.00 44.46 ? 20  PRO A C   1 
ATOM   148 O  O   . PRO A 1 18  ? 1.819   -10.809 6.743   1.00 45.21 ? 20  PRO A O   1 
ATOM   149 C  CB  . PRO A 1 18  ? 0.197   -10.918 9.446   1.00 44.10 ? 20  PRO A CB  1 
ATOM   150 C  CG  . PRO A 1 18  ? -0.746  -10.296 10.386  1.00 45.12 ? 20  PRO A CG  1 
ATOM   151 C  CD  . PRO A 1 18  ? -1.809  -9.737  9.464   1.00 44.80 ? 20  PRO A CD  1 
ATOM   152 N  N   . SER A 1 19  ? -0.386  -10.733 6.246   1.00 42.84 ? 21  SER A N   1 
ATOM   153 C  CA  . SER A 1 19  ? -0.248  -11.328 4.933   1.00 40.64 ? 21  SER A CA  1 
ATOM   154 C  C   . SER A 1 19  ? 0.630   -10.440 4.061   1.00 38.34 ? 21  SER A C   1 
ATOM   155 O  O   . SER A 1 19  ? 1.342   -10.921 3.186   1.00 37.95 ? 21  SER A O   1 
ATOM   156 C  CB  . SER A 1 19  ? -1.624  -11.482 4.292   1.00 41.47 ? 21  SER A CB  1 
ATOM   157 O  OG  . SER A 1 19  ? -1.516  -11.846 2.927   1.00 44.37 ? 21  SER A OG  1 
ATOM   158 N  N   . TYR A 1 20  ? 0.591   -9.140  4.315   1.00 36.39 ? 22  TYR A N   1 
ATOM   159 C  CA  . TYR A 1 20  ? 1.371   -8.211  3.521   1.00 36.77 ? 22  TYR A CA  1 
ATOM   160 C  C   . TYR A 1 20  ? 2.538   -7.572  4.255   1.00 37.63 ? 22  TYR A C   1 
ATOM   161 O  O   . TYR A 1 20  ? 3.479   -7.069  3.622   1.00 36.81 ? 22  TYR A O   1 
ATOM   162 C  CB  . TYR A 1 20  ? 0.461   -7.113  2.979   1.00 35.57 ? 22  TYR A CB  1 
ATOM   163 C  CG  . TYR A 1 20  ? -0.681  -7.640  2.149   1.00 34.51 ? 22  TYR A CG  1 
ATOM   164 C  CD1 . TYR A 1 20  ? -1.950  -7.814  2.702   1.00 33.50 ? 22  TYR A CD1 1 
ATOM   165 C  CD2 . TYR A 1 20  ? -0.493  -7.978  0.811   1.00 33.67 ? 22  TYR A CD2 1 
ATOM   166 C  CE1 . TYR A 1 20  ? -3.003  -8.308  1.940   1.00 32.15 ? 22  TYR A CE1 1 
ATOM   167 C  CE2 . TYR A 1 20  ? -1.537  -8.473  0.044   1.00 32.77 ? 22  TYR A CE2 1 
ATOM   168 C  CZ  . TYR A 1 20  ? -2.786  -8.629  0.612   1.00 32.11 ? 22  TYR A CZ  1 
ATOM   169 O  OH  . TYR A 1 20  ? -3.826  -9.069  -0.159  1.00 31.56 ? 22  TYR A OH  1 
ATOM   170 N  N   . THR A 1 21  ? 2.479   -7.594  5.584   1.00 38.95 ? 23  THR A N   1 
ATOM   171 C  CA  . THR A 1 21  ? 3.514   -6.980  6.404   1.00 39.90 ? 23  THR A CA  1 
ATOM   172 C  C   . THR A 1 21  ? 4.930   -7.237  5.912   1.00 38.91 ? 23  THR A C   1 
ATOM   173 O  O   . THR A 1 21  ? 5.777   -6.348  5.965   1.00 38.07 ? 23  THR A O   1 
ATOM   174 C  CB  . THR A 1 21  ? 3.368   -7.400  7.890   1.00 41.31 ? 23  THR A CB  1 
ATOM   175 O  OG1 . THR A 1 21  ? 2.589   -6.414  8.580   1.00 41.65 ? 23  THR A OG1 1 
ATOM   176 C  CG2 . THR A 1 21  ? 4.712   -7.500  8.564   1.00 41.08 ? 23  THR A CG2 1 
ATOM   177 N  N   . ASN A 1 22  ? 5.187   -8.439  5.422   1.00 38.65 ? 24  ASN A N   1 
ATOM   178 C  CA  . ASN A 1 22  ? 6.518   -8.755  4.916   1.00 40.17 ? 24  ASN A CA  1 
ATOM   179 C  C   . ASN A 1 22  ? 6.393   -9.825  3.833   1.00 39.00 ? 24  ASN A C   1 
ATOM   180 O  O   . ASN A 1 22  ? 6.400   -11.025 4.126   1.00 40.19 ? 24  ASN A O   1 
ATOM   181 C  CB  . ASN A 1 22  ? 7.410   -9.236  6.072   1.00 41.80 ? 24  ASN A CB  1 
ATOM   182 C  CG  . ASN A 1 22  ? 8.889   -9.238  5.717   1.00 42.83 ? 24  ASN A CG  1 
ATOM   183 O  OD1 . ASN A 1 22  ? 9.359   -10.070 4.937   1.00 44.14 ? 24  ASN A OD1 1 
ATOM   184 N  ND2 . ASN A 1 22  ? 9.631   -8.300  6.293   1.00 43.76 ? 24  ASN A ND2 1 
ATOM   185 N  N   . TYR A 1 23  ? 6.259   -9.378  2.586   1.00 36.24 ? 25  TYR A N   1 
ATOM   186 C  CA  . TYR A 1 23  ? 6.111   -10.272 1.448   1.00 33.64 ? 25  TYR A CA  1 
ATOM   187 C  C   . TYR A 1 23  ? 6.938   -9.725  0.310   1.00 32.36 ? 25  TYR A C   1 
ATOM   188 O  O   . TYR A 1 23  ? 6.983   -8.512  0.109   1.00 32.16 ? 25  TYR A O   1 
ATOM   189 C  CB  . TYR A 1 23  ? 4.640   -10.343 1.043   1.00 33.56 ? 25  TYR A CB  1 
ATOM   190 C  CG  . TYR A 1 23  ? 4.363   -11.047 -0.269  1.00 33.79 ? 25  TYR A CG  1 
ATOM   191 C  CD1 . TYR A 1 23  ? 4.690   -10.457 -1.493  1.00 32.15 ? 25  TYR A CD1 1 
ATOM   192 C  CD2 . TYR A 1 23  ? 3.753   -12.302 -0.285  1.00 33.81 ? 25  TYR A CD2 1 
ATOM   193 C  CE1 . TYR A 1 23  ? 4.417   -11.101 -2.691  1.00 32.52 ? 25  TYR A CE1 1 
ATOM   194 C  CE2 . TYR A 1 23  ? 3.474   -12.953 -1.479  1.00 33.18 ? 25  TYR A CE2 1 
ATOM   195 C  CZ  . TYR A 1 23  ? 3.805   -12.349 -2.678  1.00 33.42 ? 25  TYR A CZ  1 
ATOM   196 O  OH  . TYR A 1 23  ? 3.498   -12.994 -3.860  1.00 35.56 ? 25  TYR A OH  1 
ATOM   197 N  N   . GLY A 1 24  ? 7.595   -10.613 -0.430  1.00 30.73 ? 26  GLY A N   1 
ATOM   198 C  CA  . GLY A 1 24  ? 8.417   -10.177 -1.544  1.00 30.91 ? 26  GLY A CA  1 
ATOM   199 C  C   . GLY A 1 24  ? 9.538   -9.217  -1.168  1.00 31.21 ? 26  GLY A C   1 
ATOM   200 O  O   . GLY A 1 24  ? 10.019  -9.223  -0.037  1.00 29.97 ? 26  GLY A O   1 
ATOM   201 N  N   . CYS A 1 25  ? 9.945   -8.381  -2.124  1.00 32.62 ? 27  CYS A N   1 
ATOM   202 C  CA  . CYS A 1 25  ? 11.023  -7.408  -1.930  1.00 33.05 ? 27  CYS A CA  1 
ATOM   203 C  C   . CYS A 1 25  ? 10.600  -5.993  -1.523  1.00 32.02 ? 27  CYS A C   1 
ATOM   204 O  O   . CYS A 1 25  ? 11.430  -5.219  -1.035  1.00 30.36 ? 27  CYS A O   1 
ATOM   205 C  CB  . CYS A 1 25  ? 11.861  -7.281  -3.203  1.00 36.37 ? 27  CYS A CB  1 
ATOM   206 S  SG  . CYS A 1 25  ? 12.889  -8.716  -3.651  1.00 41.27 ? 27  CYS A SG  1 
ATOM   207 N  N   . TYR A 1 26  ? 9.329   -5.651  -1.725  1.00 31.02 ? 28  TYR A N   1 
ATOM   208 C  CA  . TYR A 1 26  ? 8.855   -4.312  -1.395  1.00 30.31 ? 28  TYR A CA  1 
ATOM   209 C  C   . TYR A 1 26  ? 7.698   -4.204  -0.407  1.00 31.05 ? 28  TYR A C   1 
ATOM   210 O  O   . TYR A 1 26  ? 7.514   -3.160  0.209   1.00 32.17 ? 28  TYR A O   1 
ATOM   211 C  CB  . TYR A 1 26  ? 8.477   -3.558  -2.677  1.00 30.45 ? 28  TYR A CB  1 
ATOM   212 C  CG  . TYR A 1 26  ? 9.665   -3.032  -3.458  1.00 29.35 ? 28  TYR A CG  1 
ATOM   213 C  CD1 . TYR A 1 26  ? 10.332  -3.834  -4.380  1.00 28.06 ? 28  TYR A CD1 1 
ATOM   214 C  CD2 . TYR A 1 26  ? 10.167  -1.748  -3.215  1.00 29.56 ? 28  TYR A CD2 1 
ATOM   215 C  CE1 . TYR A 1 26  ? 11.471  -3.375  -5.040  1.00 28.36 ? 28  TYR A CE1 1 
ATOM   216 C  CE2 . TYR A 1 26  ? 11.305  -1.282  -3.865  1.00 28.46 ? 28  TYR A CE2 1 
ATOM   217 C  CZ  . TYR A 1 26  ? 11.954  -2.100  -4.775  1.00 28.68 ? 28  TYR A CZ  1 
ATOM   218 O  OH  . TYR A 1 26  ? 13.079  -1.639  -5.423  1.00 27.51 ? 28  TYR A OH  1 
ATOM   219 N  N   . CYS A 1 27  ? 6.895   -5.247  -0.260  1.00 30.46 ? 29  CYS A N   1 
ATOM   220 C  CA  . CYS A 1 27  ? 5.801   -5.150  0.687   1.00 31.15 ? 29  CYS A CA  1 
ATOM   221 C  C   . CYS A 1 27  ? 6.431   -5.123  2.066   1.00 33.18 ? 29  CYS A C   1 
ATOM   222 O  O   . CYS A 1 27  ? 7.086   -6.083  2.478   1.00 34.71 ? 29  CYS A O   1 
ATOM   223 C  CB  . CYS A 1 27  ? 4.861   -6.341  0.536   1.00 30.04 ? 29  CYS A CB  1 
ATOM   224 S  SG  . CYS A 1 27  ? 4.188   -6.458  -1.148  1.00 26.49 ? 29  CYS A SG  1 
ATOM   225 N  N   . GLY A 1 28  ? 6.246   -4.008  2.765   1.00 33.84 ? 30  GLY A N   1 
ATOM   226 C  CA  . GLY A 1 28  ? 6.830   -3.849  4.082   1.00 35.99 ? 30  GLY A CA  1 
ATOM   227 C  C   . GLY A 1 28  ? 7.558   -2.522  4.080   1.00 37.90 ? 30  GLY A C   1 
ATOM   228 O  O   . GLY A 1 28  ? 7.428   -1.766  3.120   1.00 38.34 ? 30  GLY A O   1 
ATOM   229 N  N   . LYS A 1 29  ? 8.311   -2.223  5.136   1.00 38.97 ? 31  LYS A N   1 
ATOM   230 C  CA  . LYS A 1 29  ? 9.056   -0.959  5.215   1.00 38.86 ? 31  LYS A CA  1 
ATOM   231 C  C   . LYS A 1 29  ? 10.229  -0.925  4.219   1.00 38.22 ? 31  LYS A C   1 
ATOM   232 O  O   . LYS A 1 29  ? 11.058  -1.833  4.183   1.00 36.77 ? 31  LYS A O   1 
ATOM   233 C  CB  . LYS A 1 29  ? 9.577   -0.746  6.647   1.00 38.96 ? 31  LYS A CB  1 
ATOM   234 C  CG  . LYS A 1 29  ? 10.637  0.344   6.811   1.00 40.18 ? 31  LYS A CG  1 
ATOM   235 C  CD  . LYS A 1 29  ? 10.098  1.722   6.462   1.00 42.28 ? 31  LYS A CD  1 
ATOM   236 C  CE  . LYS A 1 29  ? 11.198  2.778   6.517   1.00 42.39 ? 31  LYS A CE  1 
ATOM   237 N  NZ  . LYS A 1 29  ? 11.790  2.900   7.880   1.00 42.94 ? 31  LYS A NZ  1 
ATOM   238 N  N   . GLY A 1 30  ? 10.288  0.126   3.407   1.00 37.98 ? 32  GLY A N   1 
ATOM   239 C  CA  . GLY A 1 30  ? 11.365  0.251   2.442   1.00 37.75 ? 32  GLY A CA  1 
ATOM   240 C  C   . GLY A 1 30  ? 11.428  -0.917  1.484   1.00 37.43 ? 32  GLY A C   1 
ATOM   241 O  O   . GLY A 1 30  ? 10.800  -1.941  1.711   1.00 36.90 ? 32  GLY A O   1 
ATOM   242 N  N   . GLY A 1 31  ? 12.189  -0.766  0.408   1.00 37.79 ? 33  GLY A N   1 
ATOM   243 C  CA  . GLY A 1 31  ? 12.287  -1.836  -0.565  1.00 37.90 ? 33  GLY A CA  1 
ATOM   244 C  C   . GLY A 1 31  ? 13.615  -1.885  -1.288  1.00 37.68 ? 33  GLY A C   1 
ATOM   245 O  O   . GLY A 1 31  ? 14.247  -0.856  -1.539  1.00 37.32 ? 33  GLY A O   1 
ATOM   246 N  N   . SER A 1 32  ? 14.031  -3.095  -1.638  1.00 37.22 ? 34  SER A N   1 
ATOM   247 C  CA  . SER A 1 32  ? 15.298  -3.297  -2.316  1.00 36.52 ? 34  SER A CA  1 
ATOM   248 C  C   . SER A 1 32  ? 15.186  -4.349  -3.414  1.00 35.63 ? 34  SER A C   1 
ATOM   249 O  O   . SER A 1 32  ? 14.319  -5.221  -3.374  1.00 36.49 ? 34  SER A O   1 
ATOM   250 C  CB  . SER A 1 32  ? 16.351  -3.727  -1.292  1.00 37.50 ? 34  SER A CB  1 
ATOM   251 O  OG  . SER A 1 32  ? 17.638  -3.810  -1.873  1.00 39.04 ? 34  SER A OG  1 
ATOM   252 N  N   . GLY A 1 33  ? 16.071  -4.258  -4.400  1.00 34.48 ? 35  GLY A N   1 
ATOM   253 C  CA  . GLY A 1 33  ? 16.066  -5.217  -5.487  1.00 33.52 ? 35  GLY A CA  1 
ATOM   254 C  C   . GLY A 1 33  ? 14.995  -4.922  -6.508  1.00 32.68 ? 35  GLY A C   1 
ATOM   255 O  O   . GLY A 1 33  ? 14.526  -3.790  -6.612  1.00 32.52 ? 35  GLY A O   1 
ATOM   256 N  N   . THR A 1 34  ? 14.623  -5.935  -7.283  1.00 32.77 ? 36  THR A N   1 
ATOM   257 C  CA  . THR A 1 34  ? 13.577  -5.780  -8.285  1.00 33.47 ? 36  THR A CA  1 
ATOM   258 C  C   . THR A 1 34  ? 12.330  -6.504  -7.781  1.00 34.04 ? 36  THR A C   1 
ATOM   259 O  O   . THR A 1 34  ? 12.422  -7.602  -7.228  1.00 33.71 ? 36  THR A O   1 
ATOM   260 C  CB  . THR A 1 34  ? 14.003  -6.370  -9.672  1.00 33.46 ? 36  THR A CB  1 
ATOM   261 O  OG1 . THR A 1 34  ? 14.864  -5.444  -10.340 1.00 34.31 ? 36  THR A OG1 1 
ATOM   262 C  CG2 . THR A 1 34  ? 12.793  -6.615  -10.574 1.00 32.01 ? 36  THR A CG2 1 
ATOM   263 N  N   . PRO A 1 35  ? 11.151  -5.880  -7.936  1.00 34.23 ? 37  PRO A N   1 
ATOM   264 C  CA  . PRO A 1 35  ? 9.892   -6.491  -7.494  1.00 35.66 ? 37  PRO A CA  1 
ATOM   265 C  C   . PRO A 1 35  ? 9.842   -7.969  -7.919  1.00 36.42 ? 37  PRO A C   1 
ATOM   266 O  O   . PRO A 1 35  ? 10.336  -8.327  -8.993  1.00 37.70 ? 37  PRO A O   1 
ATOM   267 C  CB  . PRO A 1 35  ? 8.846   -5.634  -8.196  1.00 34.93 ? 37  PRO A CB  1 
ATOM   268 C  CG  . PRO A 1 35  ? 9.470   -4.276  -8.169  1.00 34.11 ? 37  PRO A CG  1 
ATOM   269 C  CD  . PRO A 1 35  ? 10.924  -4.537  -8.500  1.00 34.27 ? 37  PRO A CD  1 
ATOM   270 N  N   . VAL A 1 36  ? 9.245   -8.819  -7.085  1.00 36.99 ? 38  VAL A N   1 
ATOM   271 C  CA  . VAL A 1 36  ? 9.164   -10.262 -7.355  1.00 38.10 ? 38  VAL A CA  1 
ATOM   272 C  C   . VAL A 1 36  ? 8.087   -10.713 -8.344  1.00 38.10 ? 38  VAL A C   1 
ATOM   273 O  O   . VAL A 1 36  ? 8.366   -11.402 -9.328  1.00 37.09 ? 38  VAL A O   1 
ATOM   274 C  CB  . VAL A 1 36  ? 8.961   -11.032 -6.039  1.00 37.94 ? 38  VAL A CB  1 
ATOM   275 C  CG1 . VAL A 1 36  ? 8.799   -12.512 -6.315  1.00 38.73 ? 38  VAL A CG1 1 
ATOM   276 C  CG2 . VAL A 1 36  ? 10.139  -10.780 -5.126  1.00 38.55 ? 38  VAL A CG2 1 
ATOM   277 N  N   . ASP A 1 37  ? 6.849   -10.346 -8.047  1.00 38.47 ? 39  ASP A N   1 
ATOM   278 C  CA  . ASP A 1 37  ? 5.710   -10.681 -8.879  1.00 37.54 ? 39  ASP A CA  1 
ATOM   279 C  C   . ASP A 1 37  ? 4.910   -9.398  -8.992  1.00 37.85 ? 39  ASP A C   1 
ATOM   280 O  O   . ASP A 1 37  ? 5.456   -8.305  -8.797  1.00 37.35 ? 39  ASP A O   1 
ATOM   281 C  CB  . ASP A 1 37  ? 4.878   -11.764 -8.213  1.00 37.91 ? 39  ASP A CB  1 
ATOM   282 C  CG  . ASP A 1 37  ? 4.825   -11.598 -6.713  1.00 38.68 ? 39  ASP A CG  1 
ATOM   283 O  OD1 . ASP A 1 37  ? 4.531   -10.475 -6.248  1.00 40.06 ? 39  ASP A OD1 1 
ATOM   284 O  OD2 . ASP A 1 37  ? 5.081   -12.589 -5.998  1.00 39.35 ? 39  ASP A OD2 1 
ATOM   285 N  N   . ASP A 1 38  ? 3.617   -9.510  -9.264  1.00 37.07 ? 40  ASP A N   1 
ATOM   286 C  CA  . ASP A 1 38  ? 2.849   -8.302  -9.427  1.00 36.77 ? 40  ASP A CA  1 
ATOM   287 C  C   . ASP A 1 38  ? 2.280   -7.770  -8.132  1.00 35.58 ? 40  ASP A C   1 
ATOM   288 O  O   . ASP A 1 38  ? 1.882   -6.602  -8.052  1.00 36.02 ? 40  ASP A O   1 
ATOM   289 C  CB  . ASP A 1 38  ? 1.780   -8.508  -10.500 1.00 40.79 ? 40  ASP A CB  1 
ATOM   290 C  CG  . ASP A 1 38  ? 0.552   -9.178  -9.991  1.00 43.91 ? 40  ASP A CG  1 
ATOM   291 O  OD1 . ASP A 1 38  ? -0.464  -8.471  -9.818  1.00 46.39 ? 40  ASP A OD1 1 
ATOM   292 O  OD2 . ASP A 1 38  ? 0.602   -10.406 -9.773  1.00 48.12 ? 40  ASP A OD2 1 
ATOM   293 N  N   . LEU A 1 39  ? 2.257   -8.612  -7.106  1.00 33.71 ? 41  LEU A N   1 
ATOM   294 C  CA  . LEU A 1 39  ? 1.772   -8.157  -5.813  1.00 31.72 ? 41  LEU A CA  1 
ATOM   295 C  C   . LEU A 1 39  ? 2.883   -7.283  -5.240  1.00 30.04 ? 41  LEU A C   1 
ATOM   296 O  O   . LEU A 1 39  ? 2.635   -6.230  -4.650  1.00 29.47 ? 41  LEU A O   1 
ATOM   297 C  CB  . LEU A 1 39  ? 1.503   -9.335  -4.882  1.00 31.15 ? 41  LEU A CB  1 
ATOM   298 C  CG  . LEU A 1 39  ? 1.167   -8.913  -3.448  1.00 30.59 ? 41  LEU A CG  1 
ATOM   299 C  CD1 . LEU A 1 39  ? -0.076  -8.040  -3.442  1.00 29.76 ? 41  LEU A CD1 1 
ATOM   300 C  CD2 . LEU A 1 39  ? 0.977   -10.144 -2.582  1.00 30.56 ? 41  LEU A CD2 1 
ATOM   301 N  N   . ASP A 1 40  ? 4.120   -7.724  -5.428  1.00 27.69 ? 42  ASP A N   1 
ATOM   302 C  CA  . ASP A 1 40  ? 5.254   -6.963  -4.941  1.00 25.81 ? 42  ASP A CA  1 
ATOM   303 C  C   . ASP A 1 40  ? 5.315   -5.656  -5.724  1.00 25.00 ? 42  ASP A C   1 
ATOM   304 O  O   . ASP A 1 40  ? 5.759   -4.633  -5.197  1.00 23.52 ? 42  ASP A O   1 
ATOM   305 C  CB  . ASP A 1 40  ? 6.551   -7.746  -5.135  1.00 25.53 ? 42  ASP A CB  1 
ATOM   306 C  CG  . ASP A 1 40  ? 7.669   -7.264  -4.218  1.00 24.78 ? 42  ASP A CG  1 
ATOM   307 O  OD1 . ASP A 1 40  ? 8.826   -7.689  -4.419  1.00 24.57 ? 42  ASP A OD1 1 
ATOM   308 O  OD2 . ASP A 1 40  ? 7.395   -6.469  -3.292  1.00 21.98 ? 42  ASP A OD2 1 
ATOM   309 N  N   . ARG A 1 41  ? 4.862   -5.694  -6.980  1.00 25.21 ? 43  ARG A N   1 
ATOM   310 C  CA  . ARG A 1 41  ? 4.852   -4.502  -7.831  1.00 24.63 ? 43  ARG A CA  1 
ATOM   311 C  C   . ARG A 1 41  ? 3.843   -3.517  -7.257  1.00 23.64 ? 43  ARG A C   1 
ATOM   312 O  O   . ARG A 1 41  ? 3.965   -2.302  -7.424  1.00 21.83 ? 43  ARG A O   1 
ATOM   313 C  CB  . ARG A 1 41  ? 4.458   -4.846  -9.271  1.00 25.34 ? 43  ARG A CB  1 
ATOM   314 C  CG  . ARG A 1 41  ? 5.518   -5.569  -10.090 1.00 26.92 ? 43  ARG A CG  1 
ATOM   315 C  CD  . ARG A 1 41  ? 5.063   -5.693  -11.540 1.00 29.51 ? 43  ARG A CD  1 
ATOM   316 N  NE  . ARG A 1 41  ? 6.084   -6.267  -12.415 1.00 32.90 ? 43  ARG A NE  1 
ATOM   317 C  CZ  . ARG A 1 41  ? 6.063   -6.173  -13.745 1.00 34.30 ? 43  ARG A CZ  1 
ATOM   318 N  NH1 . ARG A 1 41  ? 5.076   -5.529  -14.351 1.00 35.57 ? 43  ARG A NH1 1 
ATOM   319 N  NH2 . ARG A 1 41  ? 7.026   -6.718  -14.474 1.00 34.96 ? 43  ARG A NH2 1 
ATOM   320 N  N   . CYS A 1 42  ? 2.828   -4.049  -6.592  1.00 23.63 ? 44  CYS A N   1 
ATOM   321 C  CA  . CYS A 1 42  ? 1.834   -3.185  -5.985  1.00 24.44 ? 44  CYS A CA  1 
ATOM   322 C  C   . CYS A 1 42  ? 2.534   -2.406  -4.883  1.00 24.73 ? 44  CYS A C   1 
ATOM   323 O  O   . CYS A 1 42  ? 2.337   -1.201  -4.725  1.00 25.52 ? 44  CYS A O   1 
ATOM   324 C  CB  . CYS A 1 42  ? 0.714   -4.006  -5.362  1.00 23.93 ? 44  CYS A CB  1 
ATOM   325 S  SG  . CYS A 1 42  ? -0.393  -4.872  -6.506  1.00 22.69 ? 44  CYS A SG  1 
ATOM   326 N  N   . CYS A 1 43  ? 3.363   -3.110  -4.124  1.00 23.90 ? 45  CYS A N   1 
ATOM   327 C  CA  . CYS A 1 43  ? 4.088   -2.501  -3.030  1.00 23.54 ? 45  CYS A CA  1 
ATOM   328 C  C   . CYS A 1 43  ? 5.137   -1.518  -3.511  1.00 22.61 ? 45  CYS A C   1 
ATOM   329 O  O   . CYS A 1 43  ? 5.372   -0.502  -2.868  1.00 24.55 ? 45  CYS A O   1 
ATOM   330 C  CB  . CYS A 1 43  ? 4.699   -3.594  -2.168  1.00 23.51 ? 45  CYS A CB  1 
ATOM   331 S  SG  . CYS A 1 43  ? 3.368   -4.631  -1.472  1.00 24.42 ? 45  CYS A SG  1 
ATOM   332 N  N   . TYR A 1 44  ? 5.753   -1.808  -4.651  1.00 21.73 ? 46  TYR A N   1 
ATOM   333 C  CA  . TYR A 1 44  ? 6.763   -0.916  -5.225  1.00 19.34 ? 46  TYR A CA  1 
ATOM   334 C  C   . TYR A 1 44  ? 6.134   0.443   -5.484  1.00 18.10 ? 46  TYR A C   1 
ATOM   335 O  O   . TYR A 1 44  ? 6.603   1.466   -4.997  1.00 17.43 ? 46  TYR A O   1 
ATOM   336 C  CB  . TYR A 1 44  ? 7.287   -1.467  -6.559  1.00 17.87 ? 46  TYR A CB  1 
ATOM   337 C  CG  . TYR A 1 44  ? 8.335   -0.591  -7.230  1.00 17.75 ? 46  TYR A CG  1 
ATOM   338 C  CD1 . TYR A 1 44  ? 9.674   -0.688  -6.878  1.00 16.96 ? 46  TYR A CD1 1 
ATOM   339 C  CD2 . TYR A 1 44  ? 7.980   0.351   -8.202  1.00 19.93 ? 46  TYR A CD2 1 
ATOM   340 C  CE1 . TYR A 1 44  ? 10.641  0.122   -7.466  1.00 17.78 ? 46  TYR A CE1 1 
ATOM   341 C  CE2 . TYR A 1 44  ? 8.947   1.177   -8.804  1.00 19.05 ? 46  TYR A CE2 1 
ATOM   342 C  CZ  . TYR A 1 44  ? 10.277  1.052   -8.426  1.00 18.79 ? 46  TYR A CZ  1 
ATOM   343 O  OH  . TYR A 1 44  ? 11.253  1.849   -9.000  1.00 18.21 ? 46  TYR A OH  1 
ATOM   344 N  N   . THR A 1 45  ? 5.067   0.433   -6.266  1.00 18.08 ? 47  THR A N   1 
ATOM   345 C  CA  . THR A 1 45  ? 4.361   1.647   -6.620  1.00 18.55 ? 47  THR A CA  1 
ATOM   346 C  C   . THR A 1 45  ? 3.856   2.389   -5.397  1.00 19.75 ? 47  THR A C   1 
ATOM   347 O  O   . THR A 1 45  ? 4.038   3.606   -5.287  1.00 19.33 ? 47  THR A O   1 
ATOM   348 C  CB  . THR A 1 45  ? 3.182   1.333   -7.548  1.00 18.86 ? 47  THR A CB  1 
ATOM   349 O  OG1 . THR A 1 45  ? 3.684   0.910   -8.823  1.00 19.88 ? 47  THR A OG1 1 
ATOM   350 C  CG2 . THR A 1 45  ? 2.316   2.556   -7.738  1.00 18.47 ? 47  THR A CG2 1 
ATOM   351 N  N   . HIS A 1 46  ? 3.222   1.660   -4.480  1.00 20.88 ? 48  HIS A N   1 
ATOM   352 C  CA  . HIS A 1 46  ? 2.704   2.280   -3.265  1.00 22.31 ? 48  HIS A CA  1 
ATOM   353 C  C   . HIS A 1 46  ? 3.827   3.127   -2.681  1.00 23.27 ? 48  HIS A C   1 
ATOM   354 O  O   . HIS A 1 46  ? 3.660   4.320   -2.424  1.00 23.93 ? 48  HIS A O   1 
ATOM   355 C  CB  . HIS A 1 46  ? 2.264   1.216   -2.242  1.00 21.92 ? 48  HIS A CB  1 
ATOM   356 C  CG  . HIS A 1 46  ? 1.616   1.787   -1.013  1.00 22.73 ? 48  HIS A CG  1 
ATOM   357 N  ND1 . HIS A 1 46  ? 2.157   1.659   0.247   1.00 23.84 ? 48  HIS A ND1 1 
ATOM   358 C  CD2 . HIS A 1 46  ? 0.470   2.497   -0.857  1.00 22.95 ? 48  HIS A CD2 1 
ATOM   359 C  CE1 . HIS A 1 46  ? 1.375   2.263   1.127   1.00 22.31 ? 48  HIS A CE1 1 
ATOM   360 N  NE2 . HIS A 1 46  ? 0.346   2.780   0.483   1.00 20.55 ? 48  HIS A NE2 1 
ATOM   361 N  N   . ASP A 1 47  ? 4.976   2.489   -2.490  1.00 23.37 ? 49  ASP A N   1 
ATOM   362 C  CA  . ASP A 1 47  ? 6.156   3.141   -1.958  1.00 22.28 ? 49  ASP A CA  1 
ATOM   363 C  C   . ASP A 1 47  ? 6.387   4.480   -2.644  1.00 22.15 ? 49  ASP A C   1 
ATOM   364 O  O   . ASP A 1 47  ? 6.366   5.540   -2.015  1.00 23.14 ? 49  ASP A O   1 
ATOM   365 C  CB  . ASP A 1 47  ? 7.353   2.231   -2.181  1.00 22.74 ? 49  ASP A CB  1 
ATOM   366 C  CG  . ASP A 1 47  ? 7.604   1.312   -1.018  1.00 24.38 ? 49  ASP A CG  1 
ATOM   367 O  OD1 . ASP A 1 47  ? 6.663   0.621   -0.565  1.00 24.88 ? 49  ASP A OD1 1 
ATOM   368 O  OD2 . ASP A 1 47  ? 8.764   1.284   -0.557  1.00 26.23 ? 49  ASP A OD2 1 
ATOM   369 N  N   . HIS A 1 48  ? 6.596   4.414   -3.951  1.00 21.67 ? 50  HIS A N   1 
ATOM   370 C  CA  . HIS A 1 48  ? 6.844   5.594   -4.762  1.00 20.62 ? 50  HIS A CA  1 
ATOM   371 C  C   . HIS A 1 48  ? 5.768   6.646   -4.636  1.00 18.92 ? 50  HIS A C   1 
ATOM   372 O  O   . HIS A 1 48  ? 6.053   7.837   -4.698  1.00 17.52 ? 50  HIS A O   1 
ATOM   373 C  CB  . HIS A 1 48  ? 7.013   5.175   -6.216  1.00 22.69 ? 50  HIS A CB  1 
ATOM   374 C  CG  . HIS A 1 48  ? 8.381   4.670   -6.522  1.00 23.83 ? 50  HIS A CG  1 
ATOM   375 N  ND1 . HIS A 1 48  ? 9.346   5.456   -7.113  1.00 25.04 ? 50  HIS A ND1 1 
ATOM   376 C  CD2 . HIS A 1 48  ? 8.984   3.498   -6.213  1.00 25.58 ? 50  HIS A CD2 1 
ATOM   377 C  CE1 . HIS A 1 48  ? 10.487  4.792   -7.151  1.00 26.99 ? 50  HIS A CE1 1 
ATOM   378 N  NE2 . HIS A 1 48  ? 10.296  3.601   -6.611  1.00 27.33 ? 50  HIS A NE2 1 
ATOM   379 N  N   . CYS A 1 49  ? 4.530   6.197   -4.478  1.00 18.93 ? 51  CYS A N   1 
ATOM   380 C  CA  . CYS A 1 49  ? 3.407   7.100   -4.308  1.00 19.23 ? 51  CYS A CA  1 
ATOM   381 C  C   . CYS A 1 49  ? 3.681   7.886   -3.021  1.00 20.96 ? 51  CYS A C   1 
ATOM   382 O  O   . CYS A 1 49  ? 3.555   9.106   -2.975  1.00 20.06 ? 51  CYS A O   1 
ATOM   383 C  CB  . CYS A 1 49  ? 2.126   6.289   -4.164  1.00 18.15 ? 51  CYS A CB  1 
ATOM   384 S  SG  . CYS A 1 49  ? 0.617   7.247   -4.458  1.00 19.16 ? 51  CYS A SG  1 
ATOM   385 N  N   . TYR A 1 50  ? 4.086   7.167   -1.978  1.00 23.76 ? 52  TYR A N   1 
ATOM   386 C  CA  . TYR A 1 50  ? 4.385   7.777   -0.689  1.00 25.11 ? 52  TYR A CA  1 
ATOM   387 C  C   . TYR A 1 50  ? 5.543   8.751   -0.769  1.00 26.03 ? 52  TYR A C   1 
ATOM   388 O  O   . TYR A 1 50  ? 5.547   9.763   -0.066  1.00 26.51 ? 52  TYR A O   1 
ATOM   389 C  CB  . TYR A 1 50  ? 4.670   6.695   0.362   1.00 24.53 ? 52  TYR A CB  1 
ATOM   390 C  CG  . TYR A 1 50  ? 3.433   6.242   1.128   1.00 24.74 ? 52  TYR A CG  1 
ATOM   391 C  CD1 . TYR A 1 50  ? 2.170   6.219   0.520   1.00 23.20 ? 52  TYR A CD1 1 
ATOM   392 C  CD2 . TYR A 1 50  ? 3.530   5.819   2.457   1.00 23.64 ? 52  TYR A CD2 1 
ATOM   393 C  CE1 . TYR A 1 50  ? 1.045   5.789   1.221   1.00 22.19 ? 52  TYR A CE1 1 
ATOM   394 C  CE2 . TYR A 1 50  ? 2.411   5.389   3.159   1.00 21.32 ? 52  TYR A CE2 1 
ATOM   395 C  CZ  . TYR A 1 50  ? 1.179   5.379   2.540   1.00 21.68 ? 52  TYR A CZ  1 
ATOM   396 O  OH  . TYR A 1 50  ? 0.080   4.981   3.260   1.00 21.17 ? 52  TYR A OH  1 
ATOM   397 N  N   . ASN A 1 51  ? 6.526   8.469   -1.617  1.00 27.36 ? 53  ASN A N   1 
ATOM   398 C  CA  . ASN A 1 51  ? 7.647   9.395   -1.737  1.00 28.89 ? 53  ASN A CA  1 
ATOM   399 C  C   . ASN A 1 51  ? 7.151   10.712  -2.340  1.00 29.90 ? 53  ASN A C   1 
ATOM   400 O  O   . ASN A 1 51  ? 7.480   11.794  -1.852  1.00 30.76 ? 53  ASN A O   1 
ATOM   401 C  CB  . ASN A 1 51  ? 8.772   8.809   -2.600  1.00 28.92 ? 53  ASN A CB  1 
ATOM   402 C  CG  . ASN A 1 51  ? 9.641   7.815   -1.841  1.00 28.61 ? 53  ASN A CG  1 
ATOM   403 O  OD1 . ASN A 1 51  ? 9.718   7.849   -0.609  1.00 29.51 ? 53  ASN A OD1 1 
ATOM   404 N  ND2 . ASN A 1 51  ? 10.318  6.939   -2.575  1.00 28.54 ? 53  ASN A ND2 1 
ATOM   405 N  N   . ASP A 1 52  ? 6.340   10.621  -3.387  1.00 30.13 ? 54  ASP A N   1 
ATOM   406 C  CA  . ASP A 1 52  ? 5.811   11.815  -4.036  1.00 30.19 ? 54  ASP A CA  1 
ATOM   407 C  C   . ASP A 1 52  ? 4.937   12.614  -3.073  1.00 29.97 ? 54  ASP A C   1 
ATOM   408 O  O   . ASP A 1 52  ? 5.000   13.840  -3.035  1.00 29.33 ? 54  ASP A O   1 
ATOM   409 C  CB  . ASP A 1 52  ? 5.014   11.417  -5.282  1.00 30.03 ? 54  ASP A CB  1 
ATOM   410 C  CG  . ASP A 1 52  ? 5.550   12.072  -6.545  1.00 31.29 ? 54  ASP A CG  1 
ATOM   411 O  OD1 . ASP A 1 52  ? 6.787   12.139  -6.709  1.00 29.35 ? 54  ASP A OD1 1 
ATOM   412 O  OD2 . ASP A 1 52  ? 4.734   12.514  -7.380  1.00 33.68 ? 54  ASP A OD2 1 
ATOM   413 N  N   . ALA A 1 53  ? 4.124   11.906  -2.296  1.00 30.51 ? 55  ALA A N   1 
ATOM   414 C  CA  . ALA A 1 53  ? 3.247   12.541  -1.330  1.00 29.81 ? 55  ALA A CA  1 
ATOM   415 C  C   . ALA A 1 53  ? 4.086   13.440  -0.455  1.00 30.92 ? 55  ALA A C   1 
ATOM   416 O  O   . ALA A 1 53  ? 3.713   14.580  -0.179  1.00 32.47 ? 55  ALA A O   1 
ATOM   417 C  CB  . ALA A 1 53  ? 2.569   11.507  -0.484  1.00 29.12 ? 55  ALA A CB  1 
ATOM   418 N  N   . LYS A 1 54  ? 5.233   12.936  -0.025  1.00 30.42 ? 56  LYS A N   1 
ATOM   419 C  CA  . LYS A 1 54  ? 6.089   13.731  0.832   1.00 31.97 ? 56  LYS A CA  1 
ATOM   420 C  C   . LYS A 1 54  ? 6.422   15.090  0.222   1.00 33.15 ? 56  LYS A C   1 
ATOM   421 O  O   . LYS A 1 54  ? 6.808   16.005  0.942   1.00 35.68 ? 56  LYS A O   1 
ATOM   422 C  CB  . LYS A 1 54  ? 7.364   12.958  1.184   1.00 31.23 ? 56  LYS A CB  1 
ATOM   423 C  CG  . LYS A 1 54  ? 7.111   11.731  2.080   1.00 30.48 ? 56  LYS A CG  1 
ATOM   424 C  CD  . LYS A 1 54  ? 8.401   10.970  2.338   1.00 30.86 ? 56  LYS A CD  1 
ATOM   425 C  CE  . LYS A 1 54  ? 8.216   9.730   3.207   1.00 29.85 ? 56  LYS A CE  1 
ATOM   426 N  NZ  . LYS A 1 54  ? 9.490   8.945   3.318   1.00 29.99 ? 56  LYS A NZ  1 
ATOM   427 N  N   . ASN A 1 55  ? 6.238   15.235  -1.090  1.00 33.58 ? 57  ASN A N   1 
ATOM   428 C  CA  . ASN A 1 55  ? 6.517   16.497  -1.773  1.00 33.76 ? 57  ASN A CA  1 
ATOM   429 C  C   . ASN A 1 55  ? 5.457   17.568  -1.558  1.00 34.31 ? 57  ASN A C   1 
ATOM   430 O  O   . ASN A 1 55  ? 5.481   18.632  -2.178  1.00 35.19 ? 57  ASN A O   1 
ATOM   431 C  CB  . ASN A 1 55  ? 6.692   16.260  -3.266  1.00 34.25 ? 57  ASN A CB  1 
ATOM   432 C  CG  . ASN A 1 55  ? 8.014   15.632  -3.586  1.00 35.99 ? 57  ASN A CG  1 
ATOM   433 O  OD1 . ASN A 1 55  ? 8.297   15.290  -4.735  1.00 37.65 ? 57  ASN A OD1 1 
ATOM   434 N  ND2 . ASN A 1 55  ? 8.850   15.478  -2.564  1.00 37.01 ? 57  ASN A ND2 1 
ATOM   435 N  N   . ILE A 1 56  ? 4.507   17.278  -0.689  1.00 34.07 ? 58  ILE A N   1 
ATOM   436 C  CA  . ILE A 1 56  ? 3.479   18.247  -0.393  1.00 34.58 ? 58  ILE A CA  1 
ATOM   437 C  C   . ILE A 1 56  ? 3.866   18.794  0.962   1.00 36.03 ? 58  ILE A C   1 
ATOM   438 O  O   . ILE A 1 56  ? 4.341   18.047  1.824   1.00 36.47 ? 58  ILE A O   1 
ATOM   439 C  CB  . ILE A 1 56  ? 2.090   17.589  -0.314  1.00 33.68 ? 58  ILE A CB  1 
ATOM   440 C  CG1 . ILE A 1 56  ? 1.747   16.970  -1.672  1.00 31.60 ? 58  ILE A CG1 1 
ATOM   441 C  CG2 . ILE A 1 56  ? 1.045   18.619  0.122   1.00 31.82 ? 58  ILE A CG2 1 
ATOM   442 C  CD1 . ILE A 1 56  ? 0.479   16.158  -1.679  1.00 30.27 ? 58  ILE A CD1 1 
ATOM   443 N  N   . ASP A 1 57  ? 3.686   20.098  1.142   1.00 37.59 ? 59  ASP A N   1 
ATOM   444 C  CA  . ASP A 1 57  ? 4.027   20.732  2.408   1.00 37.65 ? 59  ASP A CA  1 
ATOM   445 C  C   . ASP A 1 57  ? 3.247   20.074  3.545   1.00 37.19 ? 59  ASP A C   1 
ATOM   446 O  O   . ASP A 1 57  ? 2.054   19.785  3.399   1.00 37.08 ? 59  ASP A O   1 
ATOM   447 C  CB  . ASP A 1 57  ? 3.712   22.230  2.365   1.00 37.33 ? 59  ASP A CB  1 
ATOM   448 C  CG  . ASP A 1 57  ? 4.206   22.963  3.605   1.00 38.36 ? 59  ASP A CG  1 
ATOM   449 O  OD1 . ASP A 1 57  ? 5.436   22.960  3.841   1.00 37.81 ? 59  ASP A OD1 1 
ATOM   450 O  OD2 . ASP A 1 57  ? 3.370   23.534  4.343   1.00 36.79 ? 59  ASP A OD2 1 
ATOM   451 N  N   . GLY A 1 58  ? 3.938   19.834  4.661   1.00 36.42 ? 60  GLY A N   1 
ATOM   452 C  CA  . GLY A 1 58  ? 3.329   19.217  5.828   1.00 34.61 ? 60  GLY A CA  1 
ATOM   453 C  C   . GLY A 1 58  ? 2.582   17.959  5.460   1.00 33.68 ? 60  GLY A C   1 
ATOM   454 O  O   . GLY A 1 58  ? 1.437   17.762  5.869   1.00 34.15 ? 60  GLY A O   1 
ATOM   455 N  N   . CYS A 1 59  ? 3.228   17.102  4.677   1.00 32.54 ? 61  CYS A N   1 
ATOM   456 C  CA  . CYS A 1 59  ? 2.586   15.875  4.244   1.00 30.96 ? 61  CYS A CA  1 
ATOM   457 C  C   . CYS A 1 59  ? 3.386   14.625  4.583   1.00 30.51 ? 61  CYS A C   1 
ATOM   458 O  O   . CYS A 1 59  ? 4.440   14.365  4.008   1.00 30.73 ? 61  CYS A O   1 
ATOM   459 C  CB  . CYS A 1 59  ? 2.308   15.939  2.742   1.00 27.97 ? 61  CYS A CB  1 
ATOM   460 S  SG  . CYS A 1 59  ? 1.144   14.675  2.137   1.00 27.04 ? 61  CYS A SG  1 
ATOM   461 N  N   . ASN A 1 60  ? 2.876   13.872  5.549   1.00 30.42 ? 62  ASN A N   1 
ATOM   462 C  CA  . ASN A 1 60  ? 3.487   12.628  5.997   1.00 29.92 ? 62  ASN A CA  1 
ATOM   463 C  C   . ASN A 1 60  ? 2.434   11.586  5.725   1.00 28.53 ? 62  ASN A C   1 
ATOM   464 O  O   . ASN A 1 60  ? 1.489   11.443  6.495   1.00 28.45 ? 62  ASN A O   1 
ATOM   465 C  CB  . ASN A 1 60  ? 3.776   12.664  7.501   1.00 32.73 ? 62  ASN A CB  1 
ATOM   466 C  CG  . ASN A 1 60  ? 4.937   13.574  7.852   1.00 34.85 ? 62  ASN A CG  1 
ATOM   467 O  OD1 . ASN A 1 60  ? 6.080   13.298  7.490   1.00 38.89 ? 62  ASN A OD1 1 
ATOM   468 N  ND2 . ASN A 1 60  ? 4.651   14.665  8.555   1.00 34.43 ? 62  ASN A ND2 1 
ATOM   469 N  N   . PRO A 1 61  ? 2.581   10.845  4.622   1.00 27.53 ? 63  PRO A N   1 
ATOM   470 C  CA  . PRO A 1 61  ? 1.612   9.808   4.257   1.00 26.45 ? 63  PRO A CA  1 
ATOM   471 C  C   . PRO A 1 61  ? 1.363   8.858   5.418   1.00 25.44 ? 63  PRO A C   1 
ATOM   472 O  O   . PRO A 1 61  ? 0.221   8.517   5.737   1.00 25.00 ? 63  PRO A O   1 
ATOM   473 C  CB  . PRO A 1 61  ? 2.287   9.098   3.074   1.00 26.00 ? 63  PRO A CB  1 
ATOM   474 C  CG  . PRO A 1 61  ? 3.217   10.130  2.509   1.00 25.82 ? 63  PRO A CG  1 
ATOM   475 C  CD  . PRO A 1 61  ? 3.769   10.785  3.750   1.00 27.28 ? 63  PRO A CD  1 
ATOM   476 N  N   . VAL A 1 62  ? 2.456   8.474   6.063   1.00 24.99 ? 64  VAL A N   1 
ATOM   477 C  CA  . VAL A 1 62  ? 2.437   7.520   7.152   1.00 26.35 ? 64  VAL A CA  1 
ATOM   478 C  C   . VAL A 1 62  ? 1.601   7.904   8.360   1.00 27.08 ? 64  VAL A C   1 
ATOM   479 O  O   . VAL A 1 62  ? 1.191   7.032   9.122   1.00 27.53 ? 64  VAL A O   1 
ATOM   480 C  CB  . VAL A 1 62  ? 3.902   7.182   7.582   1.00 26.27 ? 64  VAL A CB  1 
ATOM   481 C  CG1 . VAL A 1 62  ? 4.171   7.614   9.018   1.00 25.73 ? 64  VAL A CG1 1 
ATOM   482 C  CG2 . VAL A 1 62  ? 4.161   5.691   7.388   1.00 25.26 ? 64  VAL A CG2 1 
ATOM   483 N  N   . THR A 1 63  ? 1.323   9.189   8.533   1.00 28.18 ? 65  THR A N   1 
ATOM   484 C  CA  . THR A 1 63  ? 0.545   9.616   9.692   1.00 28.36 ? 65  THR A CA  1 
ATOM   485 C  C   . THR A 1 63  ? -0.616  10.553  9.357   1.00 30.11 ? 65  THR A C   1 
ATOM   486 O  O   . THR A 1 63  ? -1.378  10.953  10.246  1.00 31.80 ? 65  THR A O   1 
ATOM   487 C  CB  . THR A 1 63  ? 1.447   10.311  10.727  1.00 27.53 ? 65  THR A CB  1 
ATOM   488 O  OG1 . THR A 1 63  ? 2.090   11.441  10.115  1.00 27.29 ? 65  THR A OG1 1 
ATOM   489 C  CG2 . THR A 1 63  ? 2.500   9.338   11.261  1.00 24.45 ? 65  THR A CG2 1 
ATOM   490 N  N   . LYS A 1 64  ? -0.748  10.900  8.081   1.00 29.71 ? 66  LYS A N   1 
ATOM   491 C  CA  . LYS A 1 64  ? -1.807  11.790  7.637   1.00 28.03 ? 66  LYS A CA  1 
ATOM   492 C  C   . LYS A 1 64  ? -3.154  11.083  7.716   1.00 27.96 ? 66  LYS A C   1 
ATOM   493 O  O   . LYS A 1 64  ? -3.297  9.933   7.303   1.00 27.60 ? 66  LYS A O   1 
ATOM   494 C  CB  . LYS A 1 64  ? -1.531  12.240  6.204   1.00 28.34 ? 66  LYS A CB  1 
ATOM   495 C  CG  . LYS A 1 64  ? -1.939  13.674  5.902   1.00 28.97 ? 66  LYS A CG  1 
ATOM   496 C  CD  . LYS A 1 64  ? -3.442  13.864  5.909   1.00 30.38 ? 66  LYS A CD  1 
ATOM   497 C  CE  . LYS A 1 64  ? -3.791  15.330  5.779   1.00 29.83 ? 66  LYS A CE  1 
ATOM   498 N  NZ  . LYS A 1 64  ? -3.317  16.078  6.966   1.00 31.15 ? 66  LYS A NZ  1 
ATOM   499 N  N   . THR A 1 65  ? -4.145  11.770  8.260   1.00 27.38 ? 67  THR A N   1 
ATOM   500 C  CA  . THR A 1 65  ? -5.462  11.183  8.378   1.00 27.57 ? 67  THR A CA  1 
ATOM   501 C  C   . THR A 1 65  ? -6.409  11.833  7.389   1.00 28.69 ? 67  THR A C   1 
ATOM   502 O  O   . THR A 1 65  ? -6.651  13.042  7.444   1.00 29.14 ? 67  THR A O   1 
ATOM   503 C  CB  . THR A 1 65  ? -6.021  11.365  9.776   1.00 26.95 ? 67  THR A CB  1 
ATOM   504 O  OG1 . THR A 1 65  ? -4.976  11.154  10.735  1.00 27.57 ? 67  THR A OG1 1 
ATOM   505 C  CG2 . THR A 1 65  ? -7.156  10.370  10.008  1.00 25.36 ? 67  THR A CG2 1 
ATOM   506 N  N   . TYR A 1 66  ? -6.941  11.016  6.486   1.00 29.74 ? 68  TYR A N   1 
ATOM   507 C  CA  . TYR A 1 66  ? -7.859  11.482  5.451   1.00 29.99 ? 68  TYR A CA  1 
ATOM   508 C  C   . TYR A 1 66  ? -9.286  10.982  5.647   1.00 30.96 ? 68  TYR A C   1 
ATOM   509 O  O   . TYR A 1 66  ? -9.559  10.204  6.549   1.00 31.33 ? 68  TYR A O   1 
ATOM   510 C  CB  . TYR A 1 66  ? -7.350  11.053  4.072   1.00 29.47 ? 68  TYR A CB  1 
ATOM   511 C  CG  . TYR A 1 66  ? -6.873  9.613   3.991   1.00 28.65 ? 68  TYR A CG  1 
ATOM   512 C  CD1 . TYR A 1 66  ? -5.547  9.279   4.265   1.00 28.39 ? 68  TYR A CD1 1 
ATOM   513 C  CD2 . TYR A 1 66  ? -7.748  8.582   3.643   1.00 28.94 ? 68  TYR A CD2 1 
ATOM   514 C  CE1 . TYR A 1 66  ? -5.104  7.953   4.198   1.00 26.73 ? 68  TYR A CE1 1 
ATOM   515 C  CE2 . TYR A 1 66  ? -7.313  7.261   3.572   1.00 28.03 ? 68  TYR A CE2 1 
ATOM   516 C  CZ  . TYR A 1 66  ? -5.992  6.955   3.854   1.00 26.28 ? 68  TYR A CZ  1 
ATOM   517 O  OH  . TYR A 1 66  ? -5.569  5.654   3.817   1.00 24.15 ? 68  TYR A OH  1 
ATOM   518 N  N   . SER A 1 67  ? -10.197 11.436  4.795   1.00 33.04 ? 69  SER A N   1 
ATOM   519 C  CA  . SER A 1 67  ? -11.595 11.022  4.881   1.00 34.61 ? 69  SER A CA  1 
ATOM   520 C  C   . SER A 1 67  ? -11.907 10.033  3.766   1.00 34.51 ? 69  SER A C   1 
ATOM   521 O  O   . SER A 1 67  ? -11.846 10.379  2.586   1.00 33.95 ? 69  SER A O   1 
ATOM   522 C  CB  . SER A 1 67  ? -12.511 12.240  4.754   1.00 36.08 ? 69  SER A CB  1 
ATOM   523 O  OG  . SER A 1 67  ? -12.153 13.241  5.694   1.00 39.93 ? 69  SER A OG  1 
ATOM   524 N  N   . TYR A 1 68  ? -12.240 8.803   4.134   1.00 33.91 ? 70  TYR A N   1 
ATOM   525 C  CA  . TYR A 1 68  ? -12.542 7.800   3.131   1.00 33.56 ? 70  TYR A CA  1 
ATOM   526 C  C   . TYR A 1 68  ? -13.756 7.012   3.566   1.00 33.94 ? 70  TYR A C   1 
ATOM   527 O  O   . TYR A 1 68  ? -14.181 7.105   4.717   1.00 34.77 ? 70  TYR A O   1 
ATOM   528 C  CB  . TYR A 1 68  ? -11.336 6.875   2.933   1.00 33.13 ? 70  TYR A CB  1 
ATOM   529 C  CG  . TYR A 1 68  ? -11.167 5.805   3.991   1.00 30.69 ? 70  TYR A CG  1 
ATOM   530 C  CD1 . TYR A 1 68  ? -11.699 4.532   3.801   1.00 29.99 ? 70  TYR A CD1 1 
ATOM   531 C  CD2 . TYR A 1 68  ? -10.468 6.057   5.168   1.00 29.24 ? 70  TYR A CD2 1 
ATOM   532 C  CE1 . TYR A 1 68  ? -11.539 3.535   4.753   1.00 28.64 ? 70  TYR A CE1 1 
ATOM   533 C  CE2 . TYR A 1 68  ? -10.304 5.065   6.131   1.00 28.83 ? 70  TYR A CE2 1 
ATOM   534 C  CZ  . TYR A 1 68  ? -10.843 3.805   5.914   1.00 29.07 ? 70  TYR A CZ  1 
ATOM   535 O  OH  . TYR A 1 68  ? -10.695 2.807   6.852   1.00 28.72 ? 70  TYR A OH  1 
ATOM   536 N  N   . THR A 1 69  ? -14.311 6.235   2.642   1.00 35.03 ? 71  THR A N   1 
ATOM   537 C  CA  . THR A 1 69  ? -15.498 5.448   2.926   1.00 35.02 ? 71  THR A CA  1 
ATOM   538 C  C   . THR A 1 69  ? -15.365 4.040   2.398   1.00 36.37 ? 71  THR A C   1 
ATOM   539 O  O   . THR A 1 69  ? -14.832 3.832   1.314   1.00 36.68 ? 71  THR A O   1 
ATOM   540 C  CB  . THR A 1 69  ? -16.739 6.092   2.283   1.00 34.72 ? 71  THR A CB  1 
ATOM   541 O  OG1 . THR A 1 69  ? -17.526 6.718   3.300   1.00 34.87 ? 71  THR A OG1 1 
ATOM   542 C  CG2 . THR A 1 69  ? -17.577 5.058   1.549   1.00 34.11 ? 71  THR A CG2 1 
ATOM   543 N  N   . CYS A 1 70  ? -15.852 3.074   3.166   1.00 38.12 ? 72  CYS A N   1 
ATOM   544 C  CA  . CYS A 1 70  ? -15.809 1.688   2.737   1.00 39.73 ? 72  CYS A CA  1 
ATOM   545 C  C   . CYS A 1 70  ? -17.167 1.012   2.751   1.00 39.65 ? 72  CYS A C   1 
ATOM   546 O  O   . CYS A 1 70  ? -17.967 1.196   3.660   1.00 39.80 ? 72  CYS A O   1 
ATOM   547 C  CB  . CYS A 1 70  ? -14.878 0.846   3.604   1.00 39.31 ? 72  CYS A CB  1 
ATOM   548 S  SG  . CYS A 1 70  ? -15.227 -0.937  3.390   1.00 38.99 ? 72  CYS A SG  1 
ATOM   549 N  N   . THR A 1 71  ? -17.401 0.209   1.725   1.00 42.17 ? 73  THR A N   1 
ATOM   550 C  CA  . THR A 1 71  ? -18.619 -0.560  1.573   1.00 42.15 ? 73  THR A CA  1 
ATOM   551 C  C   . THR A 1 71  ? -18.074 -1.797  0.889   1.00 43.58 ? 73  THR A C   1 
ATOM   552 O  O   . THR A 1 71  ? -17.961 -1.826  -0.332  1.00 42.70 ? 73  THR A O   1 
ATOM   553 C  CB  . THR A 1 71  ? -19.609 0.128   0.630   1.00 43.35 ? 73  THR A CB  1 
ATOM   554 O  OG1 . THR A 1 71  ? -19.868 1.468   1.066   1.00 40.39 ? 73  THR A OG1 1 
ATOM   555 C  CG2 . THR A 1 71  ? -20.896 -0.629  0.613   1.00 43.95 ? 73  THR A CG2 1 
ATOM   556 N  N   . GLU A 1 72  ? -17.691 -2.794  1.684   1.00 44.83 ? 74  GLU A N   1 
ATOM   557 C  CA  . GLU A 1 72  ? -17.117 -4.031  1.154   1.00 47.32 ? 74  GLU A CA  1 
ATOM   558 C  C   . GLU A 1 72  ? -17.610 -4.417  -0.236  1.00 44.65 ? 74  GLU A C   1 
ATOM   559 O  O   . GLU A 1 72  ? -18.785 -4.746  -0.413  1.00 47.33 ? 74  GLU A O   1 
ATOM   560 C  CB  . GLU A 1 72  ? -17.355 -5.174  2.129   1.00 49.60 ? 74  GLU A CB  1 
ATOM   561 C  CG  . GLU A 1 72  ? -16.149 -5.453  2.999   1.00 55.26 ? 74  GLU A CG  1 
ATOM   562 C  CD  . GLU A 1 72  ? -15.570 -6.839  2.783   1.00 57.47 ? 74  GLU A CD  1 
ATOM   563 O  OE1 . GLU A 1 72  ? -15.282 -7.210  1.629   1.00 59.14 ? 74  GLU A OE1 1 
ATOM   564 O  OE2 . GLU A 1 72  ? -15.397 -7.564  3.781   1.00 61.02 ? 74  GLU A OE2 1 
ATOM   565 N  N   . PRO A 1 73  ? -16.700 -4.410  -1.234  1.00 44.43 ? 75  PRO A N   1 
ATOM   566 C  CA  . PRO A 1 73  ? -15.268 -4.098  -1.191  1.00 42.27 ? 75  PRO A CA  1 
ATOM   567 C  C   . PRO A 1 73  ? -14.946 -2.757  -1.829  1.00 41.12 ? 75  PRO A C   1 
ATOM   568 O  O   . PRO A 1 73  ? -13.789 -2.472  -2.125  1.00 38.96 ? 75  PRO A O   1 
ATOM   569 C  CB  . PRO A 1 73  ? -14.642 -5.226  -2.018  1.00 47.19 ? 75  PRO A CB  1 
ATOM   570 C  CG  . PRO A 1 73  ? -15.914 -6.035  -2.615  1.00 45.88 ? 75  PRO A CG  1 
ATOM   571 C  CD  . PRO A 1 73  ? -16.993 -4.993  -2.541  1.00 44.23 ? 75  PRO A CD  1 
ATOM   572 N  N   . THR A 1 74  ? -15.962 -1.950  -2.083  1.00 39.21 ? 76  THR A N   1 
ATOM   573 C  CA  . THR A 1 74  ? -15.728 -0.663  -2.705  1.00 40.07 ? 76  THR A CA  1 
ATOM   574 C  C   . THR A 1 74  ? -15.283 0.377   -1.667  1.00 37.54 ? 76  THR A C   1 
ATOM   575 O  O   . THR A 1 74  ? -15.836 0.454   -0.568  1.00 38.19 ? 76  THR A O   1 
ATOM   576 C  CB  . THR A 1 74  ? -17.011 -0.176  -3.438  1.00 40.75 ? 76  THR A CB  1 
ATOM   577 O  OG1 . THR A 1 74  ? -16.695 0.952   -4.262  1.00 43.44 ? 76  THR A OG1 1 
ATOM   578 C  CG2 . THR A 1 74  ? -18.101 0.212   -2.434  1.00 41.26 ? 76  THR A CG2 1 
ATOM   579 N  N   . ILE A 1 75  ? -14.263 1.156   -2.009  1.00 36.50 ? 77  ILE A N   1 
ATOM   580 C  CA  . ILE A 1 75  ? -13.768 2.201   -1.115  1.00 36.06 ? 77  ILE A CA  1 
ATOM   581 C  C   . ILE A 1 75  ? -13.662 3.531   -1.858  1.00 36.44 ? 77  ILE A C   1 
ATOM   582 O  O   . ILE A 1 75  ? -13.290 3.566   -3.036  1.00 36.47 ? 77  ILE A O   1 
ATOM   583 C  CB  . ILE A 1 75  ? -12.392 1.843   -0.496  1.00 34.04 ? 77  ILE A CB  1 
ATOM   584 C  CG1 . ILE A 1 75  ? -11.593 0.956   -1.451  1.00 32.68 ? 77  ILE A CG1 1 
ATOM   585 C  CG2 . ILE A 1 75  ? -12.595 1.189   0.867   1.00 34.39 ? 77  ILE A CG2 1 
ATOM   586 C  CD1 . ILE A 1 75  ? -10.271 0.486   -0.890  1.00 30.81 ? 77  ILE A CD1 1 
ATOM   587 N  N   . THR A 1 76  ? -13.988 4.619   -1.158  1.00 37.07 ? 78  THR A N   1 
ATOM   588 C  CA  . THR A 1 76  ? -13.983 5.959   -1.739  1.00 37.88 ? 78  THR A CA  1 
ATOM   589 C  C   . THR A 1 76  ? -13.204 7.021   -0.956  1.00 38.82 ? 78  THR A C   1 
ATOM   590 O  O   . THR A 1 76  ? -13.181 6.992   0.278   1.00 39.95 ? 78  THR A O   1 
ATOM   591 C  CB  . THR A 1 76  ? -15.415 6.471   -1.872  1.00 37.12 ? 78  THR A CB  1 
ATOM   592 O  OG1 . THR A 1 76  ? -16.206 5.492   -2.555  1.00 36.86 ? 78  THR A OG1 1 
ATOM   593 C  CG2 . THR A 1 76  ? -15.436 7.769   -2.644  1.00 37.64 ? 78  THR A CG2 1 
ATOM   594 N  N   . CYS A 1 77  ? -12.581 7.960   -1.673  1.00 37.76 ? 79  CYS A N   1 
ATOM   595 C  CA  . CYS A 1 77  ? -11.837 9.050   -1.035  1.00 36.85 ? 79  CYS A CA  1 
ATOM   596 C  C   . CYS A 1 77  ? -12.682 10.312  -1.108  1.00 36.95 ? 79  CYS A C   1 
ATOM   597 O  O   . CYS A 1 77  ? -12.975 10.809  -2.189  1.00 36.75 ? 79  CYS A O   1 
ATOM   598 C  CB  . CYS A 1 77  ? -10.488 9.299   -1.729  1.00 34.33 ? 79  CYS A CB  1 
ATOM   599 S  SG  . CYS A 1 77  ? -9.284  7.940   -1.560  1.00 34.16 ? 79  CYS A SG  1 
ATOM   600 N  N   . ASN A 1 78  ? -13.076 10.834  0.046   1.00 38.13 ? 80  ASN A N   1 
ATOM   601 C  CA  . ASN A 1 78  ? -13.907 12.030  0.076   1.00 39.36 ? 80  ASN A CA  1 
ATOM   602 C  C   . ASN A 1 78  ? -13.135 13.346  0.222   1.00 40.60 ? 80  ASN A C   1 
ATOM   603 O  O   . ASN A 1 78  ? -13.745 14.402  0.387   1.00 41.40 ? 80  ASN A O   1 
ATOM   604 C  CB  . ASN A 1 78  ? -14.944 11.923  1.205   1.00 37.69 ? 80  ASN A CB  1 
ATOM   605 C  CG  . ASN A 1 78  ? -15.847 10.699  1.069   1.00 38.85 ? 80  ASN A CG  1 
ATOM   606 O  OD1 . ASN A 1 78  ? -16.235 10.315  -0.034  1.00 38.19 ? 80  ASN A OD1 1 
ATOM   607 N  ND2 . ASN A 1 78  ? -16.202 10.096  2.196   1.00 39.23 ? 80  ASN A ND2 1 
ATOM   608 N  N   . ASP A 1 79  ? -11.807 13.297  0.148   1.00 42.17 ? 81  ASP A N   1 
ATOM   609 C  CA  . ASP A 1 79  ? -11.006 14.515  0.308   1.00 42.57 ? 81  ASP A CA  1 
ATOM   610 C  C   . ASP A 1 79  ? -10.977 15.325  -0.964  1.00 42.89 ? 81  ASP A C   1 
ATOM   611 O  O   . ASP A 1 79  ? -10.726 14.790  -2.039  1.00 42.57 ? 81  ASP A O   1 
ATOM   612 C  CB  . ASP A 1 79  ? -9.562  14.187  0.704   1.00 43.48 ? 81  ASP A CB  1 
ATOM   613 C  CG  . ASP A 1 79  ? -9.479  13.248  1.895   1.00 44.77 ? 81  ASP A CG  1 
ATOM   614 O  OD1 . ASP A 1 79  ? -9.475  12.004  1.685   1.00 42.18 ? 81  ASP A OD1 1 
ATOM   615 O  OD2 . ASP A 1 79  ? -9.431  13.762  3.037   1.00 44.24 ? 81  ASP A OD2 1 
ATOM   616 N  N   . SER A 1 80  ? -11.226 16.622  -0.831  1.00 43.40 ? 82  SER A N   1 
ATOM   617 C  CA  . SER A 1 80  ? -11.224 17.517  -1.976  1.00 43.00 ? 82  SER A CA  1 
ATOM   618 C  C   . SER A 1 80  ? -10.313 18.711  -1.748  1.00 42.38 ? 82  SER A C   1 
ATOM   619 O  O   . SER A 1 80  ? -9.437  18.986  -2.566  1.00 42.81 ? 82  SER A O   1 
ATOM   620 C  CB  . SER A 1 80  ? -12.642 18.014  -2.271  1.00 43.74 ? 82  SER A CB  1 
ATOM   621 O  OG  . SER A 1 80  ? -13.446 16.979  -2.808  1.00 44.47 ? 82  SER A OG  1 
ATOM   622 N  N   . LYS A 1 81  ? -10.518 19.414  -0.634  1.00 41.49 ? 83  LYS A N   1 
ATOM   623 C  CA  . LYS A 1 81  ? -9.723  20.599  -0.319  1.00 40.05 ? 83  LYS A CA  1 
ATOM   624 C  C   . LYS A 1 81  ? -8.303  20.362  0.216   1.00 38.00 ? 83  LYS A C   1 
ATOM   625 O  O   . LYS A 1 81  ? -7.417  21.194  0.012   1.00 36.55 ? 83  LYS A O   1 
ATOM   626 C  CB  . LYS A 1 81  ? -10.522 21.508  0.626   1.00 40.82 ? 83  LYS A CB  1 
ATOM   627 C  CG  . LYS A 1 81  ? -11.516 22.399  -0.128  1.00 41.87 ? 83  LYS A CG  1 
ATOM   628 C  CD  . LYS A 1 81  ? -12.906 22.448  0.517   1.00 43.14 ? 83  LYS A CD  1 
ATOM   629 C  CE  . LYS A 1 81  ? -13.224 23.793  1.196   1.00 43.83 ? 83  LYS A CE  1 
ATOM   630 N  NZ  . LYS A 1 81  ? -12.515 24.012  2.497   1.00 44.40 ? 83  LYS A NZ  1 
ATOM   631 N  N   . ASP A 1 82  ? -8.080  19.229  0.880   1.00 36.83 ? 84  ASP A N   1 
ATOM   632 C  CA  . ASP A 1 82  ? -6.753  18.913  1.408   1.00 34.55 ? 84  ASP A CA  1 
ATOM   633 C  C   . ASP A 1 82  ? -5.958  18.051  0.407   1.00 34.64 ? 84  ASP A C   1 
ATOM   634 O  O   . ASP A 1 82  ? -6.160  16.838  0.309   1.00 33.82 ? 84  ASP A O   1 
ATOM   635 C  CB  . ASP A 1 82  ? -6.887  18.198  2.752   1.00 31.95 ? 84  ASP A CB  1 
ATOM   636 C  CG  . ASP A 1 82  ? -5.558  18.030  3.446   1.00 30.81 ? 84  ASP A CG  1 
ATOM   637 O  OD1 . ASP A 1 82  ? -4.804  19.018  3.533   1.00 30.56 ? 84  ASP A OD1 1 
ATOM   638 O  OD2 . ASP A 1 82  ? -5.260  16.915  3.906   1.00 30.95 ? 84  ASP A OD2 1 
ATOM   639 N  N   . LYS A 1 83  ? -5.056  18.699  -0.331  1.00 34.60 ? 85  LYS A N   1 
ATOM   640 C  CA  . LYS A 1 83  ? -4.235  18.039  -1.355  1.00 34.87 ? 85  LYS A CA  1 
ATOM   641 C  C   . LYS A 1 83  ? -3.430  16.848  -0.864  1.00 33.80 ? 85  LYS A C   1 
ATOM   642 O  O   . LYS A 1 83  ? -3.193  15.899  -1.610  1.00 34.54 ? 85  LYS A O   1 
ATOM   643 C  CB  . LYS A 1 83  ? -3.264  19.037  -2.000  1.00 35.84 ? 85  LYS A CB  1 
ATOM   644 C  CG  . LYS A 1 83  ? -3.565  19.371  -3.456  1.00 37.14 ? 85  LYS A CG  1 
ATOM   645 C  CD  . LYS A 1 83  ? -4.735  20.338  -3.584  1.00 39.04 ? 85  LYS A CD  1 
ATOM   646 C  CE  . LYS A 1 83  ? -4.362  21.734  -3.100  1.00 39.74 ? 85  LYS A CE  1 
ATOM   647 N  NZ  . LYS A 1 83  ? -5.531  22.663  -3.133  1.00 40.33 ? 85  LYS A NZ  1 
ATOM   648 N  N   . CYS A 1 84  ? -2.990  16.905  0.382   1.00 31.93 ? 86  CYS A N   1 
ATOM   649 C  CA  . CYS A 1 84  ? -2.206  15.821  0.946   1.00 30.03 ? 86  CYS A CA  1 
ATOM   650 C  C   . CYS A 1 84  ? -3.118  14.661  1.318   1.00 29.08 ? 86  CYS A C   1 
ATOM   651 O  O   . CYS A 1 84  ? -2.816  13.508  1.019   1.00 28.34 ? 86  CYS A O   1 
ATOM   652 C  CB  . CYS A 1 84  ? -1.439  16.322  2.167   1.00 28.47 ? 86  CYS A CB  1 
ATOM   653 S  SG  . CYS A 1 84  ? -0.582  15.056  3.146   1.00 27.46 ? 86  CYS A SG  1 
ATOM   654 N  N   . ALA A 1 85  ? -4.243  14.969  1.954   1.00 27.75 ? 87  ALA A N   1 
ATOM   655 C  CA  . ALA A 1 85  ? -5.191  13.937  2.345   1.00 27.71 ? 87  ALA A CA  1 
ATOM   656 C  C   . ALA A 1 85  ? -5.612  13.114  1.132   1.00 27.58 ? 87  ALA A C   1 
ATOM   657 O  O   . ALA A 1 85  ? -5.654  11.882  1.188   1.00 27.18 ? 87  ALA A O   1 
ATOM   658 C  CB  . ALA A 1 85  ? -6.412  14.566  2.984   1.00 26.19 ? 87  ALA A CB  1 
ATOM   659 N  N   . ARG A 1 86  ? -5.913  13.797  0.032   1.00 27.51 ? 88  ARG A N   1 
ATOM   660 C  CA  . ARG A 1 86  ? -6.353  13.111  -1.173  1.00 26.80 ? 88  ARG A CA  1 
ATOM   661 C  C   . ARG A 1 86  ? -5.258  12.317  -1.896  1.00 25.59 ? 88  ARG A C   1 
ATOM   662 O  O   . ARG A 1 86  ? -5.484  11.179  -2.312  1.00 25.17 ? 88  ARG A O   1 
ATOM   663 C  CB  . ARG A 1 86  ? -7.010  14.109  -2.132  1.00 26.97 ? 88  ARG A CB  1 
ATOM   664 C  CG  . ARG A 1 86  ? -7.318  13.512  -3.512  1.00 30.36 ? 88  ARG A CG  1 
ATOM   665 C  CD  . ARG A 1 86  ? -7.955  12.104  -3.415  1.00 30.66 ? 88  ARG A CD  1 
ATOM   666 N  NE  . ARG A 1 86  ? -9.385  12.141  -3.107  1.00 32.75 ? 88  ARG A NE  1 
ATOM   667 C  CZ  . ARG A 1 86  ? -10.355 12.142  -4.025  1.00 33.77 ? 88  ARG A CZ  1 
ATOM   668 N  NH1 . ARG A 1 86  ? -10.057 12.098  -5.321  1.00 34.21 ? 88  ARG A NH1 1 
ATOM   669 N  NH2 . ARG A 1 86  ? -11.630 12.211  -3.651  1.00 34.56 ? 88  ARG A NH2 1 
ATOM   670 N  N   . PHE A 1 87  ? -4.078  12.907  -2.037  1.00 25.00 ? 89  PHE A N   1 
ATOM   671 C  CA  . PHE A 1 87  ? -2.977  12.229  -2.718  1.00 25.04 ? 89  PHE A CA  1 
ATOM   672 C  C   . PHE A 1 87  ? -2.605  10.949  -1.989  1.00 25.18 ? 89  PHE A C   1 
ATOM   673 O  O   . PHE A 1 87  ? -2.273  9.944   -2.620  1.00 26.06 ? 89  PHE A O   1 
ATOM   674 C  CB  . PHE A 1 87  ? -1.740  13.132  -2.798  1.00 24.08 ? 89  PHE A CB  1 
ATOM   675 C  CG  . PHE A 1 87  ? -0.636  12.570  -3.651  1.00 22.77 ? 89  PHE A CG  1 
ATOM   676 C  CD1 . PHE A 1 87  ? -0.575  12.855  -5.011  1.00 21.24 ? 89  PHE A CD1 1 
ATOM   677 C  CD2 . PHE A 1 87  ? 0.340   11.744  -3.098  1.00 22.36 ? 89  PHE A CD2 1 
ATOM   678 C  CE1 . PHE A 1 87  ? 0.439   12.332  -5.809  1.00 19.18 ? 89  PHE A CE1 1 
ATOM   679 C  CE2 . PHE A 1 87  ? 1.360   11.215  -3.890  1.00 21.36 ? 89  PHE A CE2 1 
ATOM   680 C  CZ  . PHE A 1 87  ? 1.406   11.511  -5.247  1.00 20.63 ? 89  PHE A CZ  1 
ATOM   681 N  N   . VAL A 1 88  ? -2.663  10.994  -0.659  1.00 25.31 ? 90  VAL A N   1 
ATOM   682 C  CA  . VAL A 1 88  ? -2.336  9.842   0.185   1.00 24.72 ? 90  VAL A CA  1 
ATOM   683 C  C   . VAL A 1 88  ? -3.443  8.785   0.228   1.00 24.15 ? 90  VAL A C   1 
ATOM   684 O  O   . VAL A 1 88  ? -3.168  7.587   0.342   1.00 23.72 ? 90  VAL A O   1 
ATOM   685 C  CB  . VAL A 1 88  ? -2.014  10.303  1.628   1.00 24.90 ? 90  VAL A CB  1 
ATOM   686 C  CG1 . VAL A 1 88  ? -2.210  9.160   2.606   1.00 25.09 ? 90  VAL A CG1 1 
ATOM   687 C  CG2 . VAL A 1 88  ? -0.577  10.812  1.695   1.00 22.30 ? 90  VAL A CG2 1 
ATOM   688 N  N   . CYS A 1 89  ? -4.692  9.237   0.149   1.00 24.26 ? 91  CYS A N   1 
ATOM   689 C  CA  . CYS A 1 89  ? -5.832  8.332   0.162   1.00 24.82 ? 91  CYS A CA  1 
ATOM   690 C  C   . CYS A 1 89  ? -5.835  7.532   -1.132  1.00 23.93 ? 91  CYS A C   1 
ATOM   691 O  O   . CYS A 1 89  ? -6.059  6.323   -1.123  1.00 23.49 ? 91  CYS A O   1 
ATOM   692 C  CB  . CYS A 1 89  ? -7.145  9.112   0.283   1.00 27.71 ? 91  CYS A CB  1 
ATOM   693 S  SG  . CYS A 1 89  ? -8.624  8.039   0.365   1.00 29.35 ? 91  CYS A SG  1 
ATOM   694 N  N   . ASP A 1 90  ? -5.597  8.214   -2.247  1.00 23.44 ? 92  ASP A N   1 
ATOM   695 C  CA  . ASP A 1 90  ? -5.551  7.538   -3.534  1.00 23.30 ? 92  ASP A CA  1 
ATOM   696 C  C   . ASP A 1 90  ? -4.373  6.578   -3.538  1.00 22.41 ? 92  ASP A C   1 
ATOM   697 O  O   . ASP A 1 90  ? -4.453  5.496   -4.128  1.00 21.30 ? 92  ASP A O   1 
ATOM   698 C  CB  . ASP A 1 90  ? -5.395  8.540   -4.668  1.00 24.72 ? 92  ASP A CB  1 
ATOM   699 C  CG  . ASP A 1 90  ? -6.603  9.424   -4.823  1.00 26.80 ? 92  ASP A CG  1 
ATOM   700 O  OD1 . ASP A 1 90  ? -7.685  9.030   -4.329  1.00 25.97 ? 92  ASP A OD1 1 
ATOM   701 O  OD2 . ASP A 1 90  ? -6.469  10.502  -5.447  1.00 29.81 ? 92  ASP A OD2 1 
ATOM   702 N  N   . CYS A 1 91  ? -3.280  6.976   -2.880  1.00 20.63 ? 93  CYS A N   1 
ATOM   703 C  CA  . CYS A 1 91  ? -2.103  6.120   -2.803  1.00 19.08 ? 93  CYS A CA  1 
ATOM   704 C  C   . CYS A 1 91  ? -2.538  4.802   -2.172  1.00 19.80 ? 93  CYS A C   1 
ATOM   705 O  O   . CYS A 1 91  ? -2.344  3.724   -2.745  1.00 19.14 ? 93  CYS A O   1 
ATOM   706 C  CB  . CYS A 1 91  ? -1.010  6.736   -1.923  1.00 18.82 ? 93  CYS A CB  1 
ATOM   707 S  SG  . CYS A 1 91  ? 0.105   7.985   -2.646  1.00 15.52 ? 93  CYS A SG  1 
ATOM   708 N  N   . ASP A 1 92  ? -3.130  4.909   -0.983  1.00 19.82 ? 94  ASP A N   1 
ATOM   709 C  CA  . ASP A 1 92  ? -3.580  3.740   -0.245  1.00 20.06 ? 94  ASP A CA  1 
ATOM   710 C  C   . ASP A 1 92  ? -4.697  2.995   -0.965  1.00 20.65 ? 94  ASP A C   1 
ATOM   711 O  O   . ASP A 1 92  ? -4.717  1.759   -0.984  1.00 21.76 ? 94  ASP A O   1 
ATOM   712 C  CB  . ASP A 1 92  ? -4.063  4.130   1.160   1.00 20.94 ? 94  ASP A CB  1 
ATOM   713 C  CG  . ASP A 1 92  ? -2.955  4.695   2.034   1.00 22.15 ? 94  ASP A CG  1 
ATOM   714 O  OD1 . ASP A 1 92  ? -1.802  4.243   1.929   1.00 23.55 ? 94  ASP A OD1 1 
ATOM   715 O  OD2 . ASP A 1 92  ? -3.238  5.591   2.851   1.00 24.61 ? 94  ASP A OD2 1 
ATOM   716 N  N   . ARG A 1 93  ? -5.629  3.734   -1.558  1.00 19.49 ? 95  ARG A N   1 
ATOM   717 C  CA  . ARG A 1 93  ? -6.736  3.093   -2.250  1.00 19.32 ? 95  ARG A CA  1 
ATOM   718 C  C   . ARG A 1 93  ? -6.227  2.221   -3.381  1.00 18.50 ? 95  ARG A C   1 
ATOM   719 O  O   . ARG A 1 93  ? -6.582  1.042   -3.488  1.00 18.34 ? 95  ARG A O   1 
ATOM   720 C  CB  . ARG A 1 93  ? -7.687  4.144   -2.809  1.00 23.01 ? 95  ARG A CB  1 
ATOM   721 C  CG  . ARG A 1 93  ? -8.896  3.575   -3.524  1.00 23.59 ? 95  ARG A CG  1 
ATOM   722 C  CD  . ARG A 1 93  ? -9.600  4.684   -4.240  1.00 27.11 ? 95  ARG A CD  1 
ATOM   723 N  NE  . ARG A 1 93  ? -10.654 4.179   -5.102  1.00 33.83 ? 95  ARG A NE  1 
ATOM   724 C  CZ  . ARG A 1 93  ? -10.601 4.209   -6.431  1.00 36.77 ? 95  ARG A CZ  1 
ATOM   725 N  NH1 . ARG A 1 93  ? -9.536  4.724   -7.045  1.00 37.26 ? 95  ARG A NH1 1 
ATOM   726 N  NH2 . ARG A 1 93  ? -11.621 3.739   -7.146  1.00 38.16 ? 95  ARG A NH2 1 
ATOM   727 N  N   . THR A 1 94  ? -5.394  2.818   -4.223  1.00 17.29 ? 96  THR A N   1 
ATOM   728 C  CA  . THR A 1 94  ? -4.824  2.122   -5.363  1.00 16.62 ? 96  THR A CA  1 
ATOM   729 C  C   . THR A 1 94  ? -4.100  0.861   -4.892  1.00 16.21 ? 96  THR A C   1 
ATOM   730 O  O   . THR A 1 94  ? -4.156  -0.177  -5.541  1.00 17.30 ? 96  THR A O   1 
ATOM   731 C  CB  . THR A 1 94  ? -3.836  3.037   -6.129  1.00 17.13 ? 96  THR A CB  1 
ATOM   732 O  OG1 . THR A 1 94  ? -4.478  4.279   -6.442  1.00 18.62 ? 96  THR A OG1 1 
ATOM   733 C  CG2 . THR A 1 94  ? -3.386  2.379   -7.430  1.00 17.29 ? 96  THR A CG2 1 
ATOM   734 N  N   . ALA A 1 95  ? -3.429  0.932   -3.756  1.00 15.63 ? 97  ALA A N   1 
ATOM   735 C  CA  . ALA A 1 95  ? -2.727  -0.240  -3.275  1.00 16.25 ? 97  ALA A CA  1 
ATOM   736 C  C   . ALA A 1 95  ? -3.707  -1.379  -2.941  1.00 17.67 ? 97  ALA A C   1 
ATOM   737 O  O   . ALA A 1 95  ? -3.589  -2.480  -3.492  1.00 16.39 ? 97  ALA A O   1 
ATOM   738 C  CB  . ALA A 1 95  ? -1.888  0.127   -2.069  1.00 15.87 ? 97  ALA A CB  1 
ATOM   739 N  N   . ALA A 1 96  ? -4.674  -1.098  -2.060  1.00 19.10 ? 98  ALA A N   1 
ATOM   740 C  CA  . ALA A 1 96  ? -5.686  -2.073  -1.629  1.00 20.33 ? 98  ALA A CA  1 
ATOM   741 C  C   . ALA A 1 96  ? -6.264  -2.815  -2.821  1.00 22.06 ? 98  ALA A C   1 
ATOM   742 O  O   . ALA A 1 96  ? -6.311  -4.045  -2.863  1.00 25.25 ? 98  ALA A O   1 
ATOM   743 C  CB  . ALA A 1 96  ? -6.810  -1.367  -0.879  1.00 18.75 ? 98  ALA A CB  1 
ATOM   744 N  N   . ILE A 1 97  ? -6.726  -2.044  -3.789  1.00 21.76 ? 99  ILE A N   1 
ATOM   745 C  CA  . ILE A 1 97  ? -7.290  -2.592  -4.999  1.00 20.98 ? 99  ILE A CA  1 
ATOM   746 C  C   . ILE A 1 97  ? -6.243  -3.473  -5.690  1.00 21.50 ? 99  ILE A C   1 
ATOM   747 O  O   . ILE A 1 97  ? -6.519  -4.628  -6.031  1.00 21.70 ? 99  ILE A O   1 
ATOM   748 C  CB  . ILE A 1 97  ? -7.759  -1.425  -5.885  1.00 20.46 ? 99  ILE A CB  1 
ATOM   749 C  CG1 . ILE A 1 97  ? -9.074  -0.888  -5.306  1.00 19.31 ? 99  ILE A CG1 1 
ATOM   750 C  CG2 . ILE A 1 97  ? -7.840  -1.844  -7.344  1.00 19.32 ? 99  ILE A CG2 1 
ATOM   751 C  CD1 . ILE A 1 97  ? -9.550  0.409   -5.902  1.00 19.81 ? 99  ILE A CD1 1 
ATOM   752 N  N   . CYS A 1 98  ? -5.037  -2.934  -5.856  1.00 21.25 ? 100 CYS A N   1 
ATOM   753 C  CA  . CYS A 1 98  ? -3.936  -3.648  -6.495  1.00 21.37 ? 100 CYS A CA  1 
ATOM   754 C  C   . CYS A 1 98  ? -3.693  -4.984  -5.833  1.00 22.87 ? 100 CYS A C   1 
ATOM   755 O  O   . CYS A 1 98  ? -3.426  -5.977  -6.495  1.00 24.00 ? 100 CYS A O   1 
ATOM   756 C  CB  . CYS A 1 98  ? -2.661  -2.832  -6.397  1.00 21.67 ? 100 CYS A CB  1 
ATOM   757 S  SG  . CYS A 1 98  ? -1.295  -3.351  -7.485  1.00 23.54 ? 100 CYS A SG  1 
ATOM   758 N  N   . PHE A 1 99  ? -3.777  -4.995  -4.511  1.00 24.42 ? 101 PHE A N   1 
ATOM   759 C  CA  . PHE A 1 99  ? -3.562  -6.207  -3.737  1.00 25.40 ? 101 PHE A CA  1 
ATOM   760 C  C   . PHE A 1 99  ? -4.625  -7.250  -3.986  1.00 26.85 ? 101 PHE A C   1 
ATOM   761 O  O   . PHE A 1 99  ? -4.312  -8.411  -4.245  1.00 27.90 ? 101 PHE A O   1 
ATOM   762 C  CB  . PHE A 1 99  ? -3.535  -5.876  -2.245  1.00 24.04 ? 101 PHE A CB  1 
ATOM   763 C  CG  . PHE A 1 99  ? -2.286  -5.184  -1.808  1.00 22.72 ? 101 PHE A CG  1 
ATOM   764 C  CD1 . PHE A 1 99  ? -1.501  -4.495  -2.728  1.00 22.33 ? 101 PHE A CD1 1 
ATOM   765 C  CD2 . PHE A 1 99  ? -1.904  -5.192  -0.473  1.00 22.74 ? 101 PHE A CD2 1 
ATOM   766 C  CE1 . PHE A 1 99  ? -0.362  -3.824  -2.328  1.00 21.01 ? 101 PHE A CE1 1 
ATOM   767 C  CE2 . PHE A 1 99  ? -0.761  -4.519  -0.059  1.00 20.61 ? 101 PHE A CE2 1 
ATOM   768 C  CZ  . PHE A 1 99  ? 0.009   -3.835  -0.993  1.00 21.63 ? 101 PHE A CZ  1 
ATOM   769 N  N   . ALA A 1 100 ? -5.882  -6.829  -3.898  1.00 27.46 ? 102 ALA A N   1 
ATOM   770 C  CA  . ALA A 1 100 ? -6.999  -7.737  -4.099  1.00 28.24 ? 102 ALA A CA  1 
ATOM   771 C  C   . ALA A 1 100 ? -6.927  -8.378  -5.476  1.00 28.89 ? 102 ALA A C   1 
ATOM   772 O  O   . ALA A 1 100 ? -7.325  -9.528  -5.652  1.00 30.83 ? 102 ALA A O   1 
ATOM   773 C  CB  . ALA A 1 100 ? -8.308  -6.985  -3.935  1.00 27.48 ? 102 ALA A CB  1 
ATOM   774 N  N   . LYS A 1 101 ? -6.405  -7.639  -6.446  1.00 28.07 ? 103 LYS A N   1 
ATOM   775 C  CA  . LYS A 1 101 ? -6.300  -8.149  -7.803  1.00 28.18 ? 103 LYS A CA  1 
ATOM   776 C  C   . LYS A 1 101 ? -5.175  -9.153  -8.030  1.00 27.97 ? 103 LYS A C   1 
ATOM   777 O  O   . LYS A 1 101 ? -5.329  -10.110 -8.782  1.00 27.09 ? 103 LYS A O   1 
ATOM   778 C  CB  . LYS A 1 101 ? -6.114  -6.991  -8.786  1.00 30.37 ? 103 LYS A CB  1 
ATOM   779 C  CG  . LYS A 1 101 ? -7.379  -6.236  -9.131  1.00 32.14 ? 103 LYS A CG  1 
ATOM   780 C  CD  . LYS A 1 101 ? -7.202  -5.459  -10.425 1.00 33.79 ? 103 LYS A CD  1 
ATOM   781 C  CE  . LYS A 1 101 ? -8.535  -4.912  -10.908 1.00 36.47 ? 103 LYS A CE  1 
ATOM   782 N  NZ  . LYS A 1 101 ? -8.437  -4.193  -12.213 1.00 38.78 ? 103 LYS A NZ  1 
ATOM   783 N  N   . ALA A 1 102 ? -4.038  -8.927  -7.385  1.00 28.55 ? 104 ALA A N   1 
ATOM   784 C  CA  . ALA A 1 102 ? -2.875  -9.787  -7.571  1.00 27.57 ? 104 ALA A CA  1 
ATOM   785 C  C   . ALA A 1 102 ? -2.968  -11.128 -6.873  1.00 29.11 ? 104 ALA A C   1 
ATOM   786 O  O   . ALA A 1 102 ? -3.650  -11.268 -5.860  1.00 27.46 ? 104 ALA A O   1 
ATOM   787 C  CB  . ALA A 1 102 ? -1.608  -9.054  -7.119  1.00 26.50 ? 104 ALA A CB  1 
ATOM   788 N  N   . PRO A 1 103 ? -2.282  -12.144 -7.426  1.00 31.22 ? 105 PRO A N   1 
ATOM   789 C  CA  . PRO A 1 103 ? -2.258  -13.497 -6.873  1.00 32.41 ? 105 PRO A CA  1 
ATOM   790 C  C   . PRO A 1 103 ? -1.329  -13.484 -5.668  1.00 33.77 ? 105 PRO A C   1 
ATOM   791 O  O   . PRO A 1 103 ? -0.471  -12.603 -5.551  1.00 33.32 ? 105 PRO A O   1 
ATOM   792 C  CB  . PRO A 1 103 ? -1.671  -14.337 -8.012  1.00 32.52 ? 105 PRO A CB  1 
ATOM   793 C  CG  . PRO A 1 103 ? -1.912  -13.515 -9.239  1.00 31.77 ? 105 PRO A CG  1 
ATOM   794 C  CD  . PRO A 1 103 ? -1.638  -12.126 -8.750  1.00 31.82 ? 105 PRO A CD  1 
ATOM   795 N  N   . TYR A 1 104 ? -1.482  -14.460 -4.785  1.00 35.14 ? 106 TYR A N   1 
ATOM   796 C  CA  . TYR A 1 104 ? -0.634  -14.511 -3.613  1.00 36.91 ? 106 TYR A CA  1 
ATOM   797 C  C   . TYR A 1 104 ? 0.216   -15.772 -3.601  1.00 37.42 ? 106 TYR A C   1 
ATOM   798 O  O   . TYR A 1 104 ? -0.260  -16.871 -3.290  1.00 37.61 ? 106 TYR A O   1 
ATOM   799 C  CB  . TYR A 1 104 ? -1.475  -14.418 -2.346  1.00 38.17 ? 106 TYR A CB  1 
ATOM   800 C  CG  . TYR A 1 104 ? -0.644  -14.118 -1.129  1.00 40.21 ? 106 TYR A CG  1 
ATOM   801 C  CD1 . TYR A 1 104 ? 0.169   -15.096 -0.563  1.00 41.60 ? 106 TYR A CD1 1 
ATOM   802 C  CD2 . TYR A 1 104 ? -0.635  -12.846 -0.569  1.00 39.97 ? 106 TYR A CD2 1 
ATOM   803 C  CE1 . TYR A 1 104 ? 0.973   -14.815 0.528   1.00 42.16 ? 106 TYR A CE1 1 
ATOM   804 C  CE2 . TYR A 1 104 ? 0.162   -12.552 0.520   1.00 40.82 ? 106 TYR A CE2 1 
ATOM   805 C  CZ  . TYR A 1 104 ? 0.966   -13.540 1.063   1.00 42.08 ? 106 TYR A CZ  1 
ATOM   806 O  OH  . TYR A 1 104 ? 1.781   -13.247 2.133   1.00 44.03 ? 106 TYR A OH  1 
ATOM   807 N  N   . ASN A 1 105 ? 1.485   -15.596 -3.947  1.00 37.36 ? 107 ASN A N   1 
ATOM   808 C  CA  . ASN A 1 105 ? 2.418   -16.699 -4.001  1.00 36.61 ? 107 ASN A CA  1 
ATOM   809 C  C   . ASN A 1 105 ? 3.027   -16.860 -2.630  1.00 36.03 ? 107 ASN A C   1 
ATOM   810 O  O   . ASN A 1 105 ? 3.607   -15.929 -2.072  1.00 35.54 ? 107 ASN A O   1 
ATOM   811 C  CB  . ASN A 1 105 ? 3.457   -16.416 -5.074  1.00 36.64 ? 107 ASN A CB  1 
ATOM   812 C  CG  . ASN A 1 105 ? 2.812   -16.001 -6.392  1.00 37.23 ? 107 ASN A CG  1 
ATOM   813 O  OD1 . ASN A 1 105 ? 1.904   -16.666 -6.885  1.00 36.92 ? 107 ASN A OD1 1 
ATOM   814 N  ND2 . ASN A 1 105 ? 3.269   -14.897 -6.957  1.00 38.70 ? 107 ASN A ND2 1 
ATOM   815 N  N   . THR A 1 106 ? 2.861   -18.053 -2.079  1.00 35.72 ? 108 THR A N   1 
ATOM   816 C  CA  . THR A 1 106 ? 3.336   -18.346 -0.738  1.00 35.89 ? 108 THR A CA  1 
ATOM   817 C  C   . THR A 1 106 ? 4.839   -18.554 -0.600  1.00 34.79 ? 108 THR A C   1 
ATOM   818 O  O   . THR A 1 106 ? 5.360   -18.637 0.510   1.00 33.13 ? 108 THR A O   1 
ATOM   819 C  CB  . THR A 1 106 ? 2.594   -19.576 -0.177  1.00 36.69 ? 108 THR A CB  1 
ATOM   820 O  OG1 . THR A 1 106 ? 2.149   -19.290 1.153   1.00 37.20 ? 108 THR A OG1 1 
ATOM   821 C  CG2 . THR A 1 106 ? 3.500   -20.805 -0.151  1.00 37.17 ? 108 THR A CG2 1 
ATOM   822 N  N   . SER A 1 107 ? 5.535   -18.634 -1.726  1.00 35.38 ? 109 SER A N   1 
ATOM   823 C  CA  . SER A 1 107 ? 6.974   -18.845 -1.695  1.00 35.48 ? 109 SER A CA  1 
ATOM   824 C  C   . SER A 1 107 ? 7.711   -17.528 -1.648  1.00 35.66 ? 109 SER A C   1 
ATOM   825 O  O   . SER A 1 107 ? 8.922   -17.503 -1.454  1.00 35.38 ? 109 SER A O   1 
ATOM   826 C  CB  . SER A 1 107 ? 7.425   -19.639 -2.920  1.00 36.67 ? 109 SER A CB  1 
ATOM   827 O  OG  . SER A 1 107 ? 7.088   -18.954 -4.112  1.00 39.38 ? 109 SER A OG  1 
ATOM   828 N  N   . ASN A 1 108 ? 6.983   -16.434 -1.837  1.00 36.07 ? 110 ASN A N   1 
ATOM   829 C  CA  . ASN A 1 108 ? 7.588   -15.109 -1.800  1.00 37.38 ? 110 ASN A CA  1 
ATOM   830 C  C   . ASN A 1 108 ? 7.424   -14.477 -0.433  1.00 39.58 ? 110 ASN A C   1 
ATOM   831 O  O   . ASN A 1 108 ? 7.956   -13.404 -0.169  1.00 40.63 ? 110 ASN A O   1 
ATOM   832 C  CB  . ASN A 1 108 ? 6.936   -14.202 -2.833  1.00 36.12 ? 110 ASN A CB  1 
ATOM   833 C  CG  . ASN A 1 108 ? 7.189   -14.657 -4.229  1.00 34.09 ? 110 ASN A CG  1 
ATOM   834 O  OD1 . ASN A 1 108 ? 8.330   -14.787 -4.641  1.00 34.41 ? 110 ASN A OD1 1 
ATOM   835 N  ND2 . ASN A 1 108 ? 6.129   -14.908 -4.971  1.00 33.69 ? 110 ASN A ND2 1 
ATOM   836 N  N   . VAL A 1 109 ? 6.686   -15.154 0.433   1.00 42.22 ? 111 VAL A N   1 
ATOM   837 C  CA  . VAL A 1 109 ? 6.402   -14.657 1.768   1.00 44.46 ? 111 VAL A CA  1 
ATOM   838 C  C   . VAL A 1 109 ? 7.551   -14.042 2.549   1.00 46.73 ? 111 VAL A C   1 
ATOM   839 O  O   . VAL A 1 109 ? 7.338   -13.088 3.288   1.00 48.76 ? 111 VAL A O   1 
ATOM   840 C  CB  . VAL A 1 109 ? 5.764   -15.755 2.636   1.00 44.51 ? 111 VAL A CB  1 
ATOM   841 C  CG1 . VAL A 1 109 ? 5.566   -15.247 4.055   1.00 43.71 ? 111 VAL A CG1 1 
ATOM   842 C  CG2 . VAL A 1 109 ? 4.427   -16.177 2.033   1.00 44.53 ? 111 VAL A CG2 1 
ATOM   843 N  N   . MET A 1 110 ? 8.765   -14.555 2.402   1.00 49.03 ? 112 MET A N   1 
ATOM   844 C  CA  . MET A 1 110 ? 9.869   -13.995 3.174   1.00 52.88 ? 112 MET A CA  1 
ATOM   845 C  C   . MET A 1 110 ? 11.228  -14.113 2.484   1.00 52.99 ? 112 MET A C   1 
ATOM   846 O  O   . MET A 1 110 ? 12.200  -14.561 3.088   1.00 54.17 ? 112 MET A O   1 
ATOM   847 C  CB  . MET A 1 110 ? 9.912   -14.683 4.547   1.00 53.88 ? 112 MET A CB  1 
ATOM   848 C  CG  . MET A 1 110 ? 10.890  -14.098 5.551   1.00 57.36 ? 112 MET A CG  1 
ATOM   849 S  SD  . MET A 1 110 ? 10.045  -13.282 6.915   1.00 61.36 ? 112 MET A SD  1 
ATOM   850 C  CE  . MET A 1 110 ? 11.191  -11.910 7.286   1.00 58.48 ? 112 MET A CE  1 
ATOM   851 N  N   . ILE A 1 111 ? 11.304  -13.696 1.227   1.00 55.18 ? 113 ILE A N   1 
ATOM   852 C  CA  . ILE A 1 111 ? 12.554  -13.773 0.477   1.00 55.10 ? 113 ILE A CA  1 
ATOM   853 C  C   . ILE A 1 111 ? 13.416  -12.523 0.696   1.00 56.43 ? 113 ILE A C   1 
ATOM   854 O  O   . ILE A 1 111 ? 14.406  -12.297 -0.001  1.00 54.55 ? 113 ILE A O   1 
ATOM   855 C  CB  . ILE A 1 111 ? 12.243  -13.923 -1.004  1.00 54.14 ? 113 ILE A CB  1 
ATOM   856 C  CG1 . ILE A 1 111 ? 11.481  -12.689 -1.491  1.00 48.86 ? 113 ILE A CG1 1 
ATOM   857 C  CG2 . ILE A 1 111 ? 11.418  -15.192 -1.228  1.00 52.71 ? 113 ILE A CG2 1 
ATOM   858 C  CD1 . ILE A 1 111 ? 10.991  -12.799 -2.890  1.00 46.87 ? 113 ILE A CD1 1 
ATOM   859 N  N   . ARG A 1 112 ? 13.016  -11.719 1.679   1.00 59.64 ? 114 ARG A N   1 
ATOM   860 C  CA  . ARG A 1 112 ? 13.701  -10.477 2.042   1.00 64.09 ? 114 ARG A CA  1 
ATOM   861 C  C   . ARG A 1 112 ? 15.114  -10.734 2.546   1.00 65.37 ? 114 ARG A C   1 
ATOM   862 O  O   . ARG A 1 112 ? 15.353  -11.699 3.276   1.00 67.16 ? 114 ARG A O   1 
ATOM   863 C  CB  . ARG A 1 112 ? 12.911  -9.756  3.138   1.00 64.41 ? 114 ARG A CB  1 
ATOM   864 C  CG  . ARG A 1 112 ? 11.985  -8.667  2.646   1.00 65.63 ? 114 ARG A CG  1 
ATOM   865 C  CD  . ARG A 1 112 ? 12.619  -7.304  2.860   1.00 67.48 ? 114 ARG A CD  1 
ATOM   866 N  NE  . ARG A 1 112 ? 11.657  -6.231  2.631   1.00 67.81 ? 114 ARG A NE  1 
ATOM   867 C  CZ  . ARG A 1 112 ? 11.931  -4.933  2.731   1.00 67.84 ? 114 ARG A CZ  1 
ATOM   868 N  NH1 . ARG A 1 112 ? 13.152  -4.518  3.063   1.00 68.34 ? 114 ARG A NH1 1 
ATOM   869 N  NH2 . ARG A 1 112 ? 10.971  -4.052  2.498   1.00 67.27 ? 114 ARG A NH2 1 
ATOM   870 N  N   . SER A 1 113 ? 16.043  -9.864  2.158   1.00 68.07 ? 115 SER A N   1 
ATOM   871 C  CA  . SER A 1 113 ? 17.436  -9.977  2.576   1.00 70.05 ? 115 SER A CA  1 
ATOM   872 C  C   . SER A 1 113 ? 18.021  -11.321 2.181   1.00 70.59 ? 115 SER A C   1 
ATOM   873 O  O   . SER A 1 113 ? 19.220  -11.598 2.409   1.00 72.43 ? 115 SER A O   1 
ATOM   874 C  CB  . SER A 1 113 ? 17.539  -9.822  4.092   1.00 71.26 ? 115 SER A CB  1 
ATOM   875 O  OG  . SER A 1 113 ? 18.715  -9.124  4.475   1.00 72.99 ? 115 SER A OG  1 
ATOM   876 N  N   . THR A 1 114 ? 17.177  -12.170 1.601   1.00 69.35 ? 116 THR A N   1 
ATOM   877 C  CA  . THR A 1 114 ? 17.651  -13.485 1.217   1.00 68.52 ? 116 THR A CA  1 
ATOM   878 C  C   . THR A 1 114 ? 18.459  -13.509 -0.086  1.00 68.82 ? 116 THR A C   1 
ATOM   879 O  O   . THR A 1 114 ? 18.865  -14.588 -0.523  1.00 69.92 ? 116 THR A O   1 
ATOM   880 C  CB  . THR A 1 114 ? 16.474  -14.546 1.287   1.00 68.02 ? 116 THR A CB  1 
ATOM   881 O  OG1 . THR A 1 114 ? 16.873  -15.652 2.121   1.00 67.20 ? 116 THR A OG1 1 
ATOM   882 C  CG2 . THR A 1 114 ? 16.031  -15.035 -0.078  1.00 67.39 ? 116 THR A CG2 1 
ATOM   883 N  N   . ASN A 1 115 ? 18.751  -12.353 -0.703  1.00 67.10 ? 117 ASN A N   1 
ATOM   884 C  CA  . ASN A 1 115 ? 19.590  -12.347 -1.910  1.00 66.52 ? 117 ASN A CA  1 
ATOM   885 C  C   . ASN A 1 115 ? 18.977  -12.017 -3.266  1.00 65.48 ? 117 ASN A C   1 
ATOM   886 O  O   . ASN A 1 115 ? 19.706  -11.712 -4.217  1.00 66.04 ? 117 ASN A O   1 
ATOM   887 C  CB  . ASN A 1 115 ? 20.373  -13.651 -1.955  1.00 67.19 ? 117 ASN A CB  1 
ATOM   888 C  CG  . ASN A 1 115 ? 21.007  -13.947 -3.302  1.00 68.69 ? 117 ASN A CG  1 
ATOM   889 O  OD1 . ASN A 1 115 ? 20.318  -14.249 -4.282  1.00 69.79 ? 117 ASN A OD1 1 
ATOM   890 N  ND2 . ASN A 1 115 ? 22.328  -13.886 -3.350  1.00 68.39 ? 117 ASN A ND2 1 
ATOM   891 N  N   . SER A 1 116 ? 17.658  -12.055 -3.398  1.00 64.13 ? 118 SER A N   1 
ATOM   892 C  CA  . SER A 1 116 ? 17.120  -11.725 -4.711  1.00 62.34 ? 118 SER A CA  1 
ATOM   893 C  C   . SER A 1 116 ? 16.827  -10.228 -4.740  1.00 61.67 ? 118 SER A C   1 
ATOM   894 O  O   . SER A 1 116 ? 16.677  -9.653  -5.816  1.00 63.14 ? 118 SER A O   1 
ATOM   895 C  CB  . SER A 1 116 ? 15.845  -12.530 -5.031  1.00 63.31 ? 118 SER A CB  1 
ATOM   896 O  OG  . SER A 1 116 ? 14.704  -11.947 -4.451  1.00 63.28 ? 118 SER A OG  1 
ATOM   897 N  N   . CYS A 1 117 ? 16.741  -9.599  -3.563  1.00 59.64 ? 119 CYS A N   1 
ATOM   898 C  CA  . CYS A 1 117 ? 16.446  -8.168  -3.450  1.00 58.18 ? 119 CYS A CA  1 
ATOM   899 C  C   . CYS A 1 117 ? 17.768  -7.478  -3.149  1.00 59.11 ? 119 CYS A C   1 
ATOM   900 O  O   . CYS A 1 117 ? 17.975  -6.982  -2.038  1.00 59.51 ? 119 CYS A O   1 
ATOM   901 C  CB  . CYS A 1 117 ? 15.462  -7.891  -2.286  1.00 53.43 ? 119 CYS A CB  1 
ATOM   902 S  SG  . CYS A 1 117 ? 14.061  -9.028  -2.033  1.00 47.90 ? 119 CYS A SG  1 
ATOM   903 N  N   . GLN A 1 118 ? 18.652  -7.454  -4.142  1.00 60.74 ? 120 GLN A N   1 
ATOM   904 C  CA  . GLN A 1 118 ? 19.987  -6.855  -4.032  1.00 61.69 ? 120 GLN A CA  1 
ATOM   905 C  C   . GLN A 1 118 ? 20.021  -5.345  -3.788  1.00 62.49 ? 120 GLN A C   1 
ATOM   906 O  O   . GLN A 1 118 ? 20.185  -4.609  -4.781  1.00 64.11 ? 120 GLN A O   1 
ATOM   907 C  CB  . GLN A 1 118 ? 20.776  -7.178  -5.297  1.00 61.30 ? 120 GLN A CB  1 
ATOM   908 C  CG  . GLN A 1 118 ? 20.699  -8.630  -5.649  1.00 64.05 ? 120 GLN A CG  1 
ATOM   909 C  CD  . GLN A 1 118 ? 21.447  -8.960  -6.905  1.00 66.47 ? 120 GLN A CD  1 
ATOM   910 O  OE1 . GLN A 1 118 ? 21.196  -8.380  -7.964  1.00 68.10 ? 120 GLN A OE1 1 
ATOM   911 N  NE2 . GLN A 1 118 ? 22.367  -9.911  -6.806  1.00 68.26 ? 120 GLN A NE2 1 
ATOM   912 O  OXT . GLN A 1 118 ? 19.906  -4.911  -2.620  1.00 63.52 ? 120 GLN A OXT 1 
HETATM 913 NA NA  . NA  B 2 .   ? 8.577   -0.809  0.874   1.00 33.90 ? 121 NA  A NA  1 
HETATM 914 C  C1  . SHV C 3 .   ? 2.570   -2.732  2.127   1.00 58.78 ? 122 SHV A C1  1 
HETATM 915 O  O1  . SHV C 3 .   ? 2.964   -3.890  1.521   1.00 60.43 ? 122 SHV A O1  1 
HETATM 916 O  O2  . SHV C 3 .   ? 2.574   -1.517  1.421   1.00 60.30 ? 122 SHV A O2  1 
HETATM 917 C  C2  . SHV C 3 .   ? 2.129   -2.345  3.503   1.00 56.84 ? 122 SHV A C2  1 
HETATM 918 C  C3  . SHV C 3 .   ? 3.430   -2.305  4.276   1.00 54.72 ? 122 SHV A C3  1 
HETATM 919 C  C4  . SHV C 3 .   ? 3.123   -1.807  5.658   1.00 52.31 ? 122 SHV A C4  1 
HETATM 920 C  C5  . SHV C 3 .   ? 4.129   -1.597  6.764   1.00 49.94 ? 122 SHV A C5  1 
HETATM 921 C  C6  . SHV C 3 .   ? 5.003   -2.002  7.931   1.00 49.27 ? 122 SHV A C6  1 
HETATM 922 C  C7  . SHV C 3 .   ? 6.430   -2.085  7.433   1.00 46.72 ? 122 SHV A C7  1 
HETATM 923 O  O   . HOH D 4 .   ? 5.603   9.499   6.370   1.00 10.62 ? 123 HOH A O   1 
HETATM 924 O  O   . HOH D 4 .   ? -9.088  15.447  5.772   1.00 27.39 ? 124 HOH A O   1 
HETATM 925 O  O   . HOH D 4 .   ? 8.035   12.579  5.629   1.00 25.41 ? 125 HOH A O   1 
HETATM 926 O  O   . HOH D 4 .   ? -3.718  -16.237 -4.903  1.00 23.24 ? 126 HOH A O   1 
HETATM 927 O  O   . HOH D 4 .   ? 10.006  7.728   -9.017  1.00 23.04 ? 127 HOH A O   1 
HETATM 928 O  O   . HOH D 4 .   ? 11.769  16.286  -2.532  1.00 28.21 ? 128 HOH A O   1 
HETATM 929 O  O   . HOH D 4 .   ? 4.138   1.891   1.501   1.00 20.06 ? 129 HOH A O   1 
HETATM 930 O  O   . HOH D 4 .   ? 1.765   -11.814 -6.886  1.00 11.52 ? 130 HOH A O   1 
HETATM 931 O  O   . HOH D 4 .   ? -17.272 -8.645  -0.305  1.00 23.41 ? 131 HOH A O   1 
HETATM 932 O  O   . HOH D 4 .   ? 16.725  -2.823  -8.453  1.00 49.93 ? 132 HOH A O   1 
HETATM 933 O  O   . HOH D 4 .   ? 2.001   10.691  -9.457  1.00 80.69 ? 133 HOH A O   1 
HETATM 934 O  O   . HOH D 4 .   ? 23.606  -6.524  -6.645  1.00 33.93 ? 134 HOH A O   1 
HETATM 935 O  O   . HOH D 4 .   ? -12.360 -4.806  -4.397  1.00 42.30 ? 135 HOH A O   1 
HETATM 936 O  O   . HOH D 4 .   ? 13.487  3.307   -7.698  1.00 29.01 ? 136 HOH A O   1 
HETATM 937 O  O   . HOH D 4 .   ? -10.387 -8.992  9.506   1.00 23.09 ? 137 HOH A O   1 
HETATM 938 O  O   . HOH D 4 .   ? 2.638   21.680  -1.750  1.00 34.36 ? 138 HOH A O   1 
HETATM 939 O  O   . HOH D 4 .   ? 8.947   5.269   0.455   1.00 25.70 ? 139 HOH A O   1 
HETATM 940 O  O   . HOH D 4 .   ? -0.389  3.236   -4.669  1.00 51.62 ? 140 HOH A O   1 
HETATM 941 O  O   . HOH D 4 .   ? -4.541  -15.924 -0.065  1.00 33.55 ? 141 HOH A O   1 
HETATM 942 O  O   . HOH D 4 .   ? -3.662  14.520  9.714   1.00 14.73 ? 142 HOH A O   1 
HETATM 943 O  O   . HOH D 4 .   ? -19.473 -1.497  4.795   1.00 45.17 ? 143 HOH A O   1 
HETATM 944 O  O   . HOH D 4 .   ? -10.262 3.664   9.294   1.00 21.32 ? 144 HOH A O   1 
HETATM 945 O  O   . HOH D 4 .   ? 0.291   0.252   -5.806  1.00 23.50 ? 145 HOH A O   1 
HETATM 946 O  O   . HOH D 4 .   ? -9.090  -11.805 9.062   1.00 37.74 ? 146 HOH A O   1 
HETATM 947 O  O   . HOH D 4 .   ? -2.039  -18.379 -7.079  1.00 31.02 ? 147 HOH A O   1 
HETATM 948 O  O   . HOH D 4 .   ? -11.571 6.565   9.395   1.00 35.29 ? 148 HOH A O   1 
HETATM 949 O  O   . HOH D 4 .   ? -6.569  -5.820  -0.570  1.00 16.45 ? 149 HOH A O   1 
HETATM 950 O  O   . HOH D 4 .   ? -14.002 -2.355  -6.019  1.00 24.02 ? 150 HOH A O   1 
HETATM 951 O  O   . HOH D 4 .   ? -14.595 10.398  -4.338  1.00 34.34 ? 151 HOH A O   1 
HETATM 952 O  O   . HOH D 4 .   ? 0.646   -12.480 -11.580 1.00 52.20 ? 152 HOH A O   1 
HETATM 953 O  O   . HOH D 4 .   ? 13.027  9.194   3.519   1.00 50.00 ? 153 HOH A O   1 
HETATM 954 O  O   . HOH D 4 .   ? -12.198 -8.177  6.163   1.00 71.07 ? 154 HOH A O   1 
HETATM 955 O  O   . HOH D 4 .   ? -6.078  -18.913 0.611   1.00 28.11 ? 155 HOH A O   1 
HETATM 956 O  O   . HOH D 4 .   ? -12.141 7.537   -4.734  1.00 38.93 ? 156 HOH A O   1 
HETATM 957 O  O   . HOH D 4 .   ? -3.914  6.688   -7.784  1.00 33.32 ? 157 HOH A O   1 
HETATM 958 O  O   . HOH D 4 .   ? -9.789  -4.883  12.189  1.00 21.21 ? 158 HOH A O   1 
HETATM 959 O  O   . HOH D 4 .   ? 1.385   -19.724 -4.018  1.00 21.34 ? 159 HOH A O   1 
HETATM 960 O  O   . HOH D 4 .   ? 9.042   2.185   2.298   1.00 37.76 ? 160 HOH A O   1 
HETATM 961 O  O   . HOH D 4 .   ? -14.809 -3.499  5.353   1.00 41.55 ? 161 HOH A O   1 
HETATM 962 O  O   . HOH D 4 .   ? -9.901  17.486  2.074   1.00 35.83 ? 162 HOH A O   1 
HETATM 963 O  O   . HOH D 4 .   ? -8.741  -11.320 12.171  1.00 67.57 ? 163 HOH A O   1 
HETATM 964 O  O   . HOH D 4 .   ? 8.016   -7.440  -17.223 1.00 30.36 ? 164 HOH A O   1 
HETATM 965 O  O   . HOH D 4 .   ? 11.788  6.032   1.266   1.00 46.98 ? 165 HOH A O   1 
HETATM 966 O  O   . HOH D 4 .   ? -13.489 1.153   -5.324  1.00 51.06 ? 166 HOH A O   1 
HETATM 967 O  O   . HOH D 4 .   ? -9.926  -8.391  12.320  1.00 46.51 ? 167 HOH A O   1 
HETATM 968 O  O   . HOH D 4 .   ? -1.027  4.918   -7.142  1.00 43.55 ? 168 HOH A O   1 
HETATM 969 O  O   . HOH D 4 .   ? 12.483  1.722   -0.767  1.00 65.29 ? 169 HOH A O   1 
HETATM 970 O  O   . HOH D 4 .   ? -8.152  21.564  -2.852  1.00 42.77 ? 170 HOH A O   1 
HETATM 971 O  O   . HOH D 4 .   ? -11.511 17.354  6.768   1.00 48.90 ? 171 HOH A O   1 
HETATM 972 O  O   . HOH D 4 .   ? -16.768 11.746  -6.350  1.00 40.47 ? 172 HOH A O   1 
HETATM 973 O  O   . HOH D 4 .   ? -12.362 -11.418 8.813   1.00 46.26 ? 173 HOH A O   1 
HETATM 974 O  O   . HOH D 4 .   ? -14.600 9.368   7.411   1.00 50.62 ? 174 HOH A O   1 
HETATM 975 O  O   . HOH D 4 .   ? 13.287  2.715   -3.704  1.00 34.22 ? 175 HOH A O   1 
HETATM 976 O  O   . HOH D 4 .   ? -8.776  18.221  8.217   1.00 53.56 ? 176 HOH A O   1 
HETATM 977 O  O   . HOH D 4 .   ? -9.047  -16.385 -2.664  1.00 28.22 ? 177 HOH A O   1 
HETATM 978 O  O   . HOH D 4 .   ? 12.334  10.510  -6.446  1.00 81.83 ? 178 HOH A O   1 
HETATM 979 O  O   . HOH D 4 .   ? -5.996  -12.463 -10.123 1.00 64.04 ? 179 HOH A O   1 
HETATM 980 O  O   . HOH D 4 .   ? 8.668   -7.363  -11.626 1.00 57.32 ? 180 HOH A O   1 
HETATM 981 O  O   . HOH D 4 .   ? 18.687  -6.726  1.178   1.00 33.04 ? 181 HOH A O   1 
HETATM 982 O  O   . HOH D 4 .   ? 10.252  9.501   6.140   1.00 40.23 ? 182 HOH A O   1 
HETATM 983 O  O   . HOH D 4 .   ? 15.601  -2.406  2.522   1.00 60.04 ? 183 HOH A O   1 
# 
